data_1RDU
#
_entry.id   1RDU
#
_cell.length_a   1.000
_cell.length_b   1.000
_cell.length_c   1.000
_cell.angle_alpha   90.00
_cell.angle_beta   90.00
_cell.angle_gamma   90.00
#
_symmetry.space_group_name_H-M   'P 1'
#
_entity_poly.entity_id   1
_entity_poly.type   'polypeptide(L)'
_entity_poly.pdbx_seq_one_letter_code
;MARVAIPSVGKDLSSMVSDRFARAEYFIIYDTESGNVEVVENTIADAHGTGPKVVQSLVSKGVEYLIASNVGRNAFETLK
AAGVKVYRFEGGTVQEAIDAFSEGRLEELTTFTREG
;
_entity_poly.pdbx_strand_id   A
#
# COMPACT_ATOMS: atom_id res chain seq x y z
N MET A 1 -2.01 -17.33 1.00
CA MET A 1 -1.38 -16.44 1.99
C MET A 1 -0.46 -15.46 1.25
N ALA A 2 -0.17 -14.29 1.82
CA ALA A 2 0.56 -13.21 1.17
C ALA A 2 1.07 -12.17 2.18
N ARG A 3 1.65 -11.10 1.66
CA ARG A 3 1.96 -9.84 2.31
C ARG A 3 1.16 -8.75 1.62
N VAL A 4 0.26 -8.13 2.36
CA VAL A 4 -0.44 -6.93 1.94
C VAL A 4 0.39 -5.76 2.47
N ALA A 5 0.54 -4.67 1.71
CA ALA A 5 1.12 -3.44 2.23
C ALA A 5 -0.02 -2.45 2.47
N ILE A 6 0.15 -1.49 3.38
CA ILE A 6 -0.84 -0.45 3.66
C ILE A 6 -0.08 0.88 3.79
N PRO A 7 -0.41 1.91 2.98
CA PRO A 7 0.18 3.23 3.02
C PRO A 7 -0.28 3.94 4.28
N SER A 8 0.58 4.01 5.29
CA SER A 8 0.33 4.71 6.55
C SER A 8 1.04 6.07 6.50
N VAL A 9 0.86 6.89 7.54
CA VAL A 9 1.65 8.08 7.78
C VAL A 9 2.21 8.05 9.23
N GLY A 10 2.60 6.88 9.75
CA GLY A 10 3.22 6.72 11.06
C GLY A 10 3.49 5.25 11.39
N LYS A 11 3.95 4.95 12.61
CA LYS A 11 4.55 3.65 12.94
C LYS A 11 3.84 3.00 14.13
N ASP A 12 2.53 3.15 14.16
CA ASP A 12 1.63 2.42 15.03
C ASP A 12 0.44 1.97 14.20
N LEU A 13 -0.21 0.88 14.60
CA LEU A 13 -1.25 0.18 13.83
C LEU A 13 -2.60 0.91 13.84
N SER A 14 -2.75 1.98 14.63
CA SER A 14 -3.86 2.91 14.43
C SER A 14 -3.31 4.28 14.03
N SER A 15 -2.27 4.33 13.20
CA SER A 15 -1.94 5.58 12.53
C SER A 15 -2.89 5.74 11.34
N MET A 16 -2.97 6.91 10.71
CA MET A 16 -3.93 7.13 9.64
C MET A 16 -3.37 6.48 8.36
N VAL A 17 -4.24 5.85 7.57
CA VAL A 17 -3.91 5.39 6.23
C VAL A 17 -3.93 6.63 5.31
N SER A 18 -2.95 6.73 4.43
CA SER A 18 -2.76 7.82 3.49
C SER A 18 -3.64 7.55 2.28
N ASP A 19 -4.18 8.59 1.65
CA ASP A 19 -5.11 8.46 0.54
C ASP A 19 -4.34 8.30 -0.79
N ARG A 20 -3.21 7.58 -0.81
CA ARG A 20 -2.20 7.66 -1.86
C ARG A 20 -1.07 6.70 -1.55
N PHE A 21 -0.95 5.61 -2.30
CA PHE A 21 0.14 4.69 -2.19
C PHE A 21 1.49 5.39 -2.31
N ALA A 22 1.79 5.95 -3.48
CA ALA A 22 3.11 6.50 -3.78
C ALA A 22 3.29 7.91 -3.19
N ARG A 23 2.39 8.35 -2.30
CA ARG A 23 2.62 9.50 -1.44
C ARG A 23 2.26 9.14 0.01
N ALA A 24 2.55 7.92 0.43
CA ALA A 24 2.39 7.57 1.82
C ALA A 24 3.68 7.95 2.55
N GLU A 25 3.80 7.66 3.84
CA GLU A 25 5.09 7.81 4.53
C GLU A 25 5.65 6.56 5.20
N TYR A 26 4.83 5.52 5.36
CA TYR A 26 5.15 4.27 5.98
C TYR A 26 4.36 3.22 5.21
N PHE A 27 4.82 1.97 5.21
CA PHE A 27 4.11 0.87 4.57
C PHE A 27 4.09 -0.30 5.53
N ILE A 28 2.89 -0.66 5.96
CA ILE A 28 2.70 -1.64 7.00
C ILE A 28 2.48 -2.96 6.27
N ILE A 29 3.34 -3.95 6.45
CA ILE A 29 3.33 -5.19 5.66
C ILE A 29 2.84 -6.32 6.56
N TYR A 30 1.56 -6.64 6.45
CA TYR A 30 0.90 -7.69 7.20
C TYR A 30 1.13 -9.04 6.49
N ASP A 31 1.92 -9.91 7.12
CA ASP A 31 2.25 -11.28 6.73
C ASP A 31 1.13 -12.26 7.10
N THR A 32 0.29 -12.66 6.14
CA THR A 32 -0.89 -13.50 6.44
C THR A 32 -0.52 -14.96 6.73
N GLU A 33 0.53 -15.21 7.50
CA GLU A 33 0.95 -16.54 7.94
C GLU A 33 1.20 -16.58 9.40
N SER A 34 1.79 -15.54 9.96
CA SER A 34 1.97 -15.55 11.39
C SER A 34 1.54 -14.21 12.03
N GLY A 35 0.47 -13.59 11.51
CA GLY A 35 -0.09 -12.32 11.99
C GLY A 35 0.96 -11.26 12.29
N ASN A 36 2.09 -11.32 11.56
CA ASN A 36 3.25 -10.49 11.79
C ASN A 36 3.11 -9.24 10.93
N VAL A 37 3.67 -8.14 11.38
CA VAL A 37 3.67 -6.88 10.68
C VAL A 37 5.09 -6.31 10.67
N GLU A 38 5.41 -5.58 9.60
CA GLU A 38 6.63 -4.82 9.44
C GLU A 38 6.20 -3.40 9.14
N VAL A 39 6.80 -2.40 9.78
CA VAL A 39 6.58 -1.01 9.43
C VAL A 39 7.78 -0.58 8.60
N VAL A 40 7.56 -0.37 7.31
CA VAL A 40 8.48 0.32 6.43
C VAL A 40 8.29 1.81 6.69
N GLU A 41 9.34 2.58 6.47
CA GLU A 41 9.40 4.04 6.59
C GLU A 41 9.93 4.51 5.25
N ASN A 42 9.07 5.04 4.39
CA ASN A 42 9.36 5.30 2.98
C ASN A 42 9.00 6.75 2.76
N THR A 43 9.99 7.58 2.52
CA THR A 43 9.82 9.02 2.56
C THR A 43 9.59 9.51 1.13
N ILE A 44 8.41 9.19 0.61
CA ILE A 44 7.94 9.49 -0.74
C ILE A 44 6.79 10.50 -0.63
N ALA A 45 7.09 11.78 -0.79
CA ALA A 45 6.11 12.86 -0.72
C ALA A 45 6.34 13.82 -1.88
N ASP A 46 6.44 13.32 -3.11
CA ASP A 46 6.48 14.12 -4.33
C ASP A 46 6.10 13.25 -5.53
N ALA A 47 6.25 13.74 -6.77
CA ALA A 47 6.13 12.99 -8.00
C ALA A 47 7.37 13.21 -8.88
N HIS A 48 7.42 12.50 -10.01
CA HIS A 48 8.58 12.28 -10.87
C HIS A 48 9.71 11.53 -10.13
N GLY A 49 10.85 11.37 -10.80
CA GLY A 49 11.93 10.46 -10.40
C GLY A 49 12.12 9.38 -11.47
N THR A 50 13.08 8.49 -11.26
CA THR A 50 13.37 7.35 -12.13
C THR A 50 13.57 6.12 -11.25
N GLY A 51 12.93 5.01 -11.64
CA GLY A 51 12.84 3.78 -10.88
C GLY A 51 11.69 3.87 -9.87
N PRO A 52 11.16 2.72 -9.41
CA PRO A 52 10.09 2.70 -8.42
C PRO A 52 10.59 3.18 -7.06
N LYS A 53 11.65 2.54 -6.52
CA LYS A 53 12.15 2.65 -5.16
C LYS A 53 11.10 2.25 -4.12
N VAL A 54 9.96 2.94 -4.03
CA VAL A 54 8.86 2.59 -3.15
C VAL A 54 8.51 1.12 -3.39
N VAL A 55 8.06 0.82 -4.63
CA VAL A 55 7.71 -0.52 -5.10
C VAL A 55 8.90 -1.44 -4.94
N GLN A 56 10.10 -1.09 -5.45
CA GLN A 56 11.29 -1.96 -5.38
C GLN A 56 11.47 -2.54 -3.97
N SER A 57 11.39 -1.69 -2.93
CA SER A 57 11.57 -2.11 -1.55
C SER A 57 10.51 -3.12 -1.14
N LEU A 58 9.24 -2.72 -1.16
CA LEU A 58 8.08 -3.51 -0.74
C LEU A 58 8.04 -4.86 -1.48
N VAL A 59 8.24 -4.82 -2.79
CA VAL A 59 8.32 -5.97 -3.67
C VAL A 59 9.42 -6.91 -3.20
N SER A 60 10.59 -6.39 -2.87
CA SER A 60 11.71 -7.15 -2.34
C SER A 60 11.47 -7.62 -0.90
N LYS A 61 10.25 -7.44 -0.35
CA LYS A 61 9.80 -8.07 0.88
C LYS A 61 8.54 -8.88 0.55
N GLY A 62 8.53 -9.50 -0.63
CA GLY A 62 7.53 -10.41 -1.19
C GLY A 62 6.11 -9.86 -1.36
N VAL A 63 5.83 -8.57 -1.11
CA VAL A 63 4.49 -7.99 -1.07
C VAL A 63 3.68 -8.28 -2.35
N GLU A 64 2.66 -9.16 -2.27
CA GLU A 64 1.80 -9.50 -3.41
C GLU A 64 0.41 -8.84 -3.29
N TYR A 65 0.33 -7.64 -2.76
CA TYR A 65 -0.94 -7.00 -2.44
C TYR A 65 -0.66 -5.60 -1.92
N LEU A 66 -1.70 -4.78 -1.81
CA LEU A 66 -1.63 -3.45 -1.27
C LEU A 66 -3.06 -2.99 -1.01
N ILE A 67 -3.26 -2.10 -0.05
CA ILE A 67 -4.53 -1.48 0.30
C ILE A 67 -4.32 0.01 0.11
N ALA A 68 -4.68 0.56 -1.06
CA ALA A 68 -4.38 1.94 -1.43
C ALA A 68 -5.45 2.51 -2.36
N SER A 69 -6.23 3.42 -1.81
CA SER A 69 -7.30 4.17 -2.43
C SER A 69 -6.97 4.82 -3.78
N ASN A 70 -5.69 5.16 -4.00
CA ASN A 70 -5.19 5.96 -5.10
C ASN A 70 -3.67 5.82 -5.06
N VAL A 71 -2.96 6.45 -6.00
CA VAL A 71 -1.52 6.50 -6.02
C VAL A 71 -1.08 7.95 -6.21
N GLY A 72 0.14 8.26 -5.76
CA GLY A 72 0.84 9.50 -6.06
C GLY A 72 0.80 9.77 -7.57
N ARG A 73 1.34 8.80 -8.31
CA ARG A 73 1.75 8.71 -9.73
C ARG A 73 2.91 7.69 -9.74
N ASN A 74 3.51 7.44 -10.91
CA ASN A 74 4.66 6.57 -11.21
C ASN A 74 4.89 5.39 -10.25
N ALA A 75 3.89 4.51 -10.10
CA ALA A 75 4.06 3.27 -9.35
C ALA A 75 3.12 2.16 -9.78
N PHE A 76 1.93 2.49 -10.29
CA PHE A 76 0.86 1.52 -10.52
C PHE A 76 1.27 0.43 -11.52
N GLU A 77 2.09 0.78 -12.51
CA GLU A 77 2.57 -0.17 -13.49
C GLU A 77 3.57 -1.14 -12.88
N THR A 78 4.36 -0.66 -11.92
CA THR A 78 5.42 -1.45 -11.29
C THR A 78 4.84 -2.30 -10.15
N LEU A 79 3.63 -1.96 -9.69
CA LEU A 79 2.86 -2.76 -8.75
C LEU A 79 2.52 -4.06 -9.45
N LYS A 80 1.70 -3.99 -10.48
CA LYS A 80 1.27 -5.15 -11.24
C LYS A 80 2.40 -5.93 -11.92
N ALA A 81 3.50 -5.27 -12.25
CA ALA A 81 4.74 -5.94 -12.67
C ALA A 81 5.19 -7.01 -11.68
N ALA A 82 4.91 -6.85 -10.39
CA ALA A 82 5.16 -7.85 -9.36
C ALA A 82 3.83 -8.43 -8.83
N GLY A 83 2.85 -8.62 -9.69
CA GLY A 83 1.53 -9.17 -9.39
C GLY A 83 0.79 -8.56 -8.20
N VAL A 84 1.06 -7.29 -7.88
CA VAL A 84 0.59 -6.71 -6.63
C VAL A 84 -0.88 -6.32 -6.78
N LYS A 85 -1.74 -6.99 -6.02
CA LYS A 85 -3.17 -6.73 -6.02
C LYS A 85 -3.44 -5.49 -5.15
N VAL A 86 -3.70 -4.33 -5.77
CA VAL A 86 -3.93 -3.05 -5.12
C VAL A 86 -5.44 -2.88 -4.91
N TYR A 87 -5.89 -2.94 -3.67
CA TYR A 87 -7.24 -2.59 -3.24
C TYR A 87 -7.39 -1.09 -3.10
N ARG A 88 -8.64 -0.62 -3.07
CA ARG A 88 -9.07 0.67 -2.57
C ARG A 88 -9.14 0.55 -1.05
N PHE A 89 -8.96 1.64 -0.33
CA PHE A 89 -9.49 1.82 1.03
C PHE A 89 -10.17 3.19 1.07
N GLU A 90 -11.02 3.51 2.06
CA GLU A 90 -11.66 4.81 2.15
C GLU A 90 -11.97 5.12 3.63
N GLY A 91 -11.06 5.82 4.30
CA GLY A 91 -11.28 6.43 5.61
C GLY A 91 -11.09 5.50 6.81
N GLY A 92 -9.86 5.37 7.32
CA GLY A 92 -9.50 4.42 8.37
C GLY A 92 -8.05 4.57 8.82
N THR A 93 -7.73 4.09 10.02
CA THR A 93 -6.36 3.88 10.45
C THR A 93 -5.84 2.54 9.91
N VAL A 94 -4.54 2.25 10.08
CA VAL A 94 -3.95 1.04 9.51
C VAL A 94 -4.78 -0.22 9.73
N GLN A 95 -5.35 -0.45 10.91
CA GLN A 95 -6.19 -1.64 11.14
C GLN A 95 -7.42 -1.74 10.25
N GLU A 96 -8.04 -0.61 9.94
CA GLU A 96 -9.28 -0.53 9.17
C GLU A 96 -9.01 -1.05 7.78
N ALA A 97 -7.90 -0.62 7.15
CA ALA A 97 -7.48 -1.15 5.87
C ALA A 97 -7.45 -2.70 5.87
N ILE A 98 -7.20 -3.34 7.01
CA ILE A 98 -7.05 -4.79 7.14
C ILE A 98 -8.41 -5.35 7.41
N ASP A 99 -9.05 -4.97 8.51
CA ASP A 99 -10.37 -5.37 8.96
C ASP A 99 -11.36 -5.27 7.82
N ALA A 100 -11.25 -4.18 7.05
CA ALA A 100 -12.10 -3.95 5.90
C ALA A 100 -11.81 -4.98 4.81
N PHE A 101 -10.55 -5.10 4.38
CA PHE A 101 -10.10 -6.04 3.36
C PHE A 101 -10.42 -7.49 3.73
N SER A 102 -10.10 -7.88 4.96
CA SER A 102 -10.13 -9.24 5.45
C SER A 102 -11.56 -9.72 5.55
N GLU A 103 -12.50 -8.82 5.86
CA GLU A 103 -13.91 -9.16 5.93
C GLU A 103 -14.62 -8.53 4.71
N GLY A 104 -13.94 -8.55 3.57
CA GLY A 104 -14.46 -8.28 2.24
C GLY A 104 -15.32 -7.02 2.12
N ARG A 105 -14.89 -5.91 2.72
CA ARG A 105 -15.50 -4.59 2.54
C ARG A 105 -14.50 -3.62 1.92
N LEU A 106 -13.67 -4.06 0.97
CA LEU A 106 -12.87 -3.14 0.17
C LEU A 106 -12.99 -3.55 -1.30
N GLU A 107 -12.48 -2.71 -2.20
CA GLU A 107 -12.66 -2.87 -3.65
C GLU A 107 -11.31 -3.19 -4.26
N GLU A 108 -11.25 -3.98 -5.33
CA GLU A 108 -10.04 -4.17 -6.10
C GLU A 108 -9.91 -2.96 -7.03
N LEU A 109 -8.80 -2.21 -6.94
CA LEU A 109 -8.62 -0.94 -7.63
C LEU A 109 -7.71 -1.13 -8.84
N THR A 110 -8.19 -1.87 -9.83
CA THR A 110 -7.40 -2.37 -10.94
C THR A 110 -7.51 -1.46 -12.17
N THR A 111 -7.55 -0.15 -11.91
CA THR A 111 -7.51 1.04 -12.76
C THR A 111 -8.15 2.15 -11.92
N PHE A 112 -7.97 3.42 -12.29
CA PHE A 112 -8.61 4.58 -11.70
C PHE A 112 -8.42 5.76 -12.66
N THR A 113 -9.12 6.85 -12.40
CA THR A 113 -9.12 8.05 -13.24
C THR A 113 -8.09 9.05 -12.71
N ARG A 114 -7.66 10.04 -13.50
CA ARG A 114 -6.87 11.19 -13.04
C ARG A 114 -6.91 12.26 -14.11
N GLU A 115 -7.64 13.34 -13.86
CA GLU A 115 -7.74 14.46 -14.78
C GLU A 115 -6.57 15.45 -14.62
N GLY A 116 -5.36 14.94 -14.39
CA GLY A 116 -4.15 15.71 -14.17
C GLY A 116 -3.08 15.22 -15.12
N MET A 1 -3.66 -15.75 0.37
CA MET A 1 -2.24 -15.75 0.80
C MET A 1 -1.45 -14.76 -0.07
N ALA A 2 -1.00 -13.68 0.55
CA ALA A 2 0.05 -12.76 0.12
C ALA A 2 0.17 -11.67 1.17
N ARG A 3 1.32 -11.01 1.19
CA ARG A 3 1.53 -9.88 2.09
C ARG A 3 0.86 -8.68 1.47
N VAL A 4 0.23 -7.89 2.31
CA VAL A 4 -0.51 -6.69 1.96
C VAL A 4 0.36 -5.54 2.45
N ALA A 5 0.56 -4.48 1.66
CA ALA A 5 1.17 -3.26 2.15
C ALA A 5 0.06 -2.24 2.39
N ILE A 6 0.19 -1.38 3.39
CA ILE A 6 -0.79 -0.34 3.71
C ILE A 6 -0.01 0.98 3.86
N PRO A 7 -0.37 2.02 3.09
CA PRO A 7 0.30 3.30 3.01
C PRO A 7 -0.14 4.17 4.19
N SER A 8 0.55 4.06 5.31
CA SER A 8 0.26 4.80 6.52
C SER A 8 0.92 6.19 6.47
N VAL A 9 0.54 7.04 7.42
CA VAL A 9 1.26 8.26 7.78
C VAL A 9 1.70 8.22 9.25
N GLY A 10 2.12 7.04 9.71
CA GLY A 10 2.87 6.87 10.94
C GLY A 10 3.22 5.41 11.17
N LYS A 11 4.06 5.18 12.17
CA LYS A 11 4.65 3.89 12.50
C LYS A 11 3.81 3.19 13.56
N ASP A 12 2.49 3.16 13.36
CA ASP A 12 1.54 2.52 14.26
C ASP A 12 0.50 1.81 13.42
N LEU A 13 -0.09 0.76 14.00
CA LEU A 13 -1.19 0.01 13.46
C LEU A 13 -2.48 0.81 13.63
N SER A 14 -2.49 1.82 14.48
CA SER A 14 -3.53 2.82 14.50
C SER A 14 -2.99 4.20 14.14
N SER A 15 -2.08 4.28 13.17
CA SER A 15 -1.84 5.53 12.48
C SER A 15 -2.81 5.62 11.30
N MET A 16 -2.94 6.81 10.72
CA MET A 16 -3.92 7.09 9.67
C MET A 16 -3.43 6.53 8.34
N VAL A 17 -4.37 6.08 7.50
CA VAL A 17 -4.04 5.59 6.16
C VAL A 17 -4.16 6.73 5.15
N SER A 18 -3.31 6.67 4.13
CA SER A 18 -3.00 7.73 3.20
C SER A 18 -3.67 7.40 1.88
N ASP A 19 -4.36 8.37 1.28
CA ASP A 19 -5.19 8.14 0.09
C ASP A 19 -4.28 8.08 -1.17
N ARG A 20 -3.09 7.49 -1.09
CA ARG A 20 -1.99 7.71 -2.03
C ARG A 20 -0.88 6.74 -1.72
N PHE A 21 -0.86 5.59 -2.40
CA PHE A 21 0.20 4.62 -2.23
C PHE A 21 1.59 5.25 -2.35
N ALA A 22 1.90 5.83 -3.52
CA ALA A 22 3.23 6.27 -3.87
C ALA A 22 3.68 7.54 -3.13
N ARG A 23 2.81 8.10 -2.26
CA ARG A 23 3.06 9.19 -1.36
C ARG A 23 2.47 8.78 0.00
N ALA A 24 2.95 7.67 0.56
CA ALA A 24 2.72 7.43 1.96
C ALA A 24 4.01 7.77 2.70
N GLU A 25 4.05 7.63 4.02
CA GLU A 25 5.24 7.93 4.79
C GLU A 25 5.76 6.72 5.55
N TYR A 26 4.91 5.72 5.76
CA TYR A 26 5.22 4.47 6.41
C TYR A 26 4.43 3.40 5.65
N PHE A 27 5.00 2.22 5.50
CA PHE A 27 4.43 1.12 4.77
C PHE A 27 4.41 -0.08 5.70
N ILE A 28 3.25 -0.34 6.26
CA ILE A 28 2.97 -1.45 7.15
C ILE A 28 2.73 -2.62 6.23
N ILE A 29 3.53 -3.67 6.40
CA ILE A 29 3.39 -4.90 5.65
C ILE A 29 2.87 -5.92 6.63
N TYR A 30 1.68 -6.43 6.37
CA TYR A 30 1.03 -7.48 7.15
C TYR A 30 1.14 -8.80 6.39
N ASP A 31 1.56 -9.84 7.09
CA ASP A 31 1.62 -11.23 6.61
C ASP A 31 0.27 -11.92 6.75
N THR A 32 -0.31 -12.43 5.65
CA THR A 32 -1.42 -13.38 5.79
C THR A 32 -0.86 -14.80 5.91
N GLU A 33 0.20 -14.92 6.70
CA GLU A 33 0.86 -16.12 7.11
C GLU A 33 0.96 -15.96 8.60
N SER A 34 2.10 -15.49 9.12
CA SER A 34 2.34 -15.70 10.54
C SER A 34 1.92 -14.47 11.35
N GLY A 35 0.81 -13.83 10.95
CA GLY A 35 0.23 -12.59 11.47
C GLY A 35 1.18 -11.39 11.60
N ASN A 36 2.45 -11.54 11.18
CA ASN A 36 3.54 -10.64 11.49
C ASN A 36 3.38 -9.34 10.71
N VAL A 37 3.68 -8.23 11.36
CA VAL A 37 3.69 -6.92 10.75
C VAL A 37 5.08 -6.31 10.84
N GLU A 38 5.38 -5.41 9.91
CA GLU A 38 6.64 -4.73 9.76
C GLU A 38 6.36 -3.30 9.37
N VAL A 39 6.94 -2.33 10.06
CA VAL A 39 6.94 -0.94 9.63
C VAL A 39 8.16 -0.71 8.74
N VAL A 40 7.94 -0.34 7.48
CA VAL A 40 8.86 0.45 6.69
C VAL A 40 8.53 1.91 6.96
N GLU A 41 9.55 2.76 7.05
CA GLU A 41 9.49 4.20 6.87
C GLU A 41 9.88 4.48 5.42
N ASN A 42 9.27 5.44 4.75
CA ASN A 42 9.59 5.72 3.36
C ASN A 42 9.32 7.18 3.04
N THR A 43 10.38 7.92 2.75
CA THR A 43 10.41 9.36 2.92
C THR A 43 10.21 10.05 1.57
N ILE A 44 9.16 9.70 0.84
CA ILE A 44 8.92 10.17 -0.53
C ILE A 44 8.34 11.59 -0.51
N ALA A 45 9.16 12.54 -0.89
CA ALA A 45 8.82 13.93 -1.20
C ALA A 45 9.77 14.41 -2.28
N ASP A 46 9.73 13.74 -3.43
CA ASP A 46 10.50 14.04 -4.64
C ASP A 46 9.63 13.63 -5.82
N ALA A 47 9.79 14.27 -6.98
CA ALA A 47 8.95 14.08 -8.15
C ALA A 47 9.77 14.13 -9.44
N HIS A 48 10.96 13.54 -9.42
CA HIS A 48 11.91 13.54 -10.53
C HIS A 48 11.62 12.52 -11.62
N GLY A 49 10.62 11.65 -11.45
CA GLY A 49 10.27 10.62 -12.41
C GLY A 49 11.25 9.43 -12.40
N THR A 50 12.08 9.29 -11.37
CA THR A 50 13.19 8.34 -11.34
C THR A 50 12.80 7.12 -10.50
N GLY A 51 12.45 5.99 -11.14
CA GLY A 51 12.37 4.65 -10.53
C GLY A 51 11.23 4.48 -9.51
N PRO A 52 10.96 3.24 -9.03
CA PRO A 52 9.97 3.03 -7.99
C PRO A 52 10.54 3.35 -6.62
N LYS A 53 11.62 2.66 -6.21
CA LYS A 53 12.13 2.63 -4.83
C LYS A 53 11.11 2.01 -3.88
N VAL A 54 9.93 2.62 -3.70
CA VAL A 54 8.91 2.20 -2.76
C VAL A 54 8.52 0.77 -3.12
N VAL A 55 7.93 0.62 -4.31
CA VAL A 55 7.54 -0.64 -4.93
C VAL A 55 8.71 -1.60 -4.86
N GLN A 56 9.88 -1.21 -5.34
CA GLN A 56 11.09 -2.03 -5.33
C GLN A 56 11.28 -2.73 -3.96
N SER A 57 11.27 -1.96 -2.88
CA SER A 57 11.48 -2.42 -1.51
C SER A 57 10.31 -3.27 -1.00
N LEU A 58 9.06 -2.81 -1.19
CA LEU A 58 7.90 -3.54 -0.66
C LEU A 58 7.76 -4.89 -1.36
N VAL A 59 7.99 -4.93 -2.68
CA VAL A 59 8.07 -6.13 -3.50
C VAL A 59 9.17 -7.06 -2.95
N SER A 60 10.32 -6.51 -2.56
CA SER A 60 11.39 -7.30 -1.94
C SER A 60 10.89 -8.06 -0.69
N LYS A 61 9.88 -7.54 0.03
CA LYS A 61 9.36 -8.15 1.25
C LYS A 61 8.04 -8.88 0.91
N GLY A 62 7.98 -9.52 -0.25
CA GLY A 62 6.93 -10.45 -0.68
C GLY A 62 5.52 -9.90 -0.69
N VAL A 63 5.34 -8.58 -0.68
CA VAL A 63 4.05 -7.94 -0.81
C VAL A 63 3.55 -8.22 -2.23
N GLU A 64 2.46 -8.98 -2.40
CA GLU A 64 1.77 -9.04 -3.68
C GLU A 64 0.30 -8.67 -3.56
N TYR A 65 -0.05 -7.73 -2.69
CA TYR A 65 -1.38 -7.23 -2.39
C TYR A 65 -1.10 -5.86 -1.77
N LEU A 66 -2.08 -4.97 -1.68
CA LEU A 66 -1.90 -3.61 -1.19
C LEU A 66 -3.28 -3.04 -0.93
N ILE A 67 -3.39 -2.12 0.02
CA ILE A 67 -4.63 -1.43 0.38
C ILE A 67 -4.37 0.06 0.20
N ALA A 68 -4.79 0.66 -0.91
CA ALA A 68 -4.52 2.04 -1.26
C ALA A 68 -5.63 2.56 -2.18
N SER A 69 -6.43 3.52 -1.68
CA SER A 69 -7.56 4.10 -2.41
C SER A 69 -7.19 4.61 -3.81
N ASN A 70 -5.95 5.05 -3.98
CA ASN A 70 -5.39 5.58 -5.21
C ASN A 70 -3.88 5.50 -5.07
N VAL A 71 -3.17 5.73 -6.17
CA VAL A 71 -1.73 5.84 -6.22
C VAL A 71 -1.39 7.33 -6.18
N GLY A 72 -0.20 7.68 -5.68
CA GLY A 72 0.22 9.08 -5.61
C GLY A 72 0.58 9.59 -7.01
N ARG A 73 1.23 8.71 -7.79
CA ARG A 73 1.65 8.84 -9.18
C ARG A 73 2.39 7.53 -9.53
N ASN A 74 3.19 7.56 -10.60
CA ASN A 74 4.01 6.50 -11.17
C ASN A 74 4.48 5.48 -10.13
N ALA A 75 3.80 4.34 -10.05
CA ALA A 75 4.07 3.21 -9.17
C ALA A 75 3.12 2.06 -9.47
N PHE A 76 1.86 2.35 -9.82
CA PHE A 76 0.82 1.35 -10.12
C PHE A 76 1.24 0.45 -11.26
N GLU A 77 1.90 0.98 -12.28
CA GLU A 77 2.42 0.19 -13.39
C GLU A 77 3.58 -0.71 -12.93
N THR A 78 4.30 -0.35 -11.87
CA THR A 78 5.29 -1.21 -11.23
C THR A 78 4.65 -2.17 -10.20
N LEU A 79 3.43 -1.92 -9.74
CA LEU A 79 2.70 -2.80 -8.82
C LEU A 79 2.36 -4.09 -9.56
N LYS A 80 1.58 -3.97 -10.62
CA LYS A 80 1.29 -5.05 -11.54
C LYS A 80 2.52 -5.68 -12.16
N ALA A 81 3.60 -4.93 -12.39
CA ALA A 81 4.84 -5.53 -12.87
C ALA A 81 5.27 -6.67 -11.95
N ALA A 82 5.17 -6.53 -10.61
CA ALA A 82 5.47 -7.60 -9.67
C ALA A 82 4.21 -8.35 -9.22
N GLY A 83 3.24 -8.53 -10.13
CA GLY A 83 1.96 -9.18 -9.87
C GLY A 83 1.22 -8.76 -8.60
N VAL A 84 1.42 -7.52 -8.13
CA VAL A 84 0.92 -7.08 -6.83
C VAL A 84 -0.52 -6.60 -7.01
N LYS A 85 -1.46 -7.18 -6.26
CA LYS A 85 -2.85 -6.75 -6.28
C LYS A 85 -2.99 -5.48 -5.45
N VAL A 86 -4.05 -4.70 -5.66
CA VAL A 86 -4.36 -3.47 -4.93
C VAL A 86 -5.84 -3.50 -4.58
N TYR A 87 -6.18 -2.90 -3.45
CA TYR A 87 -7.52 -2.64 -2.97
C TYR A 87 -7.73 -1.14 -2.83
N ARG A 88 -8.99 -0.73 -2.91
CA ARG A 88 -9.48 0.58 -2.49
C ARG A 88 -9.59 0.49 -0.98
N PHE A 89 -9.34 1.59 -0.28
CA PHE A 89 -9.88 1.87 1.05
C PHE A 89 -10.64 3.18 0.94
N GLU A 90 -11.45 3.57 1.92
CA GLU A 90 -12.11 4.87 1.87
C GLU A 90 -12.44 5.33 3.29
N GLY A 91 -11.41 5.47 4.11
CA GLY A 91 -11.47 6.11 5.42
C GLY A 91 -11.10 5.15 6.54
N GLY A 92 -10.06 5.45 7.33
CA GLY A 92 -9.59 4.55 8.37
C GLY A 92 -8.14 4.76 8.79
N THR A 93 -7.76 4.14 9.91
CA THR A 93 -6.38 3.90 10.28
C THR A 93 -5.88 2.58 9.68
N VAL A 94 -4.58 2.29 9.87
CA VAL A 94 -3.96 1.07 9.36
C VAL A 94 -4.79 -0.16 9.73
N GLN A 95 -5.40 -0.25 10.92
CA GLN A 95 -6.22 -1.40 11.27
C GLN A 95 -7.49 -1.55 10.43
N GLU A 96 -8.09 -0.44 10.01
CA GLU A 96 -9.32 -0.39 9.24
C GLU A 96 -9.02 -0.89 7.86
N ALA A 97 -7.90 -0.52 7.25
CA ALA A 97 -7.45 -1.14 6.02
C ALA A 97 -7.64 -2.67 6.05
N ILE A 98 -7.31 -3.30 7.17
CA ILE A 98 -7.21 -4.74 7.31
C ILE A 98 -8.56 -5.28 7.71
N ASP A 99 -9.22 -4.69 8.70
CA ASP A 99 -10.55 -5.04 9.17
C ASP A 99 -11.57 -4.88 8.04
N ALA A 100 -11.25 -4.03 7.07
CA ALA A 100 -12.05 -3.88 5.87
C ALA A 100 -11.68 -5.00 4.87
N PHE A 101 -10.42 -5.13 4.47
CA PHE A 101 -9.95 -6.14 3.52
C PHE A 101 -10.28 -7.56 3.94
N SER A 102 -10.03 -7.85 5.21
CA SER A 102 -10.12 -9.19 5.80
C SER A 102 -11.56 -9.67 5.68
N GLU A 103 -12.51 -8.86 6.11
CA GLU A 103 -13.93 -9.14 6.00
C GLU A 103 -14.43 -8.68 4.63
N GLY A 104 -13.60 -8.83 3.59
CA GLY A 104 -13.95 -8.64 2.19
C GLY A 104 -14.73 -7.36 1.89
N ARG A 105 -14.63 -6.32 2.71
CA ARG A 105 -15.34 -5.05 2.56
C ARG A 105 -14.43 -4.03 1.91
N LEU A 106 -13.60 -4.44 0.94
CA LEU A 106 -12.85 -3.50 0.13
C LEU A 106 -12.97 -3.95 -1.32
N GLU A 107 -12.60 -3.05 -2.22
CA GLU A 107 -12.82 -3.20 -3.66
C GLU A 107 -11.47 -3.46 -4.31
N GLU A 108 -11.37 -4.37 -5.27
CA GLU A 108 -10.10 -4.67 -5.92
C GLU A 108 -9.82 -3.59 -6.97
N LEU A 109 -8.96 -2.62 -6.65
CA LEU A 109 -8.81 -1.38 -7.40
C LEU A 109 -7.84 -1.58 -8.57
N THR A 110 -8.24 -2.31 -9.62
CA THR A 110 -7.31 -2.72 -10.67
C THR A 110 -7.25 -1.70 -11.83
N THR A 111 -7.36 -0.41 -11.53
CA THR A 111 -7.55 0.70 -12.46
C THR A 111 -8.15 1.86 -11.65
N PHE A 112 -8.12 3.06 -12.19
CA PHE A 112 -8.65 4.30 -11.64
C PHE A 112 -8.62 5.30 -12.79
N THR A 113 -8.86 6.58 -12.50
CA THR A 113 -8.80 7.66 -13.47
C THR A 113 -7.90 8.75 -12.89
N ARG A 114 -7.13 9.45 -13.74
CA ARG A 114 -6.31 10.56 -13.30
C ARG A 114 -5.92 11.40 -14.50
N GLU A 115 -6.72 12.41 -14.81
CA GLU A 115 -6.56 13.15 -16.05
C GLU A 115 -5.53 14.28 -15.89
N GLY A 116 -4.30 13.94 -15.53
CA GLY A 116 -3.15 14.83 -15.40
C GLY A 116 -2.03 14.15 -14.64
N MET A 1 -0.21 -17.70 1.74
CA MET A 1 0.50 -16.53 2.26
C MET A 1 0.03 -15.30 1.51
N ALA A 2 0.04 -14.13 2.14
CA ALA A 2 -0.02 -12.85 1.47
C ALA A 2 0.63 -11.81 2.36
N ARG A 3 1.56 -11.05 1.81
CA ARG A 3 2.07 -9.82 2.36
C ARG A 3 1.38 -8.65 1.72
N VAL A 4 0.45 -8.03 2.42
CA VAL A 4 -0.15 -6.79 1.95
C VAL A 4 0.78 -5.64 2.35
N ALA A 5 0.73 -4.51 1.65
CA ALA A 5 1.30 -3.27 2.18
C ALA A 5 0.09 -2.38 2.42
N ILE A 6 0.14 -1.53 3.44
CA ILE A 6 -0.85 -0.50 3.67
C ILE A 6 -0.07 0.82 3.80
N PRO A 7 -0.45 1.86 3.06
CA PRO A 7 0.17 3.17 3.08
C PRO A 7 -0.27 3.90 4.35
N SER A 8 0.64 4.13 5.30
CA SER A 8 0.38 4.78 6.57
C SER A 8 1.06 6.16 6.60
N VAL A 9 0.73 6.92 7.64
CA VAL A 9 1.32 8.20 7.99
C VAL A 9 1.71 8.15 9.48
N GLY A 10 2.22 7.01 9.95
CA GLY A 10 2.80 6.85 11.26
C GLY A 10 3.21 5.38 11.45
N LYS A 11 3.89 5.11 12.57
CA LYS A 11 4.53 3.83 12.86
C LYS A 11 3.76 3.15 13.98
N ASP A 12 2.44 3.08 13.81
CA ASP A 12 1.53 2.32 14.67
C ASP A 12 0.47 1.70 13.78
N LEU A 13 -0.15 0.63 14.25
CA LEU A 13 -1.23 -0.10 13.56
C LEU A 13 -2.56 0.65 13.70
N SER A 14 -2.57 1.79 14.37
CA SER A 14 -3.71 2.68 14.34
C SER A 14 -3.24 4.07 13.94
N SER A 15 -2.27 4.15 13.03
CA SER A 15 -2.01 5.40 12.33
C SER A 15 -3.02 5.57 11.20
N MET A 16 -3.18 6.77 10.62
CA MET A 16 -4.19 7.03 9.60
C MET A 16 -3.70 6.47 8.26
N VAL A 17 -4.55 5.78 7.50
CA VAL A 17 -4.19 5.27 6.17
C VAL A 17 -4.20 6.45 5.21
N SER A 18 -3.19 6.47 4.35
CA SER A 18 -2.89 7.57 3.46
C SER A 18 -3.52 7.24 2.13
N ASP A 19 -4.25 8.19 1.54
CA ASP A 19 -5.02 7.96 0.32
C ASP A 19 -4.10 8.01 -0.92
N ARG A 20 -2.89 7.49 -0.84
CA ARG A 20 -1.85 7.73 -1.82
C ARG A 20 -0.79 6.68 -1.63
N PHE A 21 -0.87 5.56 -2.37
CA PHE A 21 0.11 4.52 -2.24
C PHE A 21 1.52 5.06 -2.47
N ALA A 22 1.76 5.76 -3.57
CA ALA A 22 3.10 6.20 -3.92
C ALA A 22 3.59 7.40 -3.09
N ARG A 23 2.91 7.78 -2.00
CA ARG A 23 3.25 8.95 -1.19
C ARG A 23 2.97 8.67 0.29
N ALA A 24 3.23 7.46 0.77
CA ALA A 24 2.85 7.10 2.12
C ALA A 24 4.11 7.12 2.97
N GLU A 25 4.08 7.85 4.09
CA GLU A 25 5.28 8.08 4.88
C GLU A 25 5.80 6.80 5.54
N TYR A 26 4.94 5.80 5.70
CA TYR A 26 5.24 4.53 6.30
C TYR A 26 4.46 3.50 5.48
N PHE A 27 4.94 2.25 5.42
CA PHE A 27 4.23 1.16 4.77
C PHE A 27 4.21 -0.01 5.72
N ILE A 28 3.01 -0.42 6.08
CA ILE A 28 2.80 -1.44 7.09
C ILE A 28 2.57 -2.71 6.30
N ILE A 29 3.49 -3.66 6.40
CA ILE A 29 3.49 -4.88 5.63
C ILE A 29 2.96 -5.96 6.54
N TYR A 30 1.78 -6.47 6.25
CA TYR A 30 1.09 -7.48 7.03
C TYR A 30 1.18 -8.85 6.37
N ASP A 31 1.67 -9.83 7.11
CA ASP A 31 1.64 -11.25 6.73
C ASP A 31 0.27 -11.82 7.10
N THR A 32 -0.57 -12.19 6.13
CA THR A 32 -1.72 -13.07 6.37
C THR A 32 -1.22 -14.52 6.47
N GLU A 33 -0.27 -14.77 7.37
CA GLU A 33 0.39 -16.03 7.55
C GLU A 33 0.86 -16.25 8.96
N SER A 34 1.30 -15.21 9.66
CA SER A 34 1.57 -15.41 11.05
C SER A 34 1.46 -14.11 11.85
N GLY A 35 0.47 -13.27 11.52
CA GLY A 35 0.22 -11.98 12.15
C GLY A 35 1.41 -11.02 12.17
N ASN A 36 2.51 -11.33 11.46
CA ASN A 36 3.68 -10.46 11.40
C ASN A 36 3.25 -9.15 10.77
N VAL A 37 3.88 -8.08 11.22
CA VAL A 37 3.82 -6.79 10.61
C VAL A 37 5.23 -6.18 10.63
N GLU A 38 5.58 -5.47 9.57
CA GLU A 38 6.83 -4.74 9.40
C GLU A 38 6.43 -3.29 9.10
N VAL A 39 7.05 -2.32 9.78
CA VAL A 39 6.89 -0.90 9.47
C VAL A 39 8.07 -0.49 8.59
N VAL A 40 7.82 -0.20 7.33
CA VAL A 40 8.69 0.62 6.50
C VAL A 40 8.40 2.07 6.86
N GLU A 41 9.42 2.90 6.72
CA GLU A 41 9.43 4.35 6.85
C GLU A 41 9.99 4.80 5.51
N ASN A 42 9.15 5.35 4.63
CA ASN A 42 9.55 5.67 3.27
C ASN A 42 9.33 7.14 3.03
N THR A 43 10.39 7.80 2.63
CA THR A 43 10.48 9.25 2.61
C THR A 43 10.47 9.68 1.13
N ILE A 44 9.39 9.39 0.40
CA ILE A 44 9.23 9.75 -1.01
C ILE A 44 8.72 11.20 -1.13
N ALA A 45 9.61 12.19 -0.94
CA ALA A 45 9.23 13.60 -0.95
C ALA A 45 9.67 14.29 -2.24
N ASP A 46 9.61 13.60 -3.39
CA ASP A 46 10.08 14.11 -4.68
C ASP A 46 9.16 13.61 -5.81
N ALA A 47 9.16 14.27 -6.97
CA ALA A 47 8.46 13.87 -8.17
C ALA A 47 9.40 14.19 -9.32
N HIS A 48 10.06 13.17 -9.88
CA HIS A 48 11.16 13.35 -10.82
C HIS A 48 11.15 12.23 -11.86
N GLY A 49 11.01 10.97 -11.47
CA GLY A 49 10.64 9.88 -12.38
C GLY A 49 11.74 8.83 -12.56
N THR A 50 11.42 7.75 -13.29
CA THR A 50 12.25 6.57 -13.53
C THR A 50 12.77 5.99 -12.21
N GLY A 51 11.99 5.10 -11.58
CA GLY A 51 12.40 4.38 -10.39
C GLY A 51 11.27 4.35 -9.36
N PRO A 52 10.84 3.17 -8.86
CA PRO A 52 9.83 3.10 -7.83
C PRO A 52 10.41 3.50 -6.48
N LYS A 53 11.53 2.90 -6.08
CA LYS A 53 12.04 2.84 -4.71
C LYS A 53 11.04 2.17 -3.78
N VAL A 54 9.87 2.78 -3.53
CA VAL A 54 8.79 2.23 -2.73
C VAL A 54 8.46 0.79 -3.13
N VAL A 55 7.99 0.59 -4.38
CA VAL A 55 7.68 -0.71 -4.95
C VAL A 55 8.89 -1.59 -4.87
N GLN A 56 10.09 -1.14 -5.29
CA GLN A 56 11.28 -1.98 -5.25
C GLN A 56 11.44 -2.63 -3.86
N SER A 57 11.35 -1.82 -2.80
CA SER A 57 11.46 -2.27 -1.42
C SER A 57 10.37 -3.26 -1.04
N LEU A 58 9.11 -2.88 -1.23
CA LEU A 58 7.96 -3.68 -0.82
C LEU A 58 8.00 -5.05 -1.50
N VAL A 59 8.31 -5.04 -2.80
CA VAL A 59 8.51 -6.22 -3.63
C VAL A 59 9.67 -7.08 -3.09
N SER A 60 10.80 -6.49 -2.72
CA SER A 60 11.86 -7.27 -2.07
C SER A 60 11.36 -7.94 -0.79
N LYS A 61 10.34 -7.38 -0.13
CA LYS A 61 9.78 -7.92 1.10
C LYS A 61 8.44 -8.63 0.78
N GLY A 62 8.38 -9.30 -0.38
CA GLY A 62 7.35 -10.26 -0.76
C GLY A 62 5.93 -9.75 -0.96
N VAL A 63 5.74 -8.42 -1.00
CA VAL A 63 4.41 -7.82 -0.99
C VAL A 63 3.65 -8.12 -2.29
N GLU A 64 2.67 -9.03 -2.24
CA GLU A 64 1.83 -9.39 -3.38
C GLU A 64 0.43 -8.78 -3.24
N TYR A 65 0.30 -7.57 -2.70
CA TYR A 65 -0.95 -6.94 -2.37
C TYR A 65 -0.72 -5.51 -1.97
N LEU A 66 -1.83 -4.80 -1.79
CA LEU A 66 -1.88 -3.47 -1.23
C LEU A 66 -3.31 -3.13 -0.87
N ILE A 67 -3.50 -2.19 0.03
CA ILE A 67 -4.76 -1.53 0.36
C ILE A 67 -4.49 -0.04 0.19
N ALA A 68 -5.00 0.61 -0.86
CA ALA A 68 -4.81 2.02 -1.11
C ALA A 68 -5.95 2.57 -1.96
N SER A 69 -6.53 3.67 -1.54
CA SER A 69 -7.60 4.34 -2.30
C SER A 69 -7.15 4.87 -3.66
N ASN A 70 -5.86 5.17 -3.80
CA ASN A 70 -5.34 5.93 -4.92
C ASN A 70 -3.82 5.86 -4.88
N VAL A 71 -3.14 6.53 -5.80
CA VAL A 71 -1.70 6.51 -5.95
C VAL A 71 -1.23 7.92 -6.31
N GLY A 72 0.02 8.24 -5.97
CA GLY A 72 0.67 9.50 -6.34
C GLY A 72 0.47 9.78 -7.82
N ARG A 73 0.82 8.77 -8.63
CA ARG A 73 0.74 8.64 -10.09
C ARG A 73 1.63 7.46 -10.42
N ASN A 74 2.91 7.72 -10.59
CA ASN A 74 3.91 6.75 -11.00
C ASN A 74 4.12 5.78 -9.84
N ALA A 75 3.86 4.50 -10.07
CA ALA A 75 4.07 3.32 -9.21
C ALA A 75 3.09 2.22 -9.61
N PHE A 76 1.86 2.57 -10.00
CA PHE A 76 0.80 1.63 -10.39
C PHE A 76 1.28 0.65 -11.45
N GLU A 77 1.98 1.16 -12.46
CA GLU A 77 2.54 0.39 -13.56
C GLU A 77 3.62 -0.58 -13.03
N THR A 78 4.30 -0.20 -11.96
CA THR A 78 5.32 -1.00 -11.29
C THR A 78 4.67 -2.02 -10.35
N LEU A 79 3.43 -1.80 -9.89
CA LEU A 79 2.72 -2.73 -9.00
C LEU A 79 2.38 -4.00 -9.79
N LYS A 80 1.61 -3.84 -10.87
CA LYS A 80 1.23 -4.93 -11.76
C LYS A 80 2.44 -5.63 -12.39
N ALA A 81 3.53 -4.90 -12.62
CA ALA A 81 4.80 -5.48 -13.04
C ALA A 81 5.41 -6.45 -12.01
N ALA A 82 4.89 -6.58 -10.79
CA ALA A 82 5.23 -7.69 -9.89
C ALA A 82 3.96 -8.41 -9.43
N GLY A 83 2.97 -8.52 -10.32
CA GLY A 83 1.66 -9.10 -10.10
C GLY A 83 0.89 -8.61 -8.88
N VAL A 84 1.24 -7.45 -8.34
CA VAL A 84 0.81 -7.06 -7.00
C VAL A 84 -0.62 -6.58 -7.09
N LYS A 85 -1.47 -7.13 -6.21
CA LYS A 85 -2.86 -6.71 -6.15
C LYS A 85 -2.94 -5.38 -5.40
N VAL A 86 -4.09 -4.71 -5.51
CA VAL A 86 -4.30 -3.38 -4.95
C VAL A 86 -5.80 -3.30 -4.67
N TYR A 87 -6.19 -3.19 -3.41
CA TYR A 87 -7.55 -2.85 -3.01
C TYR A 87 -7.69 -1.34 -2.88
N ARG A 88 -8.92 -0.84 -2.99
CA ARG A 88 -9.33 0.50 -2.56
C ARG A 88 -9.53 0.45 -1.04
N PHE A 89 -9.43 1.58 -0.36
CA PHE A 89 -10.01 1.84 0.95
C PHE A 89 -10.59 3.27 0.89
N GLU A 90 -11.28 3.81 1.91
CA GLU A 90 -11.77 5.20 1.84
C GLU A 90 -11.88 5.92 3.20
N GLY A 91 -10.92 5.68 4.10
CA GLY A 91 -10.82 6.41 5.37
C GLY A 91 -10.85 5.45 6.54
N GLY A 92 -9.82 5.50 7.38
CA GLY A 92 -9.58 4.45 8.38
C GLY A 92 -8.14 4.50 8.84
N THR A 93 -7.84 3.87 9.97
CA THR A 93 -6.47 3.64 10.40
C THR A 93 -5.89 2.42 9.69
N VAL A 94 -4.59 2.14 9.85
CA VAL A 94 -3.96 0.92 9.34
C VAL A 94 -4.89 -0.27 9.61
N GLN A 95 -5.43 -0.41 10.83
CA GLN A 95 -6.27 -1.56 11.19
C GLN A 95 -7.55 -1.67 10.37
N GLU A 96 -8.18 -0.57 9.99
CA GLU A 96 -9.43 -0.52 9.25
C GLU A 96 -9.19 -1.05 7.86
N ALA A 97 -8.10 -0.62 7.20
CA ALA A 97 -7.69 -1.19 5.94
C ALA A 97 -7.68 -2.73 5.98
N ILE A 98 -7.41 -3.34 7.12
CA ILE A 98 -7.26 -4.79 7.29
C ILE A 98 -8.59 -5.38 7.64
N ASP A 99 -9.28 -4.87 8.67
CA ASP A 99 -10.58 -5.39 9.09
C ASP A 99 -11.55 -5.31 7.92
N ALA A 100 -11.39 -4.28 7.09
CA ALA A 100 -12.25 -4.06 5.96
C ALA A 100 -11.96 -5.15 4.92
N PHE A 101 -10.69 -5.29 4.53
CA PHE A 101 -10.22 -6.32 3.60
C PHE A 101 -10.57 -7.72 4.09
N SER A 102 -10.33 -7.98 5.36
CA SER A 102 -10.40 -9.30 5.95
C SER A 102 -11.83 -9.78 5.87
N GLU A 103 -12.79 -8.90 6.15
CA GLU A 103 -14.18 -9.25 6.02
C GLU A 103 -14.72 -8.84 4.66
N GLY A 104 -13.89 -8.94 3.63
CA GLY A 104 -14.24 -8.76 2.24
C GLY A 104 -14.86 -7.41 1.86
N ARG A 105 -14.90 -6.42 2.76
CA ARG A 105 -15.58 -5.15 2.55
C ARG A 105 -14.69 -4.14 1.83
N LEU A 106 -13.86 -4.54 0.87
CA LEU A 106 -13.07 -3.59 0.10
C LEU A 106 -13.23 -3.93 -1.38
N GLU A 107 -12.74 -3.05 -2.25
CA GLU A 107 -12.93 -3.12 -3.70
C GLU A 107 -11.57 -3.43 -4.32
N GLU A 108 -11.47 -4.25 -5.36
CA GLU A 108 -10.21 -4.50 -6.04
C GLU A 108 -9.97 -3.33 -7.00
N LEU A 109 -9.03 -2.47 -6.64
CA LEU A 109 -8.61 -1.31 -7.41
C LEU A 109 -7.54 -1.74 -8.43
N THR A 110 -7.84 -2.73 -9.26
CA THR A 110 -6.82 -3.27 -10.18
C THR A 110 -6.79 -2.50 -11.52
N THR A 111 -7.00 -1.17 -11.51
CA THR A 111 -7.33 -0.37 -12.69
C THR A 111 -7.75 1.03 -12.21
N PHE A 112 -6.74 1.88 -11.98
CA PHE A 112 -6.88 3.27 -11.54
C PHE A 112 -5.61 4.00 -11.98
N THR A 113 -5.57 5.33 -11.84
CA THR A 113 -4.45 6.20 -12.25
C THR A 113 -4.56 7.49 -11.44
N ARG A 114 -3.53 8.35 -11.45
CA ARG A 114 -3.69 9.74 -11.03
C ARG A 114 -2.78 10.63 -11.87
N GLU A 115 -2.92 11.94 -11.75
CA GLU A 115 -2.07 12.89 -12.45
C GLU A 115 -2.01 14.22 -11.69
N GLY A 116 -1.77 14.12 -10.39
CA GLY A 116 -1.21 15.21 -9.61
C GLY A 116 0.24 14.85 -9.32
N MET A 1 -2.62 -16.08 1.61
CA MET A 1 -1.27 -16.16 2.20
C MET A 1 -0.36 -15.27 1.37
N ALA A 2 -0.03 -14.07 1.85
CA ALA A 2 0.71 -13.05 1.12
C ALA A 2 1.38 -12.08 2.08
N ARG A 3 1.98 -11.03 1.54
CA ARG A 3 2.07 -9.77 2.27
C ARG A 3 1.19 -8.71 1.64
N VAL A 4 0.65 -7.81 2.47
CA VAL A 4 -0.21 -6.71 2.05
C VAL A 4 0.31 -5.42 2.63
N ALA A 5 0.53 -4.40 1.79
CA ALA A 5 1.13 -3.18 2.30
C ALA A 5 -0.01 -2.20 2.51
N ILE A 6 0.08 -1.40 3.56
CA ILE A 6 -0.91 -0.38 3.86
C ILE A 6 -0.12 0.92 3.99
N PRO A 7 -0.43 1.91 3.14
CA PRO A 7 0.19 3.21 3.12
C PRO A 7 -0.29 3.98 4.34
N SER A 8 0.50 4.02 5.39
CA SER A 8 0.20 4.74 6.62
C SER A 8 0.83 6.14 6.54
N VAL A 9 0.57 6.95 7.56
CA VAL A 9 1.35 8.14 7.88
C VAL A 9 1.79 8.09 9.36
N GLY A 10 2.19 6.91 9.84
CA GLY A 10 2.89 6.77 11.12
C GLY A 10 3.32 5.32 11.36
N LYS A 11 4.11 5.11 12.41
CA LYS A 11 4.78 3.87 12.78
C LYS A 11 3.90 3.11 13.79
N ASP A 12 2.59 3.10 13.58
CA ASP A 12 1.61 2.42 14.43
C ASP A 12 0.55 1.85 13.52
N LEU A 13 0.00 0.72 13.95
CA LEU A 13 -1.11 -0.04 13.36
C LEU A 13 -2.44 0.71 13.56
N SER A 14 -2.45 1.73 14.40
CA SER A 14 -3.54 2.67 14.56
C SER A 14 -3.06 4.07 14.14
N SER A 15 -2.25 4.15 13.09
CA SER A 15 -2.04 5.41 12.41
C SER A 15 -3.08 5.56 11.30
N MET A 16 -3.22 6.74 10.72
CA MET A 16 -4.17 6.96 9.63
C MET A 16 -3.57 6.41 8.33
N VAL A 17 -4.43 5.82 7.50
CA VAL A 17 -4.06 5.34 6.16
C VAL A 17 -4.10 6.53 5.19
N SER A 18 -3.28 6.47 4.14
CA SER A 18 -2.96 7.58 3.25
C SER A 18 -3.59 7.37 1.89
N ASP A 19 -4.13 8.43 1.29
CA ASP A 19 -4.95 8.32 0.07
C ASP A 19 -4.08 8.27 -1.20
N ARG A 20 -2.93 7.61 -1.14
CA ARG A 20 -1.86 7.89 -2.09
C ARG A 20 -0.74 6.88 -1.90
N PHE A 21 -0.83 5.71 -2.53
CA PHE A 21 0.13 4.66 -2.33
C PHE A 21 1.58 5.14 -2.50
N ALA A 22 1.90 5.83 -3.60
CA ALA A 22 3.28 6.19 -3.90
C ALA A 22 3.74 7.41 -3.09
N ARG A 23 2.88 7.98 -2.24
CA ARG A 23 3.14 9.19 -1.48
C ARG A 23 2.76 8.98 -0.03
N ALA A 24 3.03 7.79 0.47
CA ALA A 24 2.61 7.40 1.79
C ALA A 24 3.88 7.14 2.57
N GLU A 25 3.92 7.50 3.84
CA GLU A 25 5.20 7.69 4.52
C GLU A 25 5.74 6.45 5.22
N TYR A 26 4.89 5.47 5.53
CA TYR A 26 5.25 4.28 6.24
C TYR A 26 4.39 3.14 5.70
N PHE A 27 5.01 2.07 5.24
CA PHE A 27 4.28 0.95 4.68
C PHE A 27 4.25 -0.14 5.73
N ILE A 28 3.07 -0.34 6.30
CA ILE A 28 2.78 -1.39 7.26
C ILE A 28 2.51 -2.62 6.42
N ILE A 29 3.37 -3.62 6.55
CA ILE A 29 3.42 -4.78 5.66
C ILE A 29 2.94 -5.92 6.53
N TYR A 30 1.71 -6.37 6.26
CA TYR A 30 1.11 -7.45 7.01
C TYR A 30 1.50 -8.76 6.34
N ASP A 31 2.24 -9.61 7.04
CA ASP A 31 2.56 -10.98 6.69
C ASP A 31 1.35 -11.85 7.02
N THR A 32 0.55 -12.22 6.02
CA THR A 32 -0.72 -12.88 6.21
C THR A 32 -0.55 -14.40 6.30
N GLU A 33 0.66 -14.81 6.66
CA GLU A 33 1.01 -16.14 7.06
C GLU A 33 1.14 -16.00 8.55
N SER A 34 2.32 -15.69 9.09
CA SER A 34 2.46 -15.89 10.52
C SER A 34 2.04 -14.66 11.33
N GLY A 35 0.99 -13.97 10.89
CA GLY A 35 0.35 -12.83 11.55
C GLY A 35 1.31 -11.73 11.96
N ASN A 36 2.46 -11.64 11.29
CA ASN A 36 3.47 -10.63 11.57
C ASN A 36 3.08 -9.35 10.84
N VAL A 37 3.53 -8.21 11.35
CA VAL A 37 3.43 -6.93 10.66
C VAL A 37 4.75 -6.22 10.90
N GLU A 38 5.30 -5.60 9.85
CA GLU A 38 6.50 -4.78 9.93
C GLU A 38 6.22 -3.36 9.41
N VAL A 39 7.11 -2.42 9.74
CA VAL A 39 6.97 -0.99 9.43
C VAL A 39 8.12 -0.58 8.53
N VAL A 40 7.85 -0.40 7.24
CA VAL A 40 8.76 0.32 6.38
C VAL A 40 8.53 1.81 6.63
N GLU A 41 9.59 2.58 6.41
CA GLU A 41 9.71 4.02 6.48
C GLU A 41 10.15 4.42 5.08
N ASN A 42 9.41 5.30 4.39
CA ASN A 42 9.78 5.68 3.04
C ASN A 42 9.43 7.14 2.82
N THR A 43 10.46 7.95 2.64
CA THR A 43 10.35 9.38 2.80
C THR A 43 10.08 9.99 1.42
N ILE A 44 8.93 9.68 0.82
CA ILE A 44 8.56 10.16 -0.50
C ILE A 44 8.03 11.59 -0.46
N ALA A 45 7.97 12.19 -1.65
CA ALA A 45 7.73 13.60 -1.88
C ALA A 45 7.01 13.77 -3.23
N ASP A 46 7.39 14.78 -3.98
CA ASP A 46 6.66 15.31 -5.14
C ASP A 46 7.64 15.56 -6.29
N ALA A 47 8.60 14.65 -6.42
CA ALA A 47 9.67 14.68 -7.40
C ALA A 47 9.28 13.86 -8.63
N HIS A 48 10.21 13.72 -9.57
CA HIS A 48 10.08 12.81 -10.69
C HIS A 48 9.88 11.38 -10.16
N GLY A 49 9.28 10.51 -10.96
CA GLY A 49 9.12 9.11 -10.60
C GLY A 49 10.47 8.49 -10.31
N THR A 50 11.35 8.45 -11.32
CA THR A 50 12.64 7.77 -11.29
C THR A 50 12.43 6.26 -11.14
N GLY A 51 13.20 5.57 -10.31
CA GLY A 51 12.85 4.20 -9.91
C GLY A 51 11.54 4.21 -9.12
N PRO A 52 10.96 3.05 -8.83
CA PRO A 52 9.73 2.98 -8.07
C PRO A 52 9.86 3.59 -6.67
N LYS A 53 11.07 3.59 -6.07
CA LYS A 53 11.37 3.98 -4.70
C LYS A 53 10.66 3.02 -3.75
N VAL A 54 9.38 3.21 -3.52
CA VAL A 54 8.52 2.37 -2.69
C VAL A 54 8.56 0.91 -3.13
N VAL A 55 8.22 0.65 -4.39
CA VAL A 55 8.03 -0.70 -4.90
C VAL A 55 9.35 -1.47 -4.84
N GLN A 56 10.51 -0.85 -5.05
CA GLN A 56 11.82 -1.47 -4.85
C GLN A 56 12.03 -2.02 -3.42
N SER A 57 11.23 -1.62 -2.42
CA SER A 57 11.26 -2.18 -1.08
C SER A 57 10.16 -3.23 -0.93
N LEU A 58 8.94 -2.91 -1.36
CA LEU A 58 7.76 -3.77 -1.14
C LEU A 58 7.85 -5.07 -1.96
N VAL A 59 8.37 -5.00 -3.18
CA VAL A 59 8.76 -6.19 -3.96
C VAL A 59 9.68 -7.05 -3.10
N SER A 60 10.72 -6.45 -2.53
CA SER A 60 11.65 -7.14 -1.65
C SER A 60 11.09 -7.45 -0.25
N LYS A 61 9.78 -7.31 -0.04
CA LYS A 61 9.04 -7.86 1.08
C LYS A 61 7.84 -8.65 0.55
N GLY A 62 8.01 -9.35 -0.58
CA GLY A 62 7.04 -10.27 -1.17
C GLY A 62 5.58 -9.80 -1.07
N VAL A 63 5.34 -8.50 -1.26
CA VAL A 63 4.06 -7.84 -1.05
C VAL A 63 3.19 -8.07 -2.28
N GLU A 64 2.43 -9.18 -2.37
CA GLU A 64 1.50 -9.37 -3.49
C GLU A 64 0.10 -8.81 -3.20
N TYR A 65 0.01 -7.71 -2.46
CA TYR A 65 -1.24 -7.02 -2.17
C TYR A 65 -0.91 -5.63 -1.65
N LEU A 66 -1.89 -4.74 -1.67
CA LEU A 66 -1.77 -3.40 -1.14
C LEU A 66 -3.18 -2.87 -0.89
N ILE A 67 -3.36 -1.95 0.05
CA ILE A 67 -4.64 -1.34 0.41
C ILE A 67 -4.48 0.17 0.31
N ALA A 68 -4.90 0.83 -0.78
CA ALA A 68 -4.67 2.25 -1.02
C ALA A 68 -5.79 2.87 -1.85
N SER A 69 -6.29 4.03 -1.45
CA SER A 69 -7.44 4.62 -2.14
C SER A 69 -7.11 5.24 -3.51
N ASN A 70 -5.83 5.51 -3.76
CA ASN A 70 -5.31 6.14 -4.98
C ASN A 70 -3.78 6.06 -4.95
N VAL A 71 -3.07 6.74 -5.86
CA VAL A 71 -1.61 6.70 -5.93
C VAL A 71 -1.10 8.12 -6.18
N GLY A 72 0.01 8.45 -5.52
CA GLY A 72 0.73 9.72 -5.64
C GLY A 72 0.89 10.10 -7.11
N ARG A 73 1.48 9.17 -7.87
CA ARG A 73 1.92 9.27 -9.25
C ARG A 73 2.70 7.99 -9.54
N ASN A 74 2.74 7.58 -10.82
CA ASN A 74 3.49 6.43 -11.33
C ASN A 74 3.21 5.19 -10.48
N ALA A 75 4.21 4.32 -10.27
CA ALA A 75 4.24 3.10 -9.45
C ALA A 75 3.30 1.98 -9.87
N PHE A 76 2.16 2.30 -10.47
CA PHE A 76 1.04 1.42 -10.76
C PHE A 76 1.45 0.25 -11.62
N GLU A 77 2.30 0.51 -12.61
CA GLU A 77 2.84 -0.49 -13.52
C GLU A 77 3.79 -1.43 -12.76
N THR A 78 4.62 -0.89 -11.86
CA THR A 78 5.51 -1.71 -11.04
C THR A 78 4.70 -2.55 -10.02
N LEU A 79 3.44 -2.17 -9.71
CA LEU A 79 2.58 -2.94 -8.81
C LEU A 79 2.12 -4.21 -9.50
N LYS A 80 1.41 -4.10 -10.62
CA LYS A 80 0.99 -5.25 -11.39
C LYS A 80 2.17 -6.10 -11.86
N ALA A 81 3.29 -5.49 -12.20
CA ALA A 81 4.51 -6.21 -12.52
C ALA A 81 5.08 -7.00 -11.32
N ALA A 82 4.57 -6.87 -10.09
CA ALA A 82 4.91 -7.74 -8.97
C ALA A 82 3.65 -8.45 -8.42
N GLY A 83 2.73 -8.82 -9.32
CA GLY A 83 1.47 -9.50 -9.04
C GLY A 83 0.66 -8.92 -7.89
N VAL A 84 0.73 -7.60 -7.66
CA VAL A 84 0.17 -6.96 -6.47
C VAL A 84 -1.32 -6.70 -6.68
N LYS A 85 -2.15 -7.35 -5.86
CA LYS A 85 -3.58 -7.04 -5.84
C LYS A 85 -3.78 -5.78 -5.01
N VAL A 86 -3.83 -4.63 -5.66
CA VAL A 86 -4.05 -3.35 -5.02
C VAL A 86 -5.56 -3.24 -4.79
N TYR A 87 -5.93 -2.92 -3.56
CA TYR A 87 -7.29 -2.64 -3.11
C TYR A 87 -7.44 -1.15 -2.94
N ARG A 88 -8.69 -0.68 -2.93
CA ARG A 88 -9.10 0.64 -2.46
C ARG A 88 -9.13 0.56 -0.94
N PHE A 89 -9.11 1.71 -0.26
CA PHE A 89 -9.64 1.88 1.09
C PHE A 89 -10.36 3.23 1.09
N GLU A 90 -11.21 3.57 2.07
CA GLU A 90 -12.02 4.79 1.97
C GLU A 90 -12.34 5.41 3.35
N GLY A 91 -11.38 5.42 4.28
CA GLY A 91 -11.47 6.17 5.53
C GLY A 91 -11.35 5.29 6.77
N GLY A 92 -10.17 5.28 7.40
CA GLY A 92 -9.80 4.33 8.43
C GLY A 92 -8.34 4.50 8.86
N THR A 93 -7.98 3.94 10.02
CA THR A 93 -6.60 3.76 10.41
C THR A 93 -6.05 2.46 9.81
N VAL A 94 -4.74 2.19 9.96
CA VAL A 94 -4.10 1.02 9.38
C VAL A 94 -4.88 -0.26 9.67
N GLN A 95 -5.45 -0.44 10.87
CA GLN A 95 -6.24 -1.63 11.14
C GLN A 95 -7.51 -1.77 10.30
N GLU A 96 -8.17 -0.68 9.92
CA GLU A 96 -9.42 -0.66 9.17
C GLU A 96 -9.17 -1.06 7.75
N ALA A 97 -8.04 -0.66 7.15
CA ALA A 97 -7.63 -1.21 5.88
C ALA A 97 -7.73 -2.75 5.90
N ILE A 98 -7.30 -3.40 6.98
CA ILE A 98 -7.15 -4.85 7.10
C ILE A 98 -8.50 -5.42 7.42
N ASP A 99 -9.12 -4.94 8.49
CA ASP A 99 -10.40 -5.40 9.01
C ASP A 99 -11.45 -5.26 7.91
N ALA A 100 -11.29 -4.27 7.03
CA ALA A 100 -12.21 -4.07 5.92
C ALA A 100 -11.86 -5.03 4.77
N PHE A 101 -10.60 -5.06 4.31
CA PHE A 101 -10.13 -5.99 3.28
C PHE A 101 -10.50 -7.43 3.62
N SER A 102 -10.27 -7.81 4.88
CA SER A 102 -10.32 -9.18 5.34
C SER A 102 -11.75 -9.70 5.24
N GLU A 103 -12.72 -8.90 5.68
CA GLU A 103 -14.12 -9.33 5.64
C GLU A 103 -14.77 -8.76 4.38
N GLY A 104 -13.98 -8.74 3.31
CA GLY A 104 -14.31 -8.37 1.95
C GLY A 104 -15.21 -7.16 1.88
N ARG A 105 -14.91 -6.11 2.66
CA ARG A 105 -15.54 -4.80 2.55
C ARG A 105 -14.58 -3.80 1.91
N LEU A 106 -13.78 -4.21 0.94
CA LEU A 106 -13.00 -3.27 0.14
C LEU A 106 -13.03 -3.70 -1.32
N GLU A 107 -12.50 -2.86 -2.21
CA GLU A 107 -12.63 -2.98 -3.66
C GLU A 107 -11.27 -3.32 -4.25
N GLU A 108 -11.22 -4.09 -5.33
CA GLU A 108 -9.99 -4.35 -6.09
C GLU A 108 -9.75 -3.17 -7.03
N LEU A 109 -8.87 -2.26 -6.60
CA LEU A 109 -8.48 -1.08 -7.33
C LEU A 109 -7.32 -1.48 -8.24
N THR A 110 -7.55 -1.96 -9.47
CA THR A 110 -6.42 -2.42 -10.30
C THR A 110 -6.40 -1.67 -11.63
N THR A 111 -6.76 -0.39 -11.55
CA THR A 111 -7.14 0.41 -12.72
C THR A 111 -7.00 1.90 -12.37
N PHE A 112 -5.97 2.27 -11.61
CA PHE A 112 -5.85 3.58 -10.97
C PHE A 112 -4.52 4.18 -11.40
N THR A 113 -4.58 5.41 -11.88
CA THR A 113 -3.46 6.00 -12.61
C THR A 113 -3.36 7.47 -12.23
N ARG A 114 -2.13 8.01 -12.13
CA ARG A 114 -1.91 9.40 -11.81
C ARG A 114 -0.57 9.86 -12.36
N GLU A 115 -0.56 11.08 -12.87
CA GLU A 115 0.63 11.74 -13.33
C GLU A 115 0.49 13.25 -13.11
N GLY A 116 0.68 13.68 -11.86
CA GLY A 116 1.03 15.04 -11.51
C GLY A 116 2.42 14.91 -10.92
N MET A 1 -4.41 -14.88 1.24
CA MET A 1 -3.05 -15.18 1.73
C MET A 1 -2.04 -14.46 0.84
N ALA A 2 -1.34 -13.44 1.37
CA ALA A 2 -0.22 -12.77 0.73
C ALA A 2 0.50 -11.89 1.75
N ARG A 3 1.46 -11.08 1.28
CA ARG A 3 1.82 -9.88 2.02
C ARG A 3 1.13 -8.68 1.43
N VAL A 4 0.42 -7.95 2.28
CA VAL A 4 -0.18 -6.68 1.91
C VAL A 4 0.73 -5.57 2.37
N ALA A 5 0.72 -4.43 1.68
CA ALA A 5 1.34 -3.21 2.19
C ALA A 5 0.20 -2.21 2.35
N ILE A 6 0.18 -1.48 3.46
CA ILE A 6 -0.85 -0.50 3.74
C ILE A 6 -0.14 0.84 3.96
N PRO A 7 -0.40 1.85 3.14
CA PRO A 7 0.22 3.15 3.19
C PRO A 7 -0.30 3.86 4.45
N SER A 8 0.55 4.14 5.41
CA SER A 8 0.21 4.75 6.69
C SER A 8 0.96 6.08 6.77
N VAL A 9 0.44 7.07 7.49
CA VAL A 9 1.14 8.31 7.82
C VAL A 9 1.52 8.26 9.32
N GLY A 10 1.96 7.10 9.79
CA GLY A 10 2.51 6.94 11.12
C GLY A 10 2.94 5.50 11.33
N LYS A 11 3.52 5.22 12.49
CA LYS A 11 4.20 3.98 12.84
C LYS A 11 3.49 3.36 14.03
N ASP A 12 2.21 3.11 13.84
CA ASP A 12 1.33 2.36 14.72
C ASP A 12 0.32 1.65 13.84
N LEU A 13 -0.21 0.54 14.32
CA LEU A 13 -1.33 -0.19 13.71
C LEU A 13 -2.63 0.60 13.87
N SER A 14 -2.61 1.71 14.61
CA SER A 14 -3.71 2.66 14.60
C SER A 14 -3.20 4.04 14.23
N SER A 15 -2.24 4.12 13.30
CA SER A 15 -2.01 5.36 12.59
C SER A 15 -3.00 5.51 11.44
N MET A 16 -3.05 6.66 10.78
CA MET A 16 -3.97 6.89 9.69
C MET A 16 -3.45 6.23 8.42
N VAL A 17 -4.32 5.56 7.67
CA VAL A 17 -4.01 5.13 6.31
C VAL A 17 -3.99 6.39 5.43
N SER A 18 -3.33 6.30 4.28
CA SER A 18 -3.18 7.42 3.35
C SER A 18 -3.86 7.12 2.02
N ASP A 19 -4.33 8.18 1.37
CA ASP A 19 -5.13 8.11 0.15
C ASP A 19 -4.24 8.01 -1.09
N ARG A 20 -3.12 7.28 -0.99
CA ARG A 20 -2.03 7.43 -1.96
C ARG A 20 -0.95 6.42 -1.65
N PHE A 21 -0.92 5.34 -2.41
CA PHE A 21 0.18 4.40 -2.35
C PHE A 21 1.53 5.10 -2.52
N ALA A 22 1.77 5.74 -3.68
CA ALA A 22 3.13 6.17 -3.99
C ALA A 22 3.60 7.39 -3.19
N ARG A 23 2.74 7.98 -2.35
CA ARG A 23 3.06 9.15 -1.53
C ARG A 23 2.91 8.78 -0.05
N ALA A 24 3.31 7.57 0.32
CA ALA A 24 2.89 7.01 1.59
C ALA A 24 4.09 6.89 2.52
N GLU A 25 4.08 7.63 3.61
CA GLU A 25 5.25 7.86 4.46
C GLU A 25 5.72 6.64 5.26
N TYR A 26 4.84 5.68 5.51
CA TYR A 26 5.10 4.42 6.16
C TYR A 26 4.33 3.36 5.39
N PHE A 27 4.78 2.12 5.50
CA PHE A 27 4.09 0.96 4.97
C PHE A 27 4.04 -0.10 6.04
N ILE A 28 2.85 -0.36 6.51
CA ILE A 28 2.61 -1.50 7.38
C ILE A 28 2.52 -2.68 6.43
N ILE A 29 3.41 -3.65 6.60
CA ILE A 29 3.42 -4.86 5.79
C ILE A 29 2.94 -5.97 6.69
N TYR A 30 1.80 -6.55 6.32
CA TYR A 30 1.16 -7.64 7.04
C TYR A 30 1.42 -8.97 6.32
N ASP A 31 1.94 -9.96 7.03
CA ASP A 31 2.10 -11.36 6.62
C ASP A 31 0.86 -12.17 7.04
N THR A 32 0.07 -12.70 6.09
CA THR A 32 -1.12 -13.50 6.41
C THR A 32 -0.81 -14.92 6.89
N GLU A 33 0.38 -15.14 7.41
CA GLU A 33 0.90 -16.46 7.64
C GLU A 33 1.58 -16.61 8.99
N SER A 34 1.71 -15.51 9.73
CA SER A 34 1.89 -15.62 11.15
C SER A 34 1.37 -14.32 11.80
N GLY A 35 0.29 -13.79 11.24
CA GLY A 35 -0.29 -12.48 11.52
C GLY A 35 0.74 -11.41 11.84
N ASN A 36 1.92 -11.45 11.23
CA ASN A 36 3.06 -10.65 11.62
C ASN A 36 2.97 -9.32 10.89
N VAL A 37 3.56 -8.27 11.43
CA VAL A 37 3.51 -6.94 10.86
C VAL A 37 4.84 -6.23 11.05
N GLU A 38 5.27 -5.55 10.00
CA GLU A 38 6.44 -4.69 9.94
C GLU A 38 5.97 -3.24 9.80
N VAL A 39 6.78 -2.27 10.23
CA VAL A 39 6.68 -0.88 9.78
C VAL A 39 7.86 -0.65 8.84
N VAL A 40 7.60 -0.47 7.56
CA VAL A 40 8.51 0.20 6.65
C VAL A 40 8.33 1.70 6.86
N GLU A 41 9.43 2.46 6.90
CA GLU A 41 9.45 3.91 6.72
C GLU A 41 9.72 4.12 5.23
N ASN A 42 9.01 5.03 4.57
CA ASN A 42 9.13 5.24 3.13
C ASN A 42 9.18 6.73 2.82
N THR A 43 10.38 7.29 2.70
CA THR A 43 10.57 8.71 2.46
C THR A 43 10.68 8.94 0.95
N ILE A 44 9.54 8.92 0.26
CA ILE A 44 9.44 9.47 -1.08
C ILE A 44 9.28 11.00 -0.96
N ALA A 45 9.51 11.68 -2.08
CA ALA A 45 8.93 12.98 -2.35
C ALA A 45 8.36 12.91 -3.77
N ASP A 46 7.13 13.38 -3.97
CA ASP A 46 6.47 13.43 -5.26
C ASP A 46 7.03 14.64 -6.02
N ALA A 47 8.24 14.48 -6.54
CA ALA A 47 8.99 15.48 -7.29
C ALA A 47 10.10 14.74 -8.05
N HIS A 48 10.04 14.76 -9.38
CA HIS A 48 10.98 14.16 -10.33
C HIS A 48 10.96 12.63 -10.26
N GLY A 49 11.36 12.01 -9.14
CA GLY A 49 11.18 10.59 -8.86
C GLY A 49 11.91 9.70 -9.86
N THR A 50 13.21 9.47 -9.64
CA THR A 50 14.09 8.78 -10.57
C THR A 50 13.81 7.27 -10.72
N GLY A 51 12.94 6.68 -9.88
CA GLY A 51 12.64 5.27 -9.80
C GLY A 51 11.44 5.06 -8.88
N PRO A 52 11.03 3.82 -8.53
CA PRO A 52 9.83 3.61 -7.75
C PRO A 52 10.02 3.94 -6.28
N LYS A 53 11.21 3.72 -5.71
CA LYS A 53 11.50 3.73 -4.28
C LYS A 53 10.62 2.74 -3.52
N VAL A 54 9.37 3.13 -3.24
CA VAL A 54 8.38 2.35 -2.54
C VAL A 54 8.30 0.94 -3.12
N VAL A 55 8.09 0.84 -4.43
CA VAL A 55 7.87 -0.45 -5.09
C VAL A 55 9.14 -1.29 -5.00
N GLN A 56 10.31 -0.79 -5.42
CA GLN A 56 11.55 -1.56 -5.36
C GLN A 56 11.81 -2.09 -3.93
N SER A 57 11.40 -1.34 -2.90
CA SER A 57 11.41 -1.80 -1.53
C SER A 57 10.40 -2.91 -1.27
N LEU A 58 9.11 -2.60 -1.34
CA LEU A 58 8.04 -3.46 -0.85
C LEU A 58 8.07 -4.82 -1.57
N VAL A 59 8.36 -4.81 -2.87
CA VAL A 59 8.54 -5.99 -3.71
C VAL A 59 9.60 -6.94 -3.12
N SER A 60 10.66 -6.41 -2.51
CA SER A 60 11.68 -7.23 -1.86
C SER A 60 11.15 -7.94 -0.59
N LYS A 61 9.98 -7.57 -0.07
CA LYS A 61 9.35 -8.30 1.03
C LYS A 61 8.11 -9.03 0.51
N GLY A 62 8.15 -9.58 -0.70
CA GLY A 62 7.09 -10.45 -1.24
C GLY A 62 5.69 -9.82 -1.20
N VAL A 63 5.59 -8.50 -1.23
CA VAL A 63 4.33 -7.79 -1.14
C VAL A 63 3.57 -7.96 -2.44
N GLU A 64 2.66 -8.92 -2.46
CA GLU A 64 1.86 -9.19 -3.65
C GLU A 64 0.44 -8.66 -3.51
N TYR A 65 0.28 -7.53 -2.85
CA TYR A 65 -0.98 -7.06 -2.31
C TYR A 65 -0.78 -5.67 -1.72
N LEU A 66 -1.82 -4.85 -1.71
CA LEU A 66 -1.79 -3.48 -1.23
C LEU A 66 -3.22 -3.04 -0.90
N ILE A 67 -3.39 -2.08 0.00
CA ILE A 67 -4.66 -1.45 0.33
C ILE A 67 -4.43 0.05 0.20
N ALA A 68 -4.90 0.68 -0.87
CA ALA A 68 -4.62 2.08 -1.19
C ALA A 68 -5.64 2.58 -2.22
N SER A 69 -6.59 3.39 -1.79
CA SER A 69 -7.63 3.93 -2.69
C SER A 69 -7.11 4.81 -3.82
N ASN A 70 -5.86 5.25 -3.79
CA ASN A 70 -5.30 6.02 -4.89
C ASN A 70 -3.79 5.88 -4.87
N VAL A 71 -3.12 6.55 -5.78
CA VAL A 71 -1.68 6.55 -5.93
C VAL A 71 -1.24 8.00 -6.07
N GLY A 72 0.07 8.21 -5.92
CA GLY A 72 0.71 9.50 -6.15
C GLY A 72 0.45 9.95 -7.59
N ARG A 73 0.73 9.06 -8.55
CA ARG A 73 0.60 9.14 -10.01
C ARG A 73 1.34 7.94 -10.58
N ASN A 74 2.65 8.07 -10.85
CA ASN A 74 3.49 6.92 -11.17
C ASN A 74 3.48 6.00 -9.96
N ALA A 75 3.42 4.69 -10.23
CA ALA A 75 3.77 3.52 -9.41
C ALA A 75 2.95 2.32 -9.86
N PHE A 76 1.74 2.58 -10.36
CA PHE A 76 0.73 1.59 -10.75
C PHE A 76 1.30 0.55 -11.69
N GLU A 77 2.09 1.01 -12.65
CA GLU A 77 2.73 0.19 -13.68
C GLU A 77 3.82 -0.67 -13.04
N THR A 78 4.52 -0.14 -12.03
CA THR A 78 5.56 -0.85 -11.30
C THR A 78 4.94 -1.87 -10.34
N LEU A 79 3.66 -1.71 -9.95
CA LEU A 79 2.95 -2.67 -9.11
C LEU A 79 2.70 -3.94 -9.91
N LYS A 80 1.92 -3.83 -10.97
CA LYS A 80 1.56 -4.94 -11.83
C LYS A 80 2.75 -5.61 -12.49
N ALA A 81 3.82 -4.86 -12.74
CA ALA A 81 5.13 -5.38 -13.15
C ALA A 81 5.58 -6.54 -12.26
N ALA A 82 5.34 -6.45 -10.94
CA ALA A 82 5.64 -7.52 -9.98
C ALA A 82 4.36 -8.18 -9.47
N GLY A 83 3.36 -8.34 -10.33
CA GLY A 83 2.06 -8.92 -10.03
C GLY A 83 1.38 -8.48 -8.74
N VAL A 84 1.63 -7.25 -8.28
CA VAL A 84 1.18 -6.82 -6.98
C VAL A 84 -0.30 -6.47 -7.06
N LYS A 85 -1.11 -7.06 -6.19
CA LYS A 85 -2.53 -6.78 -6.12
C LYS A 85 -2.74 -5.47 -5.37
N VAL A 86 -3.87 -4.81 -5.55
CA VAL A 86 -4.14 -3.48 -4.99
C VAL A 86 -5.63 -3.42 -4.67
N TYR A 87 -5.99 -2.93 -3.49
CA TYR A 87 -7.36 -2.73 -3.01
C TYR A 87 -7.63 -1.25 -2.78
N ARG A 88 -8.90 -0.89 -2.70
CA ARG A 88 -9.43 0.40 -2.25
C ARG A 88 -9.41 0.42 -0.73
N PHE A 89 -9.31 1.60 -0.12
CA PHE A 89 -9.59 1.89 1.30
C PHE A 89 -10.15 3.32 1.36
N GLU A 90 -11.26 3.66 1.99
CA GLU A 90 -11.91 4.96 1.75
C GLU A 90 -12.16 5.71 3.06
N GLY A 91 -11.17 5.62 3.95
CA GLY A 91 -11.06 6.38 5.20
C GLY A 91 -11.00 5.44 6.39
N GLY A 92 -10.04 5.64 7.32
CA GLY A 92 -9.67 4.64 8.30
C GLY A 92 -8.23 4.77 8.79
N THR A 93 -7.92 4.13 9.92
CA THR A 93 -6.57 3.88 10.41
C THR A 93 -6.02 2.59 9.83
N VAL A 94 -4.73 2.28 10.00
CA VAL A 94 -4.09 1.09 9.46
C VAL A 94 -4.99 -0.13 9.68
N GLN A 95 -5.51 -0.30 10.89
CA GLN A 95 -6.36 -1.41 11.25
C GLN A 95 -7.61 -1.55 10.39
N GLU A 96 -8.23 -0.44 9.99
CA GLU A 96 -9.46 -0.40 9.22
C GLU A 96 -9.19 -0.96 7.84
N ALA A 97 -8.09 -0.55 7.20
CA ALA A 97 -7.67 -1.11 5.92
C ALA A 97 -7.62 -2.64 5.95
N ILE A 98 -7.34 -3.26 7.10
CA ILE A 98 -7.15 -4.70 7.24
C ILE A 98 -8.47 -5.29 7.64
N ASP A 99 -9.10 -4.77 8.69
CA ASP A 99 -10.34 -5.30 9.21
C ASP A 99 -11.34 -5.30 8.06
N ALA A 100 -11.33 -4.21 7.29
CA ALA A 100 -12.28 -4.04 6.21
C ALA A 100 -11.97 -5.05 5.10
N PHE A 101 -10.72 -5.15 4.66
CA PHE A 101 -10.27 -6.15 3.67
C PHE A 101 -10.62 -7.57 4.12
N SER A 102 -10.34 -7.87 5.38
CA SER A 102 -10.40 -9.19 5.95
C SER A 102 -11.84 -9.66 6.01
N GLU A 103 -12.76 -8.71 6.19
CA GLU A 103 -14.18 -8.94 6.16
C GLU A 103 -14.74 -8.40 4.86
N GLY A 104 -13.98 -8.55 3.76
CA GLY A 104 -14.38 -8.28 2.39
C GLY A 104 -15.05 -6.94 2.12
N ARG A 105 -15.05 -5.99 3.05
CA ARG A 105 -15.71 -4.70 2.92
C ARG A 105 -14.82 -3.70 2.20
N LEU A 106 -14.03 -4.13 1.22
CA LEU A 106 -13.21 -3.23 0.43
C LEU A 106 -13.27 -3.72 -1.03
N GLU A 107 -12.66 -2.97 -1.94
CA GLU A 107 -12.73 -3.24 -3.37
C GLU A 107 -11.34 -3.61 -3.85
N GLU A 108 -11.22 -4.27 -4.99
CA GLU A 108 -9.97 -4.34 -5.71
C GLU A 108 -9.88 -2.99 -6.44
N LEU A 109 -8.70 -2.38 -6.44
CA LEU A 109 -8.39 -1.17 -7.17
C LEU A 109 -7.24 -1.48 -8.13
N THR A 110 -7.44 -2.44 -9.03
CA THR A 110 -6.38 -2.87 -9.93
C THR A 110 -6.64 -2.30 -11.34
N THR A 111 -7.16 -1.07 -11.39
CA THR A 111 -7.64 -0.44 -12.61
C THR A 111 -7.94 1.01 -12.28
N PHE A 112 -6.93 1.88 -12.41
CA PHE A 112 -7.10 3.31 -12.23
C PHE A 112 -7.72 3.92 -13.47
N THR A 113 -8.31 5.10 -13.28
CA THR A 113 -9.12 5.84 -14.26
C THR A 113 -8.70 7.31 -14.22
N ARG A 114 -7.38 7.52 -14.21
CA ARG A 114 -6.72 8.79 -14.00
C ARG A 114 -6.02 9.18 -15.28
N GLU A 115 -6.68 10.03 -16.04
CA GLU A 115 -6.18 10.48 -17.32
C GLU A 115 -5.14 11.58 -17.10
N GLY A 116 -3.87 11.17 -17.07
CA GLY A 116 -2.73 12.04 -16.82
C GLY A 116 -2.43 12.05 -15.34
N MET A 1 -0.04 -17.37 1.38
CA MET A 1 0.83 -16.28 1.86
C MET A 1 0.58 -15.04 1.00
N ALA A 2 0.07 -13.94 1.56
CA ALA A 2 -0.23 -12.74 0.79
C ALA A 2 0.04 -11.46 1.56
N ARG A 3 1.26 -10.93 1.37
CA ARG A 3 1.73 -9.78 2.13
C ARG A 3 1.13 -8.52 1.57
N VAL A 4 0.30 -7.86 2.36
CA VAL A 4 -0.39 -6.63 1.99
C VAL A 4 0.40 -5.48 2.59
N ALA A 5 0.64 -4.39 1.85
CA ALA A 5 1.50 -3.32 2.36
C ALA A 5 0.67 -2.06 2.53
N ILE A 6 0.16 -1.78 3.72
CA ILE A 6 -0.81 -0.70 3.90
C ILE A 6 -0.05 0.62 4.07
N PRO A 7 -0.43 1.69 3.36
CA PRO A 7 0.11 3.03 3.49
C PRO A 7 -0.40 3.66 4.78
N SER A 8 0.48 4.33 5.51
CA SER A 8 0.21 4.93 6.79
C SER A 8 0.89 6.31 6.83
N VAL A 9 0.52 7.12 7.81
CA VAL A 9 1.29 8.31 8.20
C VAL A 9 1.67 8.20 9.68
N GLY A 10 2.04 7.01 10.14
CA GLY A 10 2.74 6.80 11.40
C GLY A 10 3.23 5.36 11.51
N LYS A 11 4.09 5.12 12.49
CA LYS A 11 4.77 3.85 12.74
C LYS A 11 3.94 3.04 13.74
N ASP A 12 2.62 3.01 13.59
CA ASP A 12 1.71 2.34 14.52
C ASP A 12 0.49 1.84 13.75
N LEU A 13 -0.08 0.75 14.23
CA LEU A 13 -1.19 0.01 13.60
C LEU A 13 -2.52 0.76 13.72
N SER A 14 -2.60 1.80 14.54
CA SER A 14 -3.75 2.67 14.50
C SER A 14 -3.38 4.07 14.03
N SER A 15 -2.45 4.17 13.09
CA SER A 15 -2.17 5.44 12.46
C SER A 15 -3.12 5.63 11.28
N MET A 16 -3.19 6.82 10.69
CA MET A 16 -4.12 7.11 9.62
C MET A 16 -3.60 6.53 8.31
N VAL A 17 -4.47 5.85 7.54
CA VAL A 17 -4.13 5.37 6.20
C VAL A 17 -4.24 6.55 5.22
N SER A 18 -3.17 6.70 4.44
CA SER A 18 -2.94 7.81 3.51
C SER A 18 -3.74 7.57 2.23
N ASP A 19 -4.12 8.62 1.48
CA ASP A 19 -4.96 8.42 0.29
C ASP A 19 -4.10 8.39 -1.00
N ARG A 20 -2.90 7.81 -0.97
CA ARG A 20 -1.90 7.95 -2.02
C ARG A 20 -0.78 6.93 -1.83
N PHE A 21 -0.80 5.80 -2.57
CA PHE A 21 0.17 4.73 -2.37
C PHE A 21 1.60 5.27 -2.34
N ALA A 22 2.06 5.83 -3.47
CA ALA A 22 3.46 6.20 -3.61
C ALA A 22 3.70 7.61 -3.05
N ARG A 23 2.87 8.06 -2.11
CA ARG A 23 3.10 9.23 -1.29
C ARG A 23 2.69 8.91 0.16
N ALA A 24 2.98 7.70 0.63
CA ALA A 24 2.56 7.32 1.97
C ALA A 24 3.82 7.13 2.79
N GLU A 25 3.83 7.70 4.00
CA GLU A 25 5.05 7.93 4.75
C GLU A 25 5.58 6.68 5.44
N TYR A 26 4.71 5.73 5.74
CA TYR A 26 5.05 4.45 6.33
C TYR A 26 4.27 3.37 5.59
N PHE A 27 4.86 2.18 5.48
CA PHE A 27 4.24 1.04 4.83
C PHE A 27 4.28 -0.11 5.82
N ILE A 28 3.12 -0.70 6.09
CA ILE A 28 2.91 -1.65 7.15
C ILE A 28 2.62 -2.98 6.45
N ILE A 29 3.57 -3.91 6.41
CA ILE A 29 3.46 -5.14 5.64
C ILE A 29 2.87 -6.22 6.54
N TYR A 30 1.58 -6.45 6.44
CA TYR A 30 0.90 -7.53 7.14
C TYR A 30 1.10 -8.81 6.33
N ASP A 31 1.76 -9.78 6.94
CA ASP A 31 1.96 -11.13 6.45
C ASP A 31 0.72 -11.98 6.74
N THR A 32 0.04 -12.51 5.71
CA THR A 32 -1.15 -13.33 5.97
C THR A 32 -0.80 -14.83 6.12
N GLU A 33 0.42 -15.12 6.58
CA GLU A 33 0.71 -16.37 7.27
C GLU A 33 0.67 -15.98 8.71
N SER A 34 1.80 -15.51 9.25
CA SER A 34 1.91 -15.64 10.69
C SER A 34 1.46 -14.36 11.37
N GLY A 35 0.45 -13.69 10.82
CA GLY A 35 0.09 -12.29 11.11
C GLY A 35 1.28 -11.44 11.55
N ASN A 36 2.47 -11.62 10.96
CA ASN A 36 3.59 -10.73 11.23
C ASN A 36 3.21 -9.39 10.63
N VAL A 37 3.81 -8.34 11.16
CA VAL A 37 3.80 -7.03 10.56
C VAL A 37 5.26 -6.54 10.51
N GLU A 38 5.48 -5.46 9.80
CA GLU A 38 6.76 -4.80 9.60
C GLU A 38 6.42 -3.35 9.29
N VAL A 39 7.18 -2.37 9.78
CA VAL A 39 6.98 -0.96 9.46
C VAL A 39 8.19 -0.50 8.65
N VAL A 40 7.97 -0.28 7.36
CA VAL A 40 8.83 0.50 6.50
C VAL A 40 8.49 1.97 6.77
N GLU A 41 9.52 2.80 6.69
CA GLU A 41 9.51 4.24 6.62
C GLU A 41 9.96 4.56 5.18
N ASN A 42 9.26 5.47 4.49
CA ASN A 42 9.54 5.82 3.10
C ASN A 42 9.06 7.25 2.84
N THR A 43 9.99 8.16 2.61
CA THR A 43 9.79 9.59 2.84
C THR A 43 9.88 10.36 1.53
N ILE A 44 9.07 9.97 0.55
CA ILE A 44 9.15 10.43 -0.82
C ILE A 44 8.53 11.82 -0.97
N ALA A 45 9.33 12.89 -0.99
CA ALA A 45 8.84 14.26 -1.05
C ALA A 45 9.46 15.04 -2.22
N ASP A 46 9.63 14.40 -3.37
CA ASP A 46 10.29 14.95 -4.56
C ASP A 46 9.85 14.13 -5.78
N ALA A 47 9.72 14.76 -6.95
CA ALA A 47 9.04 14.18 -8.11
C ALA A 47 10.02 13.79 -9.24
N HIS A 48 11.20 13.26 -8.90
CA HIS A 48 12.25 12.96 -9.86
C HIS A 48 12.75 11.54 -9.63
N GLY A 49 11.97 10.55 -10.10
CA GLY A 49 12.13 9.14 -9.85
C GLY A 49 12.18 8.34 -11.16
N THR A 50 13.38 7.93 -11.56
CA THR A 50 13.61 7.08 -12.74
C THR A 50 13.34 5.58 -12.45
N GLY A 51 13.17 5.21 -11.19
CA GLY A 51 12.79 3.87 -10.75
C GLY A 51 11.90 3.95 -9.51
N PRO A 52 11.26 2.84 -9.13
CA PRO A 52 10.11 2.86 -8.24
C PRO A 52 10.46 3.13 -6.80
N LYS A 53 11.62 2.66 -6.34
CA LYS A 53 12.19 2.93 -5.03
C LYS A 53 11.34 2.38 -3.87
N VAL A 54 10.13 2.91 -3.64
CA VAL A 54 9.14 2.36 -2.73
C VAL A 54 8.86 0.91 -3.12
N VAL A 55 8.35 0.71 -4.34
CA VAL A 55 7.94 -0.57 -4.89
C VAL A 55 9.12 -1.52 -4.88
N GLN A 56 10.32 -1.11 -5.29
CA GLN A 56 11.53 -1.93 -5.17
C GLN A 56 11.63 -2.58 -3.77
N SER A 57 11.55 -1.80 -2.70
CA SER A 57 11.67 -2.32 -1.33
C SER A 57 10.50 -3.22 -0.93
N LEU A 58 9.26 -2.83 -1.24
CA LEU A 58 8.10 -3.60 -0.82
C LEU A 58 8.07 -4.95 -1.56
N VAL A 59 8.39 -4.94 -2.84
CA VAL A 59 8.58 -6.10 -3.68
C VAL A 59 9.72 -6.97 -3.13
N SER A 60 10.77 -6.39 -2.55
CA SER A 60 11.79 -7.15 -1.84
C SER A 60 11.27 -7.83 -0.56
N LYS A 61 10.12 -7.45 -0.03
CA LYS A 61 9.44 -8.17 1.05
C LYS A 61 8.24 -8.94 0.48
N GLY A 62 8.38 -9.49 -0.73
CA GLY A 62 7.37 -10.33 -1.37
C GLY A 62 5.94 -9.80 -1.26
N VAL A 63 5.75 -8.48 -1.27
CA VAL A 63 4.44 -7.88 -1.15
C VAL A 63 3.72 -8.04 -2.48
N GLU A 64 2.74 -8.94 -2.56
CA GLU A 64 1.93 -9.08 -3.77
C GLU A 64 0.52 -8.54 -3.54
N TYR A 65 0.36 -7.48 -2.74
CA TYR A 65 -0.94 -7.12 -2.19
C TYR A 65 -0.82 -5.71 -1.57
N LEU A 66 -1.90 -4.95 -1.52
CA LEU A 66 -1.86 -3.54 -1.16
C LEU A 66 -3.28 -3.05 -0.87
N ILE A 67 -3.44 -2.13 0.09
CA ILE A 67 -4.70 -1.49 0.46
C ILE A 67 -4.44 0.01 0.37
N ALA A 68 -4.84 0.68 -0.70
CA ALA A 68 -4.40 2.05 -0.97
C ALA A 68 -5.32 2.73 -1.96
N SER A 69 -6.30 3.47 -1.49
CA SER A 69 -7.36 4.19 -2.22
C SER A 69 -7.08 4.73 -3.63
N ASN A 70 -5.84 5.13 -3.95
CA ASN A 70 -5.37 5.59 -5.24
C ASN A 70 -3.84 5.50 -5.18
N VAL A 71 -3.16 5.96 -6.22
CA VAL A 71 -1.72 5.97 -6.31
C VAL A 71 -1.23 7.43 -6.44
N GLY A 72 0.03 7.67 -6.07
CA GLY A 72 0.68 8.98 -6.20
C GLY A 72 0.81 9.46 -7.65
N ARG A 73 0.82 8.51 -8.60
CA ARG A 73 0.72 8.48 -10.07
C ARG A 73 1.64 7.34 -10.55
N ASN A 74 2.81 7.62 -11.12
CA ASN A 74 3.78 6.60 -11.52
C ASN A 74 4.14 5.72 -10.33
N ALA A 75 3.86 4.42 -10.44
CA ALA A 75 4.12 3.29 -9.54
C ALA A 75 3.12 2.17 -9.75
N PHE A 76 1.86 2.47 -10.13
CA PHE A 76 0.81 1.46 -10.35
C PHE A 76 1.25 0.40 -11.35
N GLU A 77 2.01 0.81 -12.35
CA GLU A 77 2.56 -0.01 -13.42
C GLU A 77 3.59 -1.00 -12.87
N THR A 78 4.28 -0.61 -11.81
CA THR A 78 5.33 -1.37 -11.16
C THR A 78 4.78 -2.22 -10.01
N LEU A 79 3.54 -1.96 -9.57
CA LEU A 79 2.83 -2.87 -8.68
C LEU A 79 2.55 -4.13 -9.48
N LYS A 80 1.69 -4.05 -10.49
CA LYS A 80 1.32 -5.17 -11.35
C LYS A 80 2.49 -5.90 -11.97
N ALA A 81 3.60 -5.21 -12.23
CA ALA A 81 4.83 -5.84 -12.68
C ALA A 81 5.26 -7.02 -11.78
N ALA A 82 4.94 -6.99 -10.48
CA ALA A 82 5.23 -8.05 -9.53
C ALA A 82 3.93 -8.74 -9.06
N GLY A 83 2.96 -8.92 -9.94
CA GLY A 83 1.70 -9.61 -9.66
C GLY A 83 0.80 -8.98 -8.59
N VAL A 84 1.05 -7.73 -8.22
CA VAL A 84 0.60 -7.17 -6.95
C VAL A 84 -0.87 -6.78 -7.04
N LYS A 85 -1.68 -7.34 -6.13
CA LYS A 85 -3.09 -7.01 -6.00
C LYS A 85 -3.18 -5.69 -5.23
N VAL A 86 -4.27 -4.96 -5.39
CA VAL A 86 -4.40 -3.58 -4.91
C VAL A 86 -5.88 -3.38 -4.58
N TYR A 87 -6.15 -2.72 -3.46
CA TYR A 87 -7.50 -2.44 -3.01
C TYR A 87 -7.73 -0.95 -2.86
N ARG A 88 -8.99 -0.55 -2.95
CA ARG A 88 -9.43 0.75 -2.46
C ARG A 88 -9.59 0.59 -0.96
N PHE A 89 -9.37 1.67 -0.20
CA PHE A 89 -9.97 1.86 1.11
C PHE A 89 -10.61 3.26 1.08
N GLU A 90 -11.43 3.62 2.05
CA GLU A 90 -11.72 5.03 2.28
C GLU A 90 -11.85 5.29 3.79
N GLY A 91 -10.96 6.11 4.32
CA GLY A 91 -11.08 6.78 5.60
C GLY A 91 -11.11 5.82 6.79
N GLY A 92 -9.93 5.52 7.31
CA GLY A 92 -9.70 4.54 8.36
C GLY A 92 -8.24 4.63 8.79
N THR A 93 -7.91 4.03 9.91
CA THR A 93 -6.55 3.80 10.33
C THR A 93 -5.99 2.55 9.65
N VAL A 94 -4.71 2.23 9.91
CA VAL A 94 -4.07 1.03 9.40
C VAL A 94 -4.93 -0.20 9.69
N GLN A 95 -5.49 -0.37 10.90
CA GLN A 95 -6.36 -1.52 11.16
C GLN A 95 -7.61 -1.58 10.28
N GLU A 96 -8.24 -0.46 9.97
CA GLU A 96 -9.50 -0.38 9.25
C GLU A 96 -9.28 -0.85 7.83
N ALA A 97 -8.15 -0.47 7.21
CA ALA A 97 -7.76 -1.06 5.95
C ALA A 97 -7.81 -2.60 5.99
N ILE A 98 -7.49 -3.24 7.11
CA ILE A 98 -7.35 -4.69 7.25
C ILE A 98 -8.70 -5.29 7.59
N ASP A 99 -9.34 -4.79 8.63
CA ASP A 99 -10.63 -5.23 9.16
C ASP A 99 -11.68 -5.05 8.08
N ALA A 100 -11.48 -4.07 7.18
CA ALA A 100 -12.36 -3.90 6.04
C ALA A 100 -11.99 -4.95 5.00
N PHE A 101 -10.73 -4.97 4.54
CA PHE A 101 -10.27 -5.87 3.48
C PHE A 101 -10.56 -7.33 3.78
N SER A 102 -10.17 -7.77 4.98
CA SER A 102 -10.14 -9.17 5.36
C SER A 102 -11.55 -9.72 5.32
N GLU A 103 -12.50 -8.97 5.87
CA GLU A 103 -13.89 -9.34 5.88
C GLU A 103 -14.57 -8.78 4.62
N GLY A 104 -13.83 -8.80 3.51
CA GLY A 104 -14.24 -8.53 2.16
C GLY A 104 -14.93 -7.20 1.91
N ARG A 105 -14.85 -6.21 2.80
CA ARG A 105 -15.53 -4.93 2.60
C ARG A 105 -14.69 -3.91 1.85
N LEU A 106 -13.89 -4.29 0.84
CA LEU A 106 -13.11 -3.33 0.08
C LEU A 106 -13.16 -3.65 -1.41
N GLU A 107 -12.73 -2.71 -2.25
CA GLU A 107 -12.81 -2.83 -3.70
C GLU A 107 -11.47 -3.30 -4.22
N GLU A 108 -11.44 -4.07 -5.30
CA GLU A 108 -10.21 -4.56 -5.90
C GLU A 108 -9.81 -3.59 -7.00
N LEU A 109 -9.14 -2.51 -6.59
CA LEU A 109 -8.85 -1.37 -7.44
C LEU A 109 -7.66 -1.69 -8.35
N THR A 110 -7.86 -2.53 -9.36
CA THR A 110 -6.76 -3.12 -10.12
C THR A 110 -6.81 -2.63 -11.57
N THR A 111 -7.18 -1.36 -11.75
CA THR A 111 -7.56 -0.73 -13.01
C THR A 111 -8.15 0.63 -12.62
N PHE A 112 -7.29 1.64 -12.57
CA PHE A 112 -7.65 3.01 -12.27
C PHE A 112 -6.56 3.91 -12.82
N THR A 113 -6.88 5.19 -12.88
CA THR A 113 -5.99 6.29 -13.19
C THR A 113 -6.45 7.46 -12.29
N ARG A 114 -6.19 8.71 -12.69
CA ARG A 114 -6.61 9.92 -11.99
C ARG A 114 -6.98 10.92 -13.05
N GLU A 115 -8.04 11.69 -12.82
CA GLU A 115 -8.37 12.80 -13.70
C GLU A 115 -8.77 14.08 -12.94
N GLY A 116 -8.13 14.36 -11.81
CA GLY A 116 -8.44 15.49 -10.95
C GLY A 116 -8.78 14.92 -9.60
N MET A 1 -0.83 -17.64 2.67
CA MET A 1 0.27 -16.79 2.15
C MET A 1 -0.28 -15.55 1.49
N ALA A 2 0.33 -14.40 1.78
CA ALA A 2 0.17 -13.10 1.14
C ALA A 2 0.69 -12.02 2.06
N ARG A 3 1.36 -11.03 1.48
CA ARG A 3 1.70 -9.81 2.18
C ARG A 3 1.01 -8.63 1.54
N VAL A 4 0.37 -7.81 2.37
CA VAL A 4 -0.53 -6.73 1.97
C VAL A 4 0.06 -5.45 2.53
N ALA A 5 0.31 -4.43 1.69
CA ALA A 5 1.04 -3.25 2.16
C ALA A 5 0.01 -2.17 2.39
N ILE A 6 0.10 -1.42 3.47
CA ILE A 6 -0.87 -0.37 3.75
C ILE A 6 -0.11 0.95 3.88
N PRO A 7 -0.38 1.91 2.98
CA PRO A 7 0.23 3.21 2.95
C PRO A 7 -0.25 3.95 4.19
N SER A 8 0.65 4.22 5.12
CA SER A 8 0.40 4.82 6.42
C SER A 8 1.08 6.19 6.43
N VAL A 9 0.78 7.02 7.43
CA VAL A 9 1.56 8.21 7.75
C VAL A 9 1.98 8.17 9.23
N GLY A 10 2.32 6.99 9.74
CA GLY A 10 2.95 6.83 11.04
C GLY A 10 3.49 5.41 11.23
N LYS A 11 4.32 5.20 12.25
CA LYS A 11 4.91 3.90 12.54
C LYS A 11 4.00 3.09 13.46
N ASP A 12 2.69 3.17 13.24
CA ASP A 12 1.67 2.60 14.12
C ASP A 12 0.60 1.92 13.27
N LEU A 13 -0.05 0.95 13.86
CA LEU A 13 -1.17 0.19 13.32
C LEU A 13 -2.47 0.99 13.51
N SER A 14 -2.43 2.01 14.37
CA SER A 14 -3.47 2.99 14.55
C SER A 14 -2.94 4.35 14.06
N SER A 15 -2.17 4.37 12.97
CA SER A 15 -1.88 5.59 12.25
C SER A 15 -3.05 5.86 11.30
N MET A 16 -3.10 6.99 10.61
CA MET A 16 -4.02 7.14 9.48
C MET A 16 -3.43 6.46 8.24
N VAL A 17 -4.27 5.80 7.45
CA VAL A 17 -3.93 5.33 6.11
C VAL A 17 -3.88 6.53 5.16
N SER A 18 -3.05 6.47 4.13
CA SER A 18 -2.76 7.56 3.20
C SER A 18 -3.52 7.30 1.90
N ASP A 19 -4.14 8.34 1.34
CA ASP A 19 -5.02 8.20 0.19
C ASP A 19 -4.23 8.12 -1.12
N ARG A 20 -3.08 7.47 -1.09
CA ARG A 20 -2.04 7.59 -2.10
C ARG A 20 -1.01 6.56 -1.73
N PHE A 21 -0.88 5.51 -2.53
CA PHE A 21 0.20 4.57 -2.36
C PHE A 21 1.56 5.20 -2.59
N ALA A 22 1.76 5.80 -3.76
CA ALA A 22 3.07 6.33 -4.14
C ALA A 22 3.44 7.59 -3.35
N ARG A 23 2.58 8.06 -2.44
CA ARG A 23 2.84 9.04 -1.44
C ARG A 23 2.24 8.53 -0.12
N ALA A 24 2.92 7.58 0.52
CA ALA A 24 2.71 7.29 1.93
C ALA A 24 4.07 7.46 2.63
N GLU A 25 4.07 7.51 3.96
CA GLU A 25 5.29 7.70 4.72
C GLU A 25 5.79 6.46 5.44
N TYR A 26 4.95 5.45 5.60
CA TYR A 26 5.23 4.19 6.20
C TYR A 26 4.38 3.19 5.39
N PHE A 27 4.79 1.93 5.34
CA PHE A 27 4.11 0.84 4.66
C PHE A 27 4.04 -0.32 5.62
N ILE A 28 2.89 -0.48 6.27
CA ILE A 28 2.68 -1.50 7.28
C ILE A 28 2.43 -2.78 6.50
N ILE A 29 3.44 -3.66 6.42
CA ILE A 29 3.40 -4.90 5.65
C ILE A 29 2.86 -5.95 6.59
N TYR A 30 1.59 -6.32 6.42
CA TYR A 30 1.03 -7.46 7.12
C TYR A 30 1.37 -8.72 6.33
N ASP A 31 1.59 -9.84 7.02
CA ASP A 31 1.93 -11.15 6.49
C ASP A 31 0.89 -12.19 6.89
N THR A 32 0.13 -12.76 5.96
CA THR A 32 -0.96 -13.67 6.29
C THR A 32 -0.50 -15.09 6.64
N GLU A 33 0.79 -15.27 6.89
CA GLU A 33 1.32 -16.60 7.20
C GLU A 33 1.52 -16.79 8.67
N SER A 34 1.87 -15.74 9.40
CA SER A 34 1.66 -15.79 10.83
C SER A 34 1.22 -14.42 11.35
N GLY A 35 0.42 -13.69 10.57
CA GLY A 35 -0.21 -12.44 10.97
C GLY A 35 0.81 -11.46 11.55
N ASN A 36 2.03 -11.53 11.01
CA ASN A 36 3.18 -10.74 11.41
C ASN A 36 3.05 -9.39 10.73
N VAL A 37 3.70 -8.36 11.26
CA VAL A 37 3.68 -7.04 10.64
C VAL A 37 5.07 -6.42 10.69
N GLU A 38 5.38 -5.58 9.71
CA GLU A 38 6.57 -4.75 9.66
C GLU A 38 6.16 -3.32 9.40
N VAL A 39 6.85 -2.37 10.05
CA VAL A 39 6.82 -0.97 9.65
C VAL A 39 8.03 -0.74 8.74
N VAL A 40 7.80 -0.53 7.46
CA VAL A 40 8.76 0.10 6.56
C VAL A 40 8.71 1.61 6.77
N GLU A 41 9.82 2.32 6.55
CA GLU A 41 9.96 3.75 6.81
C GLU A 41 10.28 4.36 5.46
N ASN A 42 9.42 5.24 4.95
CA ASN A 42 9.45 5.73 3.59
C ASN A 42 9.26 7.21 3.66
N THR A 43 10.31 7.99 3.82
CA THR A 43 10.21 9.42 4.02
C THR A 43 9.98 10.13 2.66
N ILE A 44 8.88 9.81 1.94
CA ILE A 44 8.71 10.22 0.55
C ILE A 44 7.98 11.56 0.55
N ALA A 45 8.20 12.37 -0.49
CA ALA A 45 7.57 13.67 -0.67
C ALA A 45 7.04 13.83 -2.09
N ASP A 46 6.31 14.91 -2.35
CA ASP A 46 5.59 15.17 -3.61
C ASP A 46 6.55 15.70 -4.68
N ALA A 47 7.31 14.77 -5.24
CA ALA A 47 8.14 14.95 -6.42
C ALA A 47 7.77 13.83 -7.38
N HIS A 48 8.15 13.97 -8.65
CA HIS A 48 8.05 12.89 -9.62
C HIS A 48 8.86 11.71 -9.08
N GLY A 49 10.14 11.95 -8.78
CA GLY A 49 10.99 11.06 -8.00
C GLY A 49 11.19 9.77 -8.77
N THR A 50 12.03 9.83 -9.79
CA THR A 50 12.09 8.82 -10.84
C THR A 50 12.45 7.42 -10.30
N GLY A 51 11.90 6.39 -10.92
CA GLY A 51 11.92 5.03 -10.41
C GLY A 51 10.84 4.88 -9.34
N PRO A 52 10.58 3.66 -8.85
CA PRO A 52 9.50 3.44 -7.90
C PRO A 52 9.86 3.87 -6.49
N LYS A 53 11.12 3.73 -6.05
CA LYS A 53 11.63 3.90 -4.67
C LYS A 53 10.91 3.07 -3.61
N VAL A 54 9.64 3.35 -3.34
CA VAL A 54 8.82 2.67 -2.37
C VAL A 54 8.66 1.21 -2.81
N VAL A 55 8.13 1.00 -4.01
CA VAL A 55 7.82 -0.29 -4.61
C VAL A 55 9.05 -1.17 -4.66
N GLN A 56 10.24 -0.67 -5.02
CA GLN A 56 11.42 -1.52 -5.13
C GLN A 56 11.64 -2.35 -3.83
N SER A 57 11.43 -1.72 -2.67
CA SER A 57 11.62 -2.32 -1.35
C SER A 57 10.46 -3.27 -1.05
N LEU A 58 9.22 -2.82 -1.21
CA LEU A 58 8.00 -3.58 -0.87
C LEU A 58 7.98 -4.89 -1.64
N VAL A 59 8.30 -4.82 -2.92
CA VAL A 59 8.48 -5.95 -3.82
C VAL A 59 9.50 -6.93 -3.26
N SER A 60 10.68 -6.45 -2.87
CA SER A 60 11.69 -7.32 -2.30
C SER A 60 11.20 -7.95 -0.98
N LYS A 61 10.26 -7.31 -0.27
CA LYS A 61 9.64 -7.85 0.95
C LYS A 61 8.36 -8.62 0.60
N GLY A 62 8.38 -9.35 -0.51
CA GLY A 62 7.38 -10.30 -0.97
C GLY A 62 5.93 -9.83 -0.87
N VAL A 63 5.65 -8.56 -1.11
CA VAL A 63 4.28 -8.04 -1.11
C VAL A 63 3.56 -8.53 -2.37
N GLU A 64 2.29 -8.96 -2.25
CA GLU A 64 1.45 -9.33 -3.40
C GLU A 64 0.05 -8.74 -3.26
N TYR A 65 -0.06 -7.54 -2.71
CA TYR A 65 -1.33 -6.94 -2.34
C TYR A 65 -1.02 -5.58 -1.75
N LEU A 66 -2.03 -4.73 -1.63
CA LEU A 66 -1.89 -3.36 -1.18
C LEU A 66 -3.28 -2.80 -0.99
N ILE A 67 -3.45 -1.90 -0.03
CA ILE A 67 -4.73 -1.30 0.33
C ILE A 67 -4.55 0.22 0.23
N ALA A 68 -5.01 0.85 -0.86
CA ALA A 68 -4.63 2.23 -1.20
C ALA A 68 -5.70 2.87 -2.06
N SER A 69 -6.35 3.92 -1.54
CA SER A 69 -7.53 4.51 -2.20
C SER A 69 -7.27 5.04 -3.62
N ASN A 70 -6.00 5.37 -3.91
CA ASN A 70 -5.54 6.05 -5.10
C ASN A 70 -4.02 5.83 -5.07
N VAL A 71 -3.34 6.26 -6.12
CA VAL A 71 -1.88 6.30 -6.17
C VAL A 71 -1.44 7.74 -6.40
N GLY A 72 -0.21 8.06 -6.03
CA GLY A 72 0.29 9.44 -6.11
C GLY A 72 0.45 9.85 -7.56
N ARG A 73 1.02 8.94 -8.37
CA ARG A 73 1.42 9.00 -9.79
C ARG A 73 2.25 7.73 -10.05
N ASN A 74 3.14 7.73 -11.05
CA ASN A 74 4.01 6.64 -11.53
C ASN A 74 4.31 5.56 -10.47
N ALA A 75 3.58 4.44 -10.51
CA ALA A 75 3.76 3.27 -9.65
C ALA A 75 2.93 2.06 -10.06
N PHE A 76 1.76 2.27 -10.66
CA PHE A 76 0.75 1.24 -10.91
C PHE A 76 1.29 0.08 -11.75
N GLU A 77 2.15 0.41 -12.69
CA GLU A 77 2.79 -0.54 -13.58
C GLU A 77 3.79 -1.36 -12.77
N THR A 78 4.53 -0.71 -11.86
CA THR A 78 5.47 -1.40 -10.98
C THR A 78 4.74 -2.37 -10.03
N LEU A 79 3.44 -2.13 -9.76
CA LEU A 79 2.63 -3.00 -8.91
C LEU A 79 2.42 -4.33 -9.61
N LYS A 80 1.67 -4.32 -10.70
CA LYS A 80 1.35 -5.51 -11.48
C LYS A 80 2.56 -6.26 -12.02
N ALA A 81 3.64 -5.54 -12.34
CA ALA A 81 4.92 -6.14 -12.69
C ALA A 81 5.28 -7.25 -11.69
N ALA A 82 5.15 -6.97 -10.40
CA ALA A 82 5.45 -7.93 -9.33
C ALA A 82 4.17 -8.56 -8.77
N GLY A 83 3.20 -8.83 -9.64
CA GLY A 83 1.91 -9.42 -9.30
C GLY A 83 1.15 -8.75 -8.15
N VAL A 84 1.38 -7.47 -7.88
CA VAL A 84 0.84 -6.85 -6.68
C VAL A 84 -0.60 -6.44 -6.94
N LYS A 85 -1.49 -7.00 -6.14
CA LYS A 85 -2.89 -6.60 -6.17
C LYS A 85 -3.01 -5.28 -5.41
N VAL A 86 -4.10 -4.54 -5.63
CA VAL A 86 -4.28 -3.22 -5.05
C VAL A 86 -5.77 -3.12 -4.74
N TYR A 87 -6.13 -2.59 -3.58
CA TYR A 87 -7.47 -2.42 -3.10
C TYR A 87 -7.77 -0.93 -2.91
N ARG A 88 -9.06 -0.59 -2.92
CA ARG A 88 -9.59 0.67 -2.46
C ARG A 88 -9.64 0.58 -0.94
N PHE A 89 -9.46 1.69 -0.26
CA PHE A 89 -9.93 1.92 1.09
C PHE A 89 -10.49 3.35 1.09
N GLU A 90 -11.33 3.74 2.05
CA GLU A 90 -11.86 5.11 2.07
C GLU A 90 -12.13 5.56 3.50
N GLY A 91 -11.08 6.09 4.15
CA GLY A 91 -11.14 6.65 5.50
C GLY A 91 -11.01 5.56 6.55
N GLY A 92 -9.91 5.56 7.30
CA GLY A 92 -9.58 4.54 8.28
C GLY A 92 -8.12 4.64 8.69
N THR A 93 -7.82 4.09 9.86
CA THR A 93 -6.45 3.92 10.34
C THR A 93 -5.84 2.64 9.75
N VAL A 94 -4.54 2.38 9.93
CA VAL A 94 -3.97 1.13 9.40
C VAL A 94 -4.83 -0.10 9.71
N GLN A 95 -5.42 -0.25 10.90
CA GLN A 95 -6.21 -1.43 11.23
C GLN A 95 -7.43 -1.62 10.35
N GLU A 96 -8.06 -0.52 9.93
CA GLU A 96 -9.30 -0.46 9.20
C GLU A 96 -9.06 -1.00 7.81
N ALA A 97 -7.98 -0.58 7.15
CA ALA A 97 -7.61 -1.11 5.85
C ALA A 97 -7.66 -2.65 5.86
N ILE A 98 -7.21 -3.28 6.94
CA ILE A 98 -7.05 -4.73 7.09
C ILE A 98 -8.39 -5.33 7.45
N ASP A 99 -9.02 -4.76 8.48
CA ASP A 99 -10.27 -5.21 9.04
C ASP A 99 -11.32 -5.18 7.95
N ALA A 100 -11.27 -4.14 7.13
CA ALA A 100 -12.18 -3.95 6.02
C ALA A 100 -11.82 -4.92 4.88
N PHE A 101 -10.55 -5.01 4.46
CA PHE A 101 -10.10 -5.93 3.42
C PHE A 101 -10.42 -7.39 3.76
N SER A 102 -10.05 -7.81 4.97
CA SER A 102 -10.04 -9.20 5.40
C SER A 102 -11.46 -9.75 5.40
N GLU A 103 -12.41 -8.93 5.83
CA GLU A 103 -13.81 -9.29 5.95
C GLU A 103 -14.58 -8.72 4.76
N GLY A 104 -13.93 -8.73 3.59
CA GLY A 104 -14.45 -8.41 2.28
C GLY A 104 -15.40 -7.21 2.28
N ARG A 105 -15.01 -6.13 2.94
CA ARG A 105 -15.63 -4.82 2.80
C ARG A 105 -14.63 -3.87 2.15
N LEU A 106 -13.83 -4.31 1.20
CA LEU A 106 -13.10 -3.41 0.33
C LEU A 106 -13.04 -4.02 -1.07
N GLU A 107 -12.59 -3.25 -2.06
CA GLU A 107 -12.71 -3.52 -3.48
C GLU A 107 -11.32 -3.62 -4.07
N GLU A 108 -11.09 -4.45 -5.10
CA GLU A 108 -9.82 -4.50 -5.81
C GLU A 108 -9.82 -3.30 -6.77
N LEU A 109 -8.89 -2.37 -6.55
CA LEU A 109 -8.70 -1.13 -7.30
C LEU A 109 -7.65 -1.38 -8.38
N THR A 110 -7.94 -2.33 -9.26
CA THR A 110 -7.00 -2.83 -10.26
C THR A 110 -7.08 -2.02 -11.56
N THR A 111 -7.22 -0.70 -11.41
CA THR A 111 -7.39 0.36 -12.38
C THR A 111 -8.02 1.52 -11.59
N PHE A 112 -7.92 2.73 -12.11
CA PHE A 112 -8.54 3.94 -11.60
C PHE A 112 -8.44 4.97 -12.71
N THR A 113 -9.24 6.01 -12.61
CA THR A 113 -9.28 7.07 -13.60
C THR A 113 -8.64 8.29 -12.97
N ARG A 114 -7.90 9.05 -13.77
CA ARG A 114 -7.39 10.34 -13.39
C ARG A 114 -7.37 11.17 -14.64
N GLU A 115 -8.02 12.32 -14.56
CA GLU A 115 -8.03 13.27 -15.64
C GLU A 115 -6.69 13.98 -15.55
N GLY A 116 -5.74 13.51 -16.35
CA GLY A 116 -4.40 14.03 -16.53
C GLY A 116 -3.92 13.58 -17.89
N MET A 1 -3.94 -15.43 1.14
CA MET A 1 -2.70 -15.20 1.87
C MET A 1 -1.75 -14.48 0.94
N ALA A 2 -1.46 -13.21 1.24
CA ALA A 2 -0.43 -12.42 0.59
C ALA A 2 -0.08 -11.25 1.51
N ARG A 3 1.15 -10.75 1.38
CA ARG A 3 1.65 -9.65 2.19
C ARG A 3 1.09 -8.35 1.65
N VAL A 4 0.35 -7.64 2.50
CA VAL A 4 -0.39 -6.45 2.07
C VAL A 4 0.29 -5.21 2.58
N ALA A 5 0.62 -4.28 1.69
CA ALA A 5 1.38 -3.12 2.11
C ALA A 5 0.33 -2.05 2.37
N ILE A 6 0.09 -1.65 3.62
CA ILE A 6 -0.87 -0.58 3.90
C ILE A 6 -0.06 0.73 4.01
N PRO A 7 -0.40 1.76 3.22
CA PRO A 7 0.24 3.05 3.20
C PRO A 7 -0.23 3.84 4.41
N SER A 8 0.65 4.09 5.35
CA SER A 8 0.39 4.86 6.56
C SER A 8 1.13 6.20 6.44
N VAL A 9 0.91 7.07 7.42
CA VAL A 9 1.70 8.28 7.64
C VAL A 9 2.07 8.39 9.13
N GLY A 10 2.39 7.26 9.75
CA GLY A 10 2.90 7.16 11.12
C GLY A 10 3.44 5.76 11.36
N LYS A 11 3.77 5.39 12.60
CA LYS A 11 4.38 4.10 12.94
C LYS A 11 3.62 3.42 14.08
N ASP A 12 2.37 3.07 13.78
CA ASP A 12 1.50 2.22 14.60
C ASP A 12 0.46 1.61 13.68
N LEU A 13 -0.06 0.46 14.07
CA LEU A 13 -1.17 -0.23 13.40
C LEU A 13 -2.45 0.58 13.49
N SER A 14 -2.48 1.60 14.33
CA SER A 14 -3.56 2.54 14.42
C SER A 14 -3.15 3.92 13.89
N SER A 15 -2.31 3.99 12.86
CA SER A 15 -1.99 5.27 12.21
C SER A 15 -2.91 5.49 11.01
N MET A 16 -2.98 6.68 10.43
CA MET A 16 -3.95 7.00 9.38
C MET A 16 -3.46 6.43 8.04
N VAL A 17 -4.38 5.80 7.30
CA VAL A 17 -4.11 5.29 5.95
C VAL A 17 -4.13 6.46 4.96
N SER A 18 -3.10 6.52 4.13
CA SER A 18 -2.87 7.59 3.16
C SER A 18 -3.72 7.35 1.92
N ASP A 19 -4.22 8.42 1.29
CA ASP A 19 -5.10 8.27 0.13
C ASP A 19 -4.28 8.16 -1.17
N ARG A 20 -3.13 7.50 -1.11
CA ARG A 20 -2.11 7.52 -2.14
C ARG A 20 -1.10 6.47 -1.70
N PHE A 21 -0.87 5.48 -2.54
CA PHE A 21 0.18 4.50 -2.28
C PHE A 21 1.56 5.11 -2.45
N ALA A 22 1.90 5.60 -3.64
CA ALA A 22 3.29 5.94 -3.91
C ALA A 22 3.76 7.13 -3.07
N ARG A 23 2.81 7.95 -2.61
CA ARG A 23 2.94 8.96 -1.58
C ARG A 23 2.27 8.44 -0.32
N ALA A 24 2.92 7.51 0.36
CA ALA A 24 2.67 7.26 1.76
C ALA A 24 4.04 7.19 2.42
N GLU A 25 4.10 7.38 3.73
CA GLU A 25 5.38 7.58 4.40
C GLU A 25 5.85 6.37 5.19
N TYR A 26 4.96 5.41 5.38
CA TYR A 26 5.28 4.22 6.11
C TYR A 26 4.48 3.11 5.46
N PHE A 27 5.03 1.90 5.41
CA PHE A 27 4.44 0.80 4.67
C PHE A 27 4.40 -0.41 5.58
N ILE A 28 3.20 -0.75 6.01
CA ILE A 28 2.94 -1.75 7.01
C ILE A 28 2.80 -3.04 6.21
N ILE A 29 3.67 -4.02 6.43
CA ILE A 29 3.72 -5.26 5.67
C ILE A 29 3.14 -6.33 6.57
N TYR A 30 1.86 -6.61 6.37
CA TYR A 30 1.09 -7.58 7.14
C TYR A 30 1.20 -8.92 6.43
N ASP A 31 1.94 -9.85 7.03
CA ASP A 31 2.09 -11.22 6.56
C ASP A 31 0.88 -12.02 6.99
N THR A 32 0.03 -12.43 6.04
CA THR A 32 -1.09 -13.32 6.31
C THR A 32 -0.60 -14.77 6.44
N GLU A 33 0.36 -15.05 7.32
CA GLU A 33 0.79 -16.38 7.68
C GLU A 33 0.93 -16.54 9.15
N SER A 34 1.45 -15.51 9.82
CA SER A 34 1.47 -15.58 11.25
C SER A 34 1.23 -14.21 11.89
N GLY A 35 0.36 -13.39 11.29
CA GLY A 35 -0.06 -12.07 11.78
C GLY A 35 1.10 -11.11 12.12
N ASN A 36 2.32 -11.40 11.65
CA ASN A 36 3.48 -10.57 11.92
C ASN A 36 3.49 -9.41 10.93
N VAL A 37 3.75 -8.23 11.45
CA VAL A 37 3.71 -6.99 10.73
C VAL A 37 5.12 -6.37 10.75
N GLU A 38 5.41 -5.46 9.83
CA GLU A 38 6.63 -4.67 9.81
C GLU A 38 6.24 -3.26 9.39
N VAL A 39 6.72 -2.23 10.08
CA VAL A 39 6.65 -0.85 9.64
C VAL A 39 7.91 -0.53 8.84
N VAL A 40 7.79 -0.34 7.53
CA VAL A 40 8.81 0.35 6.74
C VAL A 40 8.60 1.86 6.97
N GLU A 41 9.68 2.63 6.85
CA GLU A 41 9.78 4.07 7.06
C GLU A 41 10.35 4.64 5.76
N ASN A 42 9.48 5.12 4.89
CA ASN A 42 9.78 5.54 3.52
C ASN A 42 9.53 7.04 3.48
N THR A 43 10.57 7.86 3.43
CA THR A 43 10.42 9.28 3.65
C THR A 43 10.00 9.99 2.34
N ILE A 44 8.83 9.66 1.79
CA ILE A 44 8.46 10.05 0.43
C ILE A 44 7.92 11.49 0.45
N ALA A 45 7.99 12.16 -0.69
CA ALA A 45 7.62 13.56 -0.89
C ALA A 45 7.25 13.80 -2.36
N ASP A 46 6.86 15.03 -2.71
CA ASP A 46 6.02 15.41 -3.85
C ASP A 46 6.76 15.46 -5.20
N ALA A 47 7.66 14.52 -5.48
CA ALA A 47 8.38 14.41 -6.76
C ALA A 47 8.25 13.00 -7.33
N HIS A 48 8.86 12.77 -8.47
CA HIS A 48 9.20 11.46 -9.00
C HIS A 48 10.46 11.58 -9.87
N GLY A 49 10.87 10.48 -10.52
CA GLY A 49 12.11 10.39 -11.28
C GLY A 49 12.53 8.94 -11.46
N THR A 50 11.64 8.13 -12.04
CA THR A 50 11.84 6.75 -12.46
C THR A 50 12.46 5.81 -11.42
N GLY A 51 12.20 6.07 -10.14
CA GLY A 51 12.36 5.10 -9.07
C GLY A 51 11.00 4.98 -8.40
N PRO A 52 10.43 3.78 -8.19
CA PRO A 52 9.29 3.62 -7.32
C PRO A 52 9.62 3.93 -5.86
N LYS A 53 10.87 3.68 -5.44
CA LYS A 53 11.35 3.62 -4.06
C LYS A 53 10.56 2.60 -3.26
N VAL A 54 9.35 2.95 -2.85
CA VAL A 54 8.40 2.12 -2.12
C VAL A 54 8.27 0.77 -2.81
N VAL A 55 7.83 0.75 -4.07
CA VAL A 55 7.51 -0.48 -4.80
C VAL A 55 8.76 -1.34 -4.90
N GLN A 56 9.92 -0.83 -5.36
CA GLN A 56 11.19 -1.56 -5.37
C GLN A 56 11.40 -2.32 -4.04
N SER A 57 11.27 -1.59 -2.93
CA SER A 57 11.41 -2.14 -1.60
C SER A 57 10.37 -3.20 -1.28
N LEU A 58 9.09 -2.88 -1.39
CA LEU A 58 8.01 -3.75 -0.96
C LEU A 58 8.02 -5.05 -1.77
N VAL A 59 8.25 -4.93 -3.06
CA VAL A 59 8.47 -6.03 -3.99
C VAL A 59 9.65 -6.88 -3.52
N SER A 60 10.78 -6.27 -3.14
CA SER A 60 11.89 -7.01 -2.54
C SER A 60 11.47 -7.75 -1.25
N LYS A 61 10.46 -7.25 -0.54
CA LYS A 61 9.94 -7.84 0.69
C LYS A 61 8.66 -8.64 0.38
N GLY A 62 8.62 -9.32 -0.78
CA GLY A 62 7.59 -10.29 -1.19
C GLY A 62 6.13 -9.84 -1.08
N VAL A 63 5.88 -8.53 -1.10
CA VAL A 63 4.53 -7.96 -1.15
C VAL A 63 3.92 -8.31 -2.52
N GLU A 64 2.75 -8.94 -2.53
CA GLU A 64 1.94 -9.02 -3.76
C GLU A 64 0.55 -8.43 -3.50
N TYR A 65 0.42 -7.36 -2.71
CA TYR A 65 -0.86 -6.89 -2.23
C TYR A 65 -0.70 -5.48 -1.66
N LEU A 66 -1.79 -4.73 -1.59
CA LEU A 66 -1.78 -3.32 -1.19
C LEU A 66 -3.22 -2.94 -0.88
N ILE A 67 -3.40 -2.02 0.07
CA ILE A 67 -4.68 -1.40 0.43
C ILE A 67 -4.48 0.11 0.30
N ALA A 68 -5.02 0.81 -0.71
CA ALA A 68 -4.81 2.26 -0.85
C ALA A 68 -5.93 2.90 -1.67
N SER A 69 -6.49 4.03 -1.24
CA SER A 69 -7.66 4.59 -1.95
C SER A 69 -7.35 5.02 -3.39
N ASN A 70 -6.09 5.24 -3.69
CA ASN A 70 -5.57 5.65 -4.98
C ASN A 70 -4.07 5.38 -4.94
N VAL A 71 -3.41 5.63 -6.07
CA VAL A 71 -1.97 5.53 -6.18
C VAL A 71 -1.40 6.95 -6.27
N GLY A 72 -0.10 7.11 -6.00
CA GLY A 72 0.65 8.36 -6.21
C GLY A 72 1.06 8.53 -7.68
N ARG A 73 0.32 7.90 -8.60
CA ARG A 73 0.55 7.75 -10.03
C ARG A 73 1.74 6.85 -10.35
N ASN A 74 2.97 7.31 -10.11
CA ASN A 74 4.26 6.65 -10.44
C ASN A 74 4.51 5.36 -9.65
N ALA A 75 3.60 4.38 -9.74
CA ALA A 75 3.71 3.11 -9.04
C ALA A 75 2.81 2.02 -9.63
N PHE A 76 1.66 2.33 -10.24
CA PHE A 76 0.70 1.27 -10.57
C PHE A 76 1.22 0.35 -11.67
N GLU A 77 1.99 0.90 -12.60
CA GLU A 77 2.69 0.14 -13.62
C GLU A 77 3.67 -0.85 -12.97
N THR A 78 4.31 -0.38 -11.90
CA THR A 78 5.36 -0.99 -11.12
C THR A 78 4.75 -2.03 -10.16
N LEU A 79 3.42 -1.98 -9.96
CA LEU A 79 2.67 -2.92 -9.12
C LEU A 79 2.42 -4.18 -9.94
N LYS A 80 1.76 -4.07 -11.09
CA LYS A 80 1.49 -5.18 -11.98
C LYS A 80 2.75 -5.82 -12.53
N ALA A 81 3.83 -5.06 -12.68
CA ALA A 81 5.13 -5.61 -13.00
C ALA A 81 5.58 -6.68 -11.99
N ALA A 82 5.11 -6.63 -10.74
CA ALA A 82 5.39 -7.66 -9.73
C ALA A 82 4.08 -8.30 -9.26
N GLY A 83 3.12 -8.49 -10.17
CA GLY A 83 1.78 -9.03 -9.93
C GLY A 83 1.06 -8.57 -8.66
N VAL A 84 1.32 -7.35 -8.19
CA VAL A 84 0.88 -6.88 -6.88
C VAL A 84 -0.59 -6.48 -6.96
N LYS A 85 -1.42 -7.05 -6.08
CA LYS A 85 -2.85 -6.77 -6.04
C LYS A 85 -3.05 -5.45 -5.30
N VAL A 86 -4.16 -4.76 -5.56
CA VAL A 86 -4.36 -3.42 -5.05
C VAL A 86 -5.84 -3.29 -4.75
N TYR A 87 -6.15 -2.82 -3.55
CA TYR A 87 -7.49 -2.46 -3.15
C TYR A 87 -7.63 -0.95 -3.07
N ARG A 88 -8.87 -0.49 -2.90
CA ARG A 88 -9.27 0.84 -2.44
C ARG A 88 -9.80 0.76 -1.03
N PHE A 89 -9.66 1.85 -0.28
CA PHE A 89 -10.14 2.04 1.08
C PHE A 89 -10.69 3.47 1.14
N GLU A 90 -11.40 3.82 2.20
CA GLU A 90 -11.78 5.19 2.54
C GLU A 90 -11.75 5.37 4.06
N GLY A 91 -11.07 6.41 4.53
CA GLY A 91 -11.12 6.97 5.88
C GLY A 91 -11.09 5.98 7.03
N GLY A 92 -9.89 5.66 7.49
CA GLY A 92 -9.61 4.63 8.48
C GLY A 92 -8.13 4.65 8.82
N THR A 93 -7.76 4.01 9.91
CA THR A 93 -6.37 3.78 10.25
C THR A 93 -5.89 2.45 9.66
N VAL A 94 -4.60 2.13 9.77
CA VAL A 94 -4.01 0.91 9.25
C VAL A 94 -4.90 -0.29 9.59
N GLN A 95 -5.44 -0.39 10.81
CA GLN A 95 -6.33 -1.47 11.18
C GLN A 95 -7.61 -1.58 10.39
N GLU A 96 -8.23 -0.46 10.01
CA GLU A 96 -9.44 -0.39 9.24
C GLU A 96 -9.15 -0.83 7.82
N ALA A 97 -8.01 -0.41 7.26
CA ALA A 97 -7.55 -0.93 6.00
C ALA A 97 -7.59 -2.46 5.97
N ILE A 98 -7.23 -3.13 7.05
CA ILE A 98 -7.23 -4.59 7.17
C ILE A 98 -8.65 -5.02 7.40
N ASP A 99 -9.28 -4.59 8.49
CA ASP A 99 -10.58 -4.98 9.01
C ASP A 99 -11.66 -4.76 7.97
N ALA A 100 -11.41 -3.88 7.02
CA ALA A 100 -12.28 -3.68 5.88
C ALA A 100 -11.97 -4.75 4.82
N PHE A 101 -10.70 -4.88 4.42
CA PHE A 101 -10.27 -5.83 3.40
C PHE A 101 -10.59 -7.27 3.78
N SER A 102 -10.21 -7.67 4.99
CA SER A 102 -10.18 -9.04 5.45
C SER A 102 -11.60 -9.59 5.47
N GLU A 103 -12.55 -8.79 5.94
CA GLU A 103 -13.98 -9.11 5.96
C GLU A 103 -14.64 -8.59 4.69
N GLY A 104 -13.90 -8.66 3.57
CA GLY A 104 -14.32 -8.48 2.19
C GLY A 104 -15.09 -7.20 1.86
N ARG A 105 -15.00 -6.14 2.68
CA ARG A 105 -15.69 -4.88 2.44
C ARG A 105 -14.78 -3.87 1.76
N LEU A 106 -13.92 -4.27 0.83
CA LEU A 106 -13.15 -3.33 0.05
C LEU A 106 -13.19 -3.76 -1.42
N GLU A 107 -12.71 -2.87 -2.26
CA GLU A 107 -12.81 -2.95 -3.71
C GLU A 107 -11.43 -3.25 -4.26
N GLU A 108 -11.34 -4.12 -5.25
CA GLU A 108 -10.09 -4.38 -5.95
C GLU A 108 -9.92 -3.24 -6.96
N LEU A 109 -8.98 -2.34 -6.70
CA LEU A 109 -8.73 -1.18 -7.54
C LEU A 109 -7.60 -1.49 -8.53
N THR A 110 -7.69 -2.60 -9.25
CA THR A 110 -6.60 -3.07 -10.09
C THR A 110 -6.68 -2.42 -11.48
N THR A 111 -7.08 -1.15 -11.51
CA THR A 111 -7.60 -0.40 -12.64
C THR A 111 -8.33 0.77 -11.99
N PHE A 112 -8.05 1.98 -12.46
CA PHE A 112 -8.69 3.23 -12.09
C PHE A 112 -8.62 4.12 -13.31
N THR A 113 -9.46 5.15 -13.36
CA THR A 113 -9.28 6.20 -14.35
C THR A 113 -8.24 7.19 -13.81
N ARG A 114 -7.26 7.60 -14.61
CA ARG A 114 -6.50 8.83 -14.34
C ARG A 114 -5.91 9.37 -15.63
N GLU A 115 -6.55 10.40 -16.16
CA GLU A 115 -5.97 11.17 -17.24
C GLU A 115 -4.94 12.07 -16.58
N GLY A 116 -3.69 11.69 -16.77
CA GLY A 116 -2.57 12.59 -16.88
C GLY A 116 -1.99 12.47 -18.26
N MET A 1 0.08 -16.95 3.68
CA MET A 1 -0.31 -16.89 2.26
C MET A 1 0.41 -15.75 1.54
N ALA A 2 0.22 -14.49 1.95
CA ALA A 2 0.76 -13.36 1.24
C ALA A 2 1.26 -12.30 2.19
N ARG A 3 2.04 -11.37 1.65
CA ARG A 3 2.18 -10.06 2.24
C ARG A 3 1.36 -9.08 1.46
N VAL A 4 0.95 -8.04 2.16
CA VAL A 4 0.15 -6.92 1.72
C VAL A 4 1.00 -5.70 2.11
N ALA A 5 0.66 -4.51 1.63
CA ALA A 5 1.21 -3.29 2.19
C ALA A 5 0.03 -2.35 2.41
N ILE A 6 0.11 -1.49 3.42
CA ILE A 6 -0.88 -0.48 3.70
C ILE A 6 -0.10 0.84 3.85
N PRO A 7 -0.38 1.85 3.00
CA PRO A 7 0.17 3.17 3.04
C PRO A 7 -0.34 3.85 4.32
N SER A 8 0.57 4.31 5.17
CA SER A 8 0.28 4.85 6.48
C SER A 8 0.95 6.23 6.59
N VAL A 9 0.62 6.98 7.64
CA VAL A 9 1.34 8.19 8.02
C VAL A 9 1.75 8.11 9.50
N GLY A 10 2.16 6.94 10.00
CA GLY A 10 2.71 6.81 11.35
C GLY A 10 3.27 5.41 11.56
N LYS A 11 3.77 5.13 12.77
CA LYS A 11 4.49 3.89 13.09
C LYS A 11 3.69 3.07 14.11
N ASP A 12 2.38 3.04 13.94
CA ASP A 12 1.46 2.25 14.75
C ASP A 12 0.36 1.73 13.84
N LEU A 13 -0.17 0.55 14.17
CA LEU A 13 -1.32 -0.09 13.51
C LEU A 13 -2.60 0.75 13.61
N SER A 14 -2.57 1.80 14.43
CA SER A 14 -3.65 2.76 14.48
C SER A 14 -3.21 4.13 13.95
N SER A 15 -2.37 4.16 12.92
CA SER A 15 -2.07 5.44 12.25
C SER A 15 -3.07 5.63 11.11
N MET A 16 -3.17 6.82 10.49
CA MET A 16 -4.15 7.01 9.41
C MET A 16 -3.59 6.38 8.13
N VAL A 17 -4.46 5.72 7.36
CA VAL A 17 -4.09 5.20 6.05
C VAL A 17 -3.97 6.41 5.11
N SER A 18 -2.92 6.42 4.30
CA SER A 18 -2.57 7.55 3.45
C SER A 18 -3.32 7.41 2.13
N ASP A 19 -3.89 8.52 1.64
CA ASP A 19 -4.79 8.53 0.49
C ASP A 19 -3.99 8.48 -0.84
N ARG A 20 -2.89 7.72 -0.87
CA ARG A 20 -1.89 7.83 -1.94
C ARG A 20 -0.81 6.77 -1.77
N PHE A 21 -0.87 5.65 -2.50
CA PHE A 21 0.15 4.62 -2.36
C PHE A 21 1.57 5.15 -2.54
N ALA A 22 1.86 5.88 -3.64
CA ALA A 22 3.23 6.25 -3.94
C ALA A 22 3.76 7.37 -3.04
N ARG A 23 2.92 7.92 -2.15
CA ARG A 23 3.24 9.10 -1.37
C ARG A 23 2.96 8.83 0.10
N ALA A 24 3.26 7.63 0.60
CA ALA A 24 2.75 7.21 1.89
C ALA A 24 3.95 7.00 2.81
N GLU A 25 4.11 7.90 3.78
CA GLU A 25 5.30 8.04 4.62
C GLU A 25 5.78 6.76 5.31
N TYR A 26 4.89 5.79 5.53
CA TYR A 26 5.18 4.53 6.14
C TYR A 26 4.40 3.48 5.36
N PHE A 27 4.90 2.25 5.31
CA PHE A 27 4.23 1.13 4.65
C PHE A 27 4.20 -0.02 5.64
N ILE A 28 3.00 -0.37 6.08
CA ILE A 28 2.76 -1.41 7.04
C ILE A 28 2.53 -2.68 6.25
N ILE A 29 3.39 -3.67 6.44
CA ILE A 29 3.42 -4.89 5.64
C ILE A 29 2.98 -6.01 6.55
N TYR A 30 1.72 -6.41 6.45
CA TYR A 30 1.16 -7.52 7.22
C TYR A 30 1.53 -8.81 6.47
N ASP A 31 1.85 -9.84 7.23
CA ASP A 31 2.33 -11.13 6.78
C ASP A 31 1.35 -12.22 7.18
N THR A 32 0.65 -12.82 6.22
CA THR A 32 -0.43 -13.73 6.54
C THR A 32 0.11 -15.16 6.81
N GLU A 33 1.22 -15.24 7.55
CA GLU A 33 1.87 -16.47 7.99
C GLU A 33 2.10 -16.50 9.48
N SER A 34 2.27 -15.35 10.13
CA SER A 34 2.00 -15.32 11.56
C SER A 34 1.47 -13.95 11.98
N GLY A 35 0.69 -13.29 11.13
CA GLY A 35 0.20 -11.93 11.40
C GLY A 35 1.32 -10.98 11.79
N ASN A 36 2.56 -11.28 11.35
CA ASN A 36 3.70 -10.41 11.57
C ASN A 36 3.45 -9.14 10.80
N VAL A 37 4.09 -8.06 11.24
CA VAL A 37 4.01 -6.79 10.56
C VAL A 37 5.42 -6.20 10.48
N GLU A 38 5.58 -5.23 9.59
CA GLU A 38 6.81 -4.50 9.39
C GLU A 38 6.38 -3.07 9.11
N VAL A 39 6.93 -2.11 9.84
CA VAL A 39 6.82 -0.70 9.50
C VAL A 39 8.02 -0.41 8.62
N VAL A 40 7.79 -0.29 7.32
CA VAL A 40 8.74 0.40 6.46
C VAL A 40 8.48 1.89 6.69
N GLU A 41 9.55 2.66 6.67
CA GLU A 41 9.60 4.11 6.78
C GLU A 41 10.11 4.56 5.43
N ASN A 42 9.35 5.40 4.71
CA ASN A 42 9.71 5.72 3.33
C ASN A 42 9.49 7.19 3.07
N THR A 43 10.57 7.88 2.78
CA THR A 43 10.70 9.31 2.79
C THR A 43 10.41 9.89 1.39
N ILE A 44 9.27 9.55 0.78
CA ILE A 44 8.88 10.00 -0.56
C ILE A 44 8.33 11.43 -0.51
N ALA A 45 8.91 12.31 0.30
CA ALA A 45 8.56 13.71 0.43
C ALA A 45 9.40 14.57 -0.51
N ASP A 46 9.68 14.12 -1.74
CA ASP A 46 10.55 14.88 -2.65
C ASP A 46 10.20 14.73 -4.12
N ALA A 47 10.79 15.58 -4.95
CA ALA A 47 10.73 15.54 -6.40
C ALA A 47 11.68 14.48 -6.94
N HIS A 48 11.64 14.24 -8.26
CA HIS A 48 12.53 13.35 -8.99
C HIS A 48 12.54 11.91 -8.41
N GLY A 49 13.40 11.04 -8.92
CA GLY A 49 13.50 9.66 -8.48
C GLY A 49 13.88 8.74 -9.63
N THR A 50 14.52 7.62 -9.30
CA THR A 50 15.16 6.73 -10.26
C THR A 50 14.20 5.65 -10.81
N GLY A 51 13.03 5.47 -10.19
CA GLY A 51 12.17 4.31 -10.39
C GLY A 51 11.16 4.27 -9.26
N PRO A 52 10.63 3.09 -8.89
CA PRO A 52 9.55 2.99 -7.92
C PRO A 52 10.00 3.48 -6.55
N LYS A 53 11.20 3.10 -6.10
CA LYS A 53 11.68 3.24 -4.71
C LYS A 53 10.81 2.34 -3.81
N VAL A 54 9.60 2.82 -3.48
CA VAL A 54 8.59 2.15 -2.68
C VAL A 54 8.42 0.72 -3.18
N VAL A 55 7.88 0.57 -4.39
CA VAL A 55 7.50 -0.71 -4.98
C VAL A 55 8.69 -1.64 -4.97
N GLN A 56 9.88 -1.23 -5.46
CA GLN A 56 11.06 -2.09 -5.45
C GLN A 56 11.26 -2.75 -4.07
N SER A 57 11.23 -1.97 -3.00
CA SER A 57 11.44 -2.49 -1.64
C SER A 57 10.26 -3.32 -1.13
N LEU A 58 9.02 -2.89 -1.37
CA LEU A 58 7.85 -3.61 -0.88
C LEU A 58 7.74 -4.96 -1.58
N VAL A 59 7.92 -4.99 -2.89
CA VAL A 59 8.06 -6.18 -3.70
C VAL A 59 9.24 -7.03 -3.20
N SER A 60 10.31 -6.42 -2.69
CA SER A 60 11.38 -7.16 -2.02
C SER A 60 11.01 -7.65 -0.60
N LYS A 61 9.78 -7.40 -0.12
CA LYS A 61 9.18 -7.98 1.08
C LYS A 61 7.92 -8.76 0.66
N GLY A 62 7.97 -9.44 -0.49
CA GLY A 62 6.94 -10.39 -0.93
C GLY A 62 5.50 -9.83 -0.97
N VAL A 63 5.34 -8.50 -1.01
CA VAL A 63 4.06 -7.82 -0.96
C VAL A 63 3.29 -8.14 -2.25
N GLU A 64 2.42 -9.13 -2.22
CA GLU A 64 1.64 -9.59 -3.38
C GLU A 64 0.20 -9.02 -3.33
N TYR A 65 0.06 -7.79 -2.84
CA TYR A 65 -1.20 -7.20 -2.44
C TYR A 65 -0.88 -5.78 -1.95
N LEU A 66 -1.90 -4.95 -1.81
CA LEU A 66 -1.80 -3.60 -1.30
C LEU A 66 -3.21 -3.13 -0.99
N ILE A 67 -3.37 -2.21 -0.04
CA ILE A 67 -4.62 -1.53 0.28
C ILE A 67 -4.35 -0.04 0.14
N ALA A 68 -4.78 0.61 -0.94
CA ALA A 68 -4.52 2.02 -1.19
C ALA A 68 -5.65 2.63 -1.99
N SER A 69 -6.16 3.76 -1.52
CA SER A 69 -7.29 4.41 -2.17
C SER A 69 -6.99 4.86 -3.60
N ASN A 70 -5.73 5.17 -3.90
CA ASN A 70 -5.27 5.77 -5.15
C ASN A 70 -3.75 5.70 -5.14
N VAL A 71 -3.10 6.34 -6.12
CA VAL A 71 -1.65 6.42 -6.22
C VAL A 71 -1.32 7.86 -6.57
N GLY A 72 -0.31 8.44 -5.92
CA GLY A 72 0.06 9.83 -6.18
C GLY A 72 0.54 10.00 -7.62
N ARG A 73 1.28 9.01 -8.14
CA ARG A 73 1.92 8.91 -9.46
C ARG A 73 2.83 7.68 -9.45
N ASN A 74 3.46 7.38 -10.58
CA ASN A 74 4.71 6.64 -10.74
C ASN A 74 4.87 5.42 -9.83
N ALA A 75 3.86 4.55 -9.80
CA ALA A 75 3.96 3.26 -9.11
C ALA A 75 3.00 2.20 -9.64
N PHE A 76 1.86 2.57 -10.22
CA PHE A 76 0.80 1.62 -10.55
C PHE A 76 1.25 0.58 -11.57
N GLU A 77 2.09 0.97 -12.51
CA GLU A 77 2.58 0.07 -13.53
C GLU A 77 3.53 -0.94 -12.87
N THR A 78 4.28 -0.50 -11.86
CA THR A 78 5.20 -1.35 -11.12
C THR A 78 4.43 -2.31 -10.19
N LEU A 79 3.17 -2.01 -9.86
CA LEU A 79 2.33 -2.89 -9.04
C LEU A 79 1.99 -4.13 -9.84
N LYS A 80 1.38 -3.95 -11.00
CA LYS A 80 1.06 -5.04 -11.91
C LYS A 80 2.29 -5.72 -12.47
N ALA A 81 3.40 -5.00 -12.63
CA ALA A 81 4.69 -5.59 -12.94
C ALA A 81 5.23 -6.50 -11.82
N ALA A 82 4.54 -6.68 -10.68
CA ALA A 82 4.78 -7.77 -9.75
C ALA A 82 3.44 -8.36 -9.27
N GLY A 83 2.45 -8.44 -10.16
CA GLY A 83 1.10 -8.94 -9.91
C GLY A 83 0.43 -8.48 -8.61
N VAL A 84 0.73 -7.28 -8.11
CA VAL A 84 0.35 -6.84 -6.78
C VAL A 84 -1.11 -6.41 -6.81
N LYS A 85 -1.96 -7.10 -6.04
CA LYS A 85 -3.39 -6.83 -6.01
C LYS A 85 -3.68 -5.61 -5.15
N VAL A 86 -3.85 -4.47 -5.81
CA VAL A 86 -4.11 -3.19 -5.17
C VAL A 86 -5.60 -3.14 -4.88
N TYR A 87 -6.00 -3.05 -3.62
CA TYR A 87 -7.35 -2.77 -3.19
C TYR A 87 -7.53 -1.28 -3.01
N ARG A 88 -8.77 -0.79 -3.12
CA ARG A 88 -9.13 0.55 -2.66
C ARG A 88 -9.33 0.46 -1.15
N PHE A 89 -9.23 1.58 -0.45
CA PHE A 89 -9.77 1.79 0.89
C PHE A 89 -10.42 3.19 0.87
N GLU A 90 -11.29 3.52 1.83
CA GLU A 90 -12.02 4.79 1.83
C GLU A 90 -12.29 5.27 3.27
N GLY A 91 -11.21 5.64 3.95
CA GLY A 91 -11.23 6.20 5.30
C GLY A 91 -10.98 5.10 6.30
N GLY A 92 -10.13 5.38 7.30
CA GLY A 92 -9.72 4.37 8.26
C GLY A 92 -8.26 4.54 8.69
N THR A 93 -7.94 4.06 9.88
CA THR A 93 -6.57 3.85 10.32
C THR A 93 -6.04 2.54 9.73
N VAL A 94 -4.73 2.26 9.86
CA VAL A 94 -4.10 1.06 9.33
C VAL A 94 -4.95 -0.19 9.59
N GLN A 95 -5.54 -0.36 10.77
CA GLN A 95 -6.40 -1.50 11.07
C GLN A 95 -7.63 -1.65 10.16
N GLU A 96 -8.29 -0.56 9.78
CA GLU A 96 -9.52 -0.50 9.04
C GLU A 96 -9.27 -1.00 7.65
N ALA A 97 -8.16 -0.61 7.01
CA ALA A 97 -7.75 -1.18 5.75
C ALA A 97 -7.83 -2.72 5.79
N ILE A 98 -7.47 -3.34 6.91
CA ILE A 98 -7.36 -4.78 7.06
C ILE A 98 -8.72 -5.35 7.44
N ASP A 99 -9.35 -4.83 8.49
CA ASP A 99 -10.65 -5.25 9.00
C ASP A 99 -11.70 -5.08 7.90
N ALA A 100 -11.46 -4.15 6.97
CA ALA A 100 -12.28 -4.01 5.78
C ALA A 100 -11.95 -5.16 4.83
N PHE A 101 -10.71 -5.27 4.34
CA PHE A 101 -10.25 -6.29 3.40
C PHE A 101 -10.59 -7.72 3.85
N SER A 102 -10.29 -8.03 5.10
CA SER A 102 -10.43 -9.31 5.79
C SER A 102 -11.88 -9.60 6.22
N GLU A 103 -12.79 -8.63 6.22
CA GLU A 103 -14.24 -8.92 6.20
C GLU A 103 -14.85 -8.44 4.89
N GLY A 104 -14.10 -8.61 3.80
CA GLY A 104 -14.50 -8.45 2.41
C GLY A 104 -15.11 -7.11 2.01
N ARG A 105 -15.02 -6.08 2.83
CA ARG A 105 -15.63 -4.78 2.59
C ARG A 105 -14.69 -3.86 1.81
N LEU A 106 -13.90 -4.36 0.85
CA LEU A 106 -13.07 -3.51 -0.01
C LEU A 106 -13.16 -3.97 -1.46
N GLU A 107 -12.66 -3.10 -2.34
CA GLU A 107 -12.74 -3.24 -3.79
C GLU A 107 -11.33 -3.57 -4.27
N GLU A 108 -11.19 -4.43 -5.28
CA GLU A 108 -9.94 -4.65 -5.98
C GLU A 108 -9.83 -3.51 -6.98
N LEU A 109 -8.89 -2.60 -6.74
CA LEU A 109 -8.64 -1.41 -7.51
C LEU A 109 -7.48 -1.67 -8.46
N THR A 110 -7.59 -2.66 -9.34
CA THR A 110 -6.42 -3.08 -10.10
C THR A 110 -6.49 -2.51 -11.53
N THR A 111 -7.03 -1.29 -11.71
CA THR A 111 -7.26 -0.73 -13.05
C THR A 111 -7.77 0.73 -12.98
N PHE A 112 -7.28 1.54 -12.05
CA PHE A 112 -7.70 2.92 -11.85
C PHE A 112 -6.87 3.86 -12.73
N THR A 113 -7.21 5.15 -12.77
CA THR A 113 -6.38 6.17 -13.42
C THR A 113 -5.67 7.02 -12.37
N ARG A 114 -4.75 7.91 -12.78
CA ARG A 114 -4.13 8.90 -11.91
C ARG A 114 -3.95 10.16 -12.70
N GLU A 115 -4.53 11.24 -12.21
CA GLU A 115 -4.26 12.56 -12.75
C GLU A 115 -4.48 13.60 -11.65
N GLY A 116 -3.42 13.87 -10.89
CA GLY A 116 -3.36 14.87 -9.84
C GLY A 116 -1.92 15.14 -9.49
N MET A 1 -3.44 -16.72 1.90
CA MET A 1 -2.29 -15.90 2.32
C MET A 1 -1.74 -15.03 1.18
N ALA A 2 -1.39 -13.79 1.49
CA ALA A 2 -0.45 -12.95 0.76
C ALA A 2 -0.04 -11.77 1.65
N ARG A 3 1.14 -11.21 1.43
CA ARG A 3 1.59 -10.02 2.15
C ARG A 3 0.98 -8.79 1.54
N VAL A 4 0.18 -8.07 2.31
CA VAL A 4 -0.37 -6.79 1.91
C VAL A 4 0.58 -5.71 2.43
N ALA A 5 0.80 -4.64 1.66
CA ALA A 5 1.34 -3.41 2.23
C ALA A 5 0.15 -2.47 2.47
N ILE A 6 0.26 -1.54 3.42
CA ILE A 6 -0.73 -0.52 3.70
C ILE A 6 0.02 0.82 3.82
N PRO A 7 -0.38 1.84 3.06
CA PRO A 7 0.16 3.19 3.08
C PRO A 7 -0.33 3.91 4.33
N SER A 8 0.56 4.10 5.30
CA SER A 8 0.28 4.76 6.56
C SER A 8 0.89 6.17 6.55
N VAL A 9 0.56 6.94 7.58
CA VAL A 9 1.23 8.18 7.97
C VAL A 9 1.56 8.10 9.47
N GLY A 10 2.22 7.03 9.92
CA GLY A 10 2.74 6.89 11.27
C GLY A 10 3.32 5.49 11.49
N LYS A 11 3.63 5.18 12.76
CA LYS A 11 4.20 3.92 13.18
C LYS A 11 3.42 3.30 14.37
N ASP A 12 2.12 3.15 14.21
CA ASP A 12 1.24 2.35 15.05
C ASP A 12 0.30 1.59 14.13
N LEU A 13 -0.42 0.60 14.65
CA LEU A 13 -1.44 -0.08 13.84
C LEU A 13 -2.75 0.71 13.80
N SER A 14 -2.82 1.79 14.56
CA SER A 14 -3.90 2.77 14.46
C SER A 14 -3.30 4.11 14.04
N SER A 15 -2.32 4.10 13.12
CA SER A 15 -2.00 5.35 12.45
C SER A 15 -3.05 5.57 11.36
N MET A 16 -3.11 6.74 10.74
CA MET A 16 -4.06 6.98 9.66
C MET A 16 -3.52 6.34 8.37
N VAL A 17 -4.41 5.81 7.54
CA VAL A 17 -4.06 5.34 6.18
C VAL A 17 -4.13 6.53 5.22
N SER A 18 -3.14 6.60 4.33
CA SER A 18 -2.85 7.70 3.43
C SER A 18 -3.60 7.47 2.11
N ASP A 19 -4.23 8.48 1.51
CA ASP A 19 -5.13 8.26 0.36
C ASP A 19 -4.32 8.12 -0.96
N ARG A 20 -3.15 7.49 -0.90
CA ARG A 20 -2.12 7.70 -1.91
C ARG A 20 -1.06 6.68 -1.57
N PHE A 21 -0.99 5.57 -2.30
CA PHE A 21 0.08 4.61 -2.11
C PHE A 21 1.43 5.28 -2.24
N ALA A 22 1.70 5.87 -3.39
CA ALA A 22 3.05 6.36 -3.68
C ALA A 22 3.39 7.64 -2.89
N ARG A 23 2.46 8.23 -2.11
CA ARG A 23 2.74 9.22 -1.12
C ARG A 23 2.17 8.71 0.20
N ALA A 24 2.84 7.74 0.80
CA ALA A 24 2.56 7.34 2.17
C ALA A 24 3.89 7.16 2.87
N GLU A 25 4.11 7.92 3.93
CA GLU A 25 5.39 8.08 4.60
C GLU A 25 5.90 6.79 5.24
N TYR A 26 5.01 5.84 5.53
CA TYR A 26 5.28 4.57 6.16
C TYR A 26 4.48 3.51 5.41
N PHE A 27 5.01 2.29 5.36
CA PHE A 27 4.38 1.17 4.67
C PHE A 27 4.36 -0.02 5.61
N ILE A 28 3.17 -0.41 6.02
CA ILE A 28 2.91 -1.44 7.02
C ILE A 28 2.70 -2.71 6.21
N ILE A 29 3.51 -3.74 6.43
CA ILE A 29 3.45 -4.97 5.65
C ILE A 29 2.90 -6.06 6.53
N TYR A 30 1.62 -6.37 6.37
CA TYR A 30 0.92 -7.41 7.10
C TYR A 30 1.08 -8.72 6.33
N ASP A 31 1.84 -9.62 6.90
CA ASP A 31 2.03 -11.00 6.48
C ASP A 31 0.84 -11.82 6.97
N THR A 32 -0.05 -12.26 6.06
CA THR A 32 -1.14 -13.14 6.47
C THR A 32 -0.60 -14.57 6.50
N GLU A 33 0.44 -14.80 7.30
CA GLU A 33 1.05 -16.10 7.50
C GLU A 33 1.17 -16.36 8.96
N SER A 34 1.68 -15.41 9.72
CA SER A 34 1.47 -15.43 11.13
C SER A 34 1.07 -14.04 11.65
N GLY A 35 0.25 -13.31 10.88
CA GLY A 35 -0.21 -11.96 11.22
C GLY A 35 0.93 -10.99 11.56
N ASN A 36 2.15 -11.28 11.10
CA ASN A 36 3.34 -10.49 11.38
C ASN A 36 3.21 -9.17 10.64
N VAL A 37 3.78 -8.12 11.19
CA VAL A 37 3.78 -6.79 10.61
C VAL A 37 5.18 -6.19 10.68
N GLU A 38 5.51 -5.35 9.70
CA GLU A 38 6.74 -4.60 9.55
C GLU A 38 6.33 -3.17 9.22
N VAL A 39 6.98 -2.15 9.79
CA VAL A 39 6.78 -0.75 9.44
C VAL A 39 8.02 -0.28 8.68
N VAL A 40 7.90 -0.17 7.37
CA VAL A 40 8.87 0.52 6.52
C VAL A 40 8.62 2.02 6.68
N GLU A 41 9.66 2.83 6.50
CA GLU A 41 9.62 4.28 6.37
C GLU A 41 10.11 4.58 4.95
N ASN A 42 9.39 5.40 4.17
CA ASN A 42 9.73 5.64 2.76
C ASN A 42 9.46 7.08 2.41
N THR A 43 10.42 7.72 1.76
CA THR A 43 10.59 9.16 1.87
C THR A 43 10.34 9.83 0.50
N ILE A 44 9.14 9.59 -0.04
CA ILE A 44 8.66 9.99 -1.37
C ILE A 44 8.25 11.48 -1.43
N ALA A 45 9.03 12.36 -0.79
CA ALA A 45 8.80 13.79 -0.74
C ALA A 45 9.31 14.51 -2.00
N ASP A 46 9.16 13.93 -3.20
CA ASP A 46 9.54 14.48 -4.51
C ASP A 46 8.80 13.69 -5.62
N ALA A 47 8.66 14.23 -6.83
CA ALA A 47 7.94 13.67 -7.97
C ALA A 47 8.75 12.59 -8.74
N HIS A 48 8.48 12.44 -10.05
CA HIS A 48 8.83 11.28 -10.85
C HIS A 48 10.30 11.26 -11.26
N GLY A 49 10.98 10.11 -11.07
CA GLY A 49 12.35 9.86 -11.48
C GLY A 49 12.81 8.52 -10.92
N THR A 50 14.08 8.19 -11.14
CA THR A 50 14.75 6.97 -10.68
C THR A 50 13.90 5.72 -11.01
N GLY A 51 14.02 4.63 -10.26
CA GLY A 51 13.08 3.52 -10.27
C GLY A 51 11.92 3.80 -9.30
N PRO A 52 11.13 2.78 -8.92
CA PRO A 52 10.01 2.98 -8.02
C PRO A 52 10.44 3.42 -6.61
N LYS A 53 11.65 3.07 -6.15
CA LYS A 53 12.11 3.11 -4.75
C LYS A 53 11.22 2.35 -3.76
N VAL A 54 9.98 2.80 -3.55
CA VAL A 54 8.97 2.22 -2.68
C VAL A 54 8.76 0.77 -3.10
N VAL A 55 8.24 0.58 -4.32
CA VAL A 55 7.82 -0.72 -4.85
C VAL A 55 8.99 -1.68 -4.80
N GLN A 56 10.19 -1.27 -5.26
CA GLN A 56 11.38 -2.11 -5.23
C GLN A 56 11.56 -2.79 -3.86
N SER A 57 11.42 -2.01 -2.77
CA SER A 57 11.56 -2.51 -1.41
C SER A 57 10.40 -3.42 -1.05
N LEU A 58 9.16 -2.94 -1.16
CA LEU A 58 7.99 -3.69 -0.69
C LEU A 58 7.93 -5.04 -1.40
N VAL A 59 8.14 -5.05 -2.72
CA VAL A 59 8.26 -6.22 -3.58
C VAL A 59 9.38 -7.16 -3.10
N SER A 60 10.49 -6.63 -2.59
CA SER A 60 11.55 -7.44 -2.00
C SER A 60 11.03 -8.24 -0.80
N LYS A 61 10.16 -7.67 0.04
CA LYS A 61 9.60 -8.39 1.19
C LYS A 61 8.32 -9.13 0.76
N GLY A 62 8.31 -9.70 -0.44
CA GLY A 62 7.27 -10.55 -0.97
C GLY A 62 5.87 -9.96 -0.96
N VAL A 63 5.72 -8.64 -1.01
CA VAL A 63 4.41 -7.99 -1.01
C VAL A 63 3.75 -8.22 -2.38
N GLU A 64 2.81 -9.16 -2.48
CA GLU A 64 2.03 -9.35 -3.70
C GLU A 64 0.61 -8.80 -3.52
N TYR A 65 0.44 -7.72 -2.75
CA TYR A 65 -0.87 -7.25 -2.30
C TYR A 65 -0.71 -5.85 -1.71
N LEU A 66 -1.78 -5.06 -1.66
CA LEU A 66 -1.74 -3.68 -1.22
C LEU A 66 -3.17 -3.20 -0.97
N ILE A 67 -3.32 -2.33 0.03
CA ILE A 67 -4.54 -1.60 0.34
C ILE A 67 -4.25 -0.15 0.04
N ALA A 68 -4.77 0.45 -1.04
CA ALA A 68 -4.47 1.83 -1.36
C ALA A 68 -5.54 2.42 -2.27
N SER A 69 -6.37 3.28 -1.70
CA SER A 69 -7.42 4.05 -2.38
C SER A 69 -7.03 4.48 -3.79
N ASN A 70 -5.83 5.04 -3.96
CA ASN A 70 -5.32 5.57 -5.18
C ASN A 70 -3.81 5.45 -5.05
N VAL A 71 -3.09 5.92 -6.05
CA VAL A 71 -1.65 6.02 -6.03
C VAL A 71 -1.27 7.51 -6.09
N GLY A 72 -0.04 7.82 -5.67
CA GLY A 72 0.35 9.20 -5.41
C GLY A 72 0.89 9.92 -6.65
N ARG A 73 1.38 9.16 -7.62
CA ARG A 73 2.00 9.53 -8.90
C ARG A 73 2.10 8.20 -9.65
N ASN A 74 3.24 7.87 -10.26
CA ASN A 74 3.49 6.52 -10.78
C ASN A 74 3.45 5.47 -9.65
N ALA A 75 3.97 4.27 -9.90
CA ALA A 75 4.05 3.02 -9.14
C ALA A 75 2.96 2.02 -9.52
N PHE A 76 1.79 2.46 -10.02
CA PHE A 76 0.68 1.54 -10.31
C PHE A 76 1.05 0.49 -11.35
N GLU A 77 1.85 0.87 -12.35
CA GLU A 77 2.37 -0.05 -13.35
C GLU A 77 3.36 -1.02 -12.71
N THR A 78 4.17 -0.51 -11.78
CA THR A 78 5.24 -1.28 -11.14
C THR A 78 4.65 -2.28 -10.15
N LEU A 79 3.43 -1.99 -9.65
CA LEU A 79 2.69 -2.85 -8.75
C LEU A 79 2.32 -4.11 -9.54
N LYS A 80 1.38 -3.98 -10.47
CA LYS A 80 0.90 -5.08 -11.28
C LYS A 80 1.98 -5.80 -12.06
N ALA A 81 3.03 -5.10 -12.50
CA ALA A 81 4.21 -5.72 -13.06
C ALA A 81 4.74 -6.77 -12.09
N ALA A 82 5.04 -6.41 -10.84
CA ALA A 82 5.51 -7.38 -9.83
C ALA A 82 4.34 -8.16 -9.19
N GLY A 83 3.31 -8.49 -9.98
CA GLY A 83 2.06 -9.09 -9.56
C GLY A 83 1.48 -8.59 -8.25
N VAL A 84 1.64 -7.32 -7.94
CA VAL A 84 1.14 -6.76 -6.71
C VAL A 84 -0.34 -6.47 -6.90
N LYS A 85 -1.16 -7.12 -6.09
CA LYS A 85 -2.59 -6.88 -6.09
C LYS A 85 -2.81 -5.57 -5.31
N VAL A 86 -3.87 -4.82 -5.57
CA VAL A 86 -4.05 -3.46 -5.05
C VAL A 86 -5.55 -3.24 -4.92
N TYR A 87 -6.03 -3.12 -3.69
CA TYR A 87 -7.35 -2.63 -3.35
C TYR A 87 -7.37 -1.13 -3.21
N ARG A 88 -8.58 -0.58 -3.04
CA ARG A 88 -8.91 0.75 -2.60
C ARG A 88 -9.57 0.65 -1.23
N PHE A 89 -9.34 1.68 -0.43
CA PHE A 89 -9.87 1.91 0.90
C PHE A 89 -10.50 3.32 0.85
N GLU A 90 -11.29 3.72 1.83
CA GLU A 90 -11.95 5.03 1.78
C GLU A 90 -12.13 5.59 3.21
N GLY A 91 -11.02 5.71 3.95
CA GLY A 91 -10.97 6.45 5.21
C GLY A 91 -10.98 5.53 6.43
N GLY A 92 -9.86 5.45 7.14
CA GLY A 92 -9.61 4.46 8.18
C GLY A 92 -8.18 4.58 8.66
N THR A 93 -7.89 3.94 9.79
CA THR A 93 -6.55 3.74 10.28
C THR A 93 -5.95 2.47 9.69
N VAL A 94 -4.66 2.20 9.93
CA VAL A 94 -3.98 1.02 9.45
C VAL A 94 -4.79 -0.24 9.77
N GLN A 95 -5.45 -0.36 10.92
CA GLN A 95 -6.31 -1.49 11.26
C GLN A 95 -7.49 -1.69 10.31
N GLU A 96 -8.18 -0.61 9.96
CA GLU A 96 -9.39 -0.60 9.14
C GLU A 96 -9.04 -1.09 7.75
N ALA A 97 -7.91 -0.68 7.18
CA ALA A 97 -7.42 -1.24 5.94
C ALA A 97 -7.41 -2.77 5.94
N ILE A 98 -7.12 -3.40 7.08
CA ILE A 98 -6.93 -4.84 7.21
C ILE A 98 -8.28 -5.45 7.45
N ASP A 99 -8.92 -4.98 8.51
CA ASP A 99 -10.20 -5.42 9.03
C ASP A 99 -11.17 -5.39 7.86
N ALA A 100 -11.19 -4.27 7.12
CA ALA A 100 -12.17 -4.09 6.08
C ALA A 100 -11.90 -5.05 4.92
N PHE A 101 -10.64 -5.21 4.54
CA PHE A 101 -10.22 -6.14 3.50
C PHE A 101 -10.55 -7.57 3.89
N SER A 102 -10.22 -7.95 5.12
CA SER A 102 -10.20 -9.32 5.59
C SER A 102 -11.62 -9.83 5.72
N GLU A 103 -12.56 -8.93 6.01
CA GLU A 103 -13.97 -9.19 6.02
C GLU A 103 -14.62 -8.71 4.74
N GLY A 104 -13.91 -8.85 3.62
CA GLY A 104 -14.40 -8.63 2.28
C GLY A 104 -15.34 -7.43 2.17
N ARG A 105 -14.89 -6.26 2.63
CA ARG A 105 -15.55 -4.97 2.54
C ARG A 105 -14.59 -3.96 1.93
N LEU A 106 -13.77 -4.30 0.93
CA LEU A 106 -12.97 -3.31 0.22
C LEU A 106 -13.07 -3.52 -1.30
N GLU A 107 -12.61 -2.51 -2.03
CA GLU A 107 -12.77 -2.37 -3.47
C GLU A 107 -11.49 -2.87 -4.13
N GLU A 108 -11.55 -3.65 -5.19
CA GLU A 108 -10.36 -4.14 -5.88
C GLU A 108 -10.02 -3.14 -6.98
N LEU A 109 -9.03 -2.26 -6.75
CA LEU A 109 -8.73 -1.13 -7.63
C LEU A 109 -7.88 -1.60 -8.81
N THR A 110 -8.48 -2.31 -9.75
CA THR A 110 -7.76 -2.84 -10.91
C THR A 110 -7.82 -1.85 -12.08
N THR A 111 -7.74 -0.54 -11.80
CA THR A 111 -7.95 0.49 -12.79
C THR A 111 -7.72 1.86 -12.16
N PHE A 112 -7.63 2.87 -13.01
CA PHE A 112 -7.40 4.27 -12.69
C PHE A 112 -8.31 5.20 -13.49
N THR A 113 -8.16 6.48 -13.20
CA THR A 113 -8.54 7.57 -14.07
C THR A 113 -7.25 8.20 -14.64
N ARG A 114 -7.42 9.06 -15.63
CA ARG A 114 -6.36 9.66 -16.43
C ARG A 114 -6.58 11.16 -16.49
N GLU A 115 -5.55 11.91 -16.10
CA GLU A 115 -5.58 13.36 -16.16
C GLU A 115 -4.90 13.80 -17.47
N GLY A 116 -5.70 13.94 -18.52
CA GLY A 116 -5.29 14.52 -19.79
C GLY A 116 -5.25 13.53 -20.93
N MET A 1 -0.46 -16.61 2.61
CA MET A 1 1.01 -16.47 2.46
C MET A 1 1.41 -15.28 1.59
N ALA A 2 0.54 -14.27 1.41
CA ALA A 2 0.92 -13.01 0.80
C ALA A 2 1.34 -12.05 1.90
N ARG A 3 2.16 -11.06 1.57
CA ARG A 3 2.11 -9.82 2.31
C ARG A 3 1.14 -8.88 1.64
N VAL A 4 0.38 -8.15 2.44
CA VAL A 4 -0.32 -6.95 2.02
C VAL A 4 0.61 -5.78 2.35
N ALA A 5 0.37 -4.59 1.81
CA ALA A 5 0.96 -3.37 2.33
C ALA A 5 -0.17 -2.36 2.52
N ILE A 6 0.02 -1.42 3.43
CA ILE A 6 -0.95 -0.36 3.72
C ILE A 6 -0.13 0.93 3.82
N PRO A 7 -0.42 1.93 2.98
CA PRO A 7 0.22 3.22 3.00
C PRO A 7 -0.27 3.94 4.26
N SER A 8 0.59 4.10 5.26
CA SER A 8 0.30 4.80 6.51
C SER A 8 1.00 6.16 6.48
N VAL A 9 0.68 7.04 7.43
CA VAL A 9 1.47 8.23 7.72
C VAL A 9 1.87 8.26 9.21
N GLY A 10 2.16 7.08 9.77
CA GLY A 10 2.73 6.92 11.09
C GLY A 10 3.17 5.47 11.28
N LYS A 11 3.98 5.21 12.33
CA LYS A 11 4.64 3.94 12.58
C LYS A 11 3.80 3.07 13.51
N ASP A 12 2.49 3.08 13.34
CA ASP A 12 1.55 2.42 14.24
C ASP A 12 0.42 1.85 13.41
N LEU A 13 -0.11 0.75 13.93
CA LEU A 13 -1.30 0.04 13.42
C LEU A 13 -2.58 0.88 13.59
N SER A 14 -2.53 1.93 14.39
CA SER A 14 -3.66 2.84 14.57
C SER A 14 -3.21 4.25 14.21
N SER A 15 -2.37 4.40 13.18
CA SER A 15 -2.17 5.70 12.55
C SER A 15 -2.90 5.76 11.21
N MET A 16 -3.00 6.91 10.55
CA MET A 16 -3.91 7.07 9.43
C MET A 16 -3.34 6.44 8.17
N VAL A 17 -4.24 5.75 7.46
CA VAL A 17 -3.99 5.29 6.11
C VAL A 17 -4.00 6.51 5.19
N SER A 18 -2.98 6.61 4.34
CA SER A 18 -2.73 7.72 3.42
C SER A 18 -3.62 7.55 2.20
N ASP A 19 -4.11 8.64 1.61
CA ASP A 19 -5.09 8.54 0.53
C ASP A 19 -4.36 8.35 -0.83
N ARG A 20 -3.26 7.60 -0.85
CA ARG A 20 -2.20 7.67 -1.86
C ARG A 20 -1.15 6.65 -1.47
N PHE A 21 -0.93 5.63 -2.30
CA PHE A 21 0.14 4.66 -2.12
C PHE A 21 1.49 5.36 -2.23
N ALA A 22 1.87 5.81 -3.43
CA ALA A 22 3.23 6.26 -3.69
C ALA A 22 3.51 7.65 -3.09
N ARG A 23 2.61 8.17 -2.25
CA ARG A 23 2.82 9.20 -1.29
C ARG A 23 2.19 8.67 0.00
N ALA A 24 2.81 7.69 0.62
CA ALA A 24 2.65 7.42 2.04
C ALA A 24 3.98 7.78 2.70
N GLU A 25 4.08 7.63 4.01
CA GLU A 25 5.34 7.86 4.72
C GLU A 25 5.82 6.63 5.47
N TYR A 26 4.95 5.66 5.68
CA TYR A 26 5.22 4.38 6.27
C TYR A 26 4.40 3.38 5.47
N PHE A 27 4.83 2.13 5.46
CA PHE A 27 4.13 1.05 4.78
C PHE A 27 4.10 -0.10 5.76
N ILE A 28 2.91 -0.37 6.29
CA ILE A 28 2.67 -1.42 7.25
C ILE A 28 2.40 -2.67 6.41
N ILE A 29 3.11 -3.74 6.70
CA ILE A 29 3.22 -4.91 5.84
C ILE A 29 2.82 -6.12 6.67
N TYR A 30 1.57 -6.53 6.52
CA TYR A 30 0.96 -7.62 7.27
C TYR A 30 1.12 -8.93 6.50
N ASP A 31 1.69 -9.94 7.15
CA ASP A 31 1.89 -11.30 6.63
C ASP A 31 0.62 -12.14 6.74
N THR A 32 0.15 -12.73 5.64
CA THR A 32 -0.98 -13.65 5.66
C THR A 32 -0.49 -15.10 5.84
N GLU A 33 0.62 -15.26 6.56
CA GLU A 33 0.95 -16.48 7.27
C GLU A 33 0.98 -16.04 8.72
N SER A 34 2.13 -15.60 9.23
CA SER A 34 2.28 -15.67 10.66
C SER A 34 1.88 -14.34 11.30
N GLY A 35 0.87 -13.65 10.74
CA GLY A 35 0.27 -12.41 11.23
C GLY A 35 1.26 -11.32 11.66
N ASN A 36 2.55 -11.45 11.30
CA ASN A 36 3.57 -10.49 11.64
C ASN A 36 3.30 -9.21 10.86
N VAL A 37 3.77 -8.11 11.42
CA VAL A 37 3.73 -6.83 10.77
C VAL A 37 5.10 -6.21 10.78
N GLU A 38 5.39 -5.51 9.70
CA GLU A 38 6.64 -4.83 9.43
C GLU A 38 6.25 -3.37 9.17
N VAL A 39 6.93 -2.43 9.82
CA VAL A 39 6.82 -1.01 9.49
C VAL A 39 8.00 -0.71 8.58
N VAL A 40 7.74 -0.49 7.30
CA VAL A 40 8.64 0.27 6.45
C VAL A 40 8.38 1.75 6.74
N GLU A 41 9.42 2.58 6.66
CA GLU A 41 9.35 4.03 6.52
C GLU A 41 9.80 4.34 5.08
N ASN A 42 9.29 5.41 4.45
CA ASN A 42 9.71 5.79 3.11
C ASN A 42 9.39 7.25 2.85
N THR A 43 10.34 8.01 2.31
CA THR A 43 10.29 9.47 2.33
C THR A 43 10.24 10.01 0.90
N ILE A 44 9.19 9.63 0.20
CA ILE A 44 8.90 9.96 -1.20
C ILE A 44 8.36 11.38 -1.34
N ALA A 45 9.23 12.37 -1.23
CA ALA A 45 8.92 13.79 -1.33
C ALA A 45 9.46 14.41 -2.64
N ASP A 46 9.40 13.71 -3.77
CA ASP A 46 9.83 14.27 -5.06
C ASP A 46 8.94 13.73 -6.20
N ALA A 47 9.25 14.11 -7.44
CA ALA A 47 8.42 13.90 -8.62
C ALA A 47 9.09 12.94 -9.63
N HIS A 48 9.73 11.89 -9.12
CA HIS A 48 10.51 10.94 -9.92
C HIS A 48 9.64 10.32 -11.02
N GLY A 49 10.29 9.97 -12.14
CA GLY A 49 9.66 9.28 -13.26
C GLY A 49 9.98 7.78 -13.25
N THR A 50 11.14 7.34 -12.76
CA THR A 50 11.51 5.93 -12.76
C THR A 50 12.35 5.61 -11.52
N GLY A 51 12.50 4.31 -11.24
CA GLY A 51 13.01 3.82 -9.98
C GLY A 51 11.87 3.93 -8.97
N PRO A 52 11.13 2.85 -8.66
CA PRO A 52 10.01 2.96 -7.75
C PRO A 52 10.49 3.38 -6.36
N LYS A 53 11.65 2.87 -5.91
CA LYS A 53 12.08 2.76 -4.52
C LYS A 53 11.06 2.02 -3.66
N VAL A 54 9.89 2.62 -3.44
CA VAL A 54 8.80 2.07 -2.66
C VAL A 54 8.50 0.65 -3.12
N VAL A 55 8.09 0.49 -4.37
CA VAL A 55 7.76 -0.79 -4.97
C VAL A 55 8.95 -1.73 -4.86
N GLN A 56 10.16 -1.38 -5.32
CA GLN A 56 11.31 -2.29 -5.26
C GLN A 56 11.44 -2.88 -3.84
N SER A 57 11.36 -2.03 -2.81
CA SER A 57 11.49 -2.39 -1.41
C SER A 57 10.34 -3.26 -0.92
N LEU A 58 9.08 -2.87 -1.15
CA LEU A 58 7.92 -3.60 -0.65
C LEU A 58 7.84 -4.97 -1.32
N VAL A 59 8.15 -5.03 -2.61
CA VAL A 59 8.28 -6.24 -3.38
C VAL A 59 9.39 -7.11 -2.81
N SER A 60 10.54 -6.53 -2.41
CA SER A 60 11.58 -7.22 -1.67
C SER A 60 11.16 -7.68 -0.25
N LYS A 61 9.91 -7.43 0.15
CA LYS A 61 9.31 -7.93 1.37
C LYS A 61 8.00 -8.64 0.98
N GLY A 62 8.01 -9.34 -0.16
CA GLY A 62 7.00 -10.31 -0.59
C GLY A 62 5.57 -9.79 -0.75
N VAL A 63 5.38 -8.47 -0.83
CA VAL A 63 4.06 -7.83 -0.86
C VAL A 63 3.30 -8.17 -2.15
N GLU A 64 2.35 -9.10 -2.03
CA GLU A 64 1.50 -9.61 -3.13
C GLU A 64 0.08 -9.02 -3.08
N TYR A 65 -0.06 -7.76 -2.70
CA TYR A 65 -1.32 -7.11 -2.36
C TYR A 65 -0.98 -5.69 -1.91
N LEU A 66 -1.99 -4.86 -1.68
CA LEU A 66 -1.86 -3.50 -1.21
C LEU A 66 -3.27 -2.98 -0.97
N ILE A 67 -3.45 -2.14 0.04
CA ILE A 67 -4.70 -1.46 0.37
C ILE A 67 -4.43 0.02 0.14
N ALA A 68 -4.92 0.61 -0.96
CA ALA A 68 -4.55 1.94 -1.42
C ALA A 68 -5.65 2.48 -2.35
N SER A 69 -6.47 3.37 -1.83
CA SER A 69 -7.55 4.04 -2.55
C SER A 69 -7.08 4.90 -3.74
N ASN A 70 -5.79 5.26 -3.83
CA ASN A 70 -5.23 5.94 -5.00
C ASN A 70 -3.71 5.84 -4.95
N VAL A 71 -2.99 6.37 -5.94
CA VAL A 71 -1.53 6.28 -6.02
C VAL A 71 -0.92 7.68 -6.18
N GLY A 72 0.34 7.83 -5.78
CA GLY A 72 1.24 8.96 -6.07
C GLY A 72 1.59 9.12 -7.57
N ARG A 73 0.81 8.56 -8.50
CA ARG A 73 0.90 8.69 -9.96
C ARG A 73 2.19 8.14 -10.61
N ASN A 74 3.13 7.58 -9.85
CA ASN A 74 4.31 6.89 -10.35
C ASN A 74 4.44 5.66 -9.46
N ALA A 75 4.02 4.48 -9.94
CA ALA A 75 3.97 3.22 -9.20
C ALA A 75 3.07 2.17 -9.83
N PHE A 76 1.90 2.54 -10.37
CA PHE A 76 0.84 1.54 -10.60
C PHE A 76 1.36 0.44 -11.48
N GLU A 77 2.07 0.78 -12.54
CA GLU A 77 2.63 -0.15 -13.51
C GLU A 77 3.67 -1.05 -12.85
N THR A 78 4.51 -0.50 -11.97
CA THR A 78 5.46 -1.27 -11.20
C THR A 78 4.76 -2.20 -10.20
N LEU A 79 3.49 -1.93 -9.84
CA LEU A 79 2.74 -2.80 -8.94
C LEU A 79 2.38 -4.02 -9.77
N LYS A 80 1.87 -3.81 -10.98
CA LYS A 80 1.53 -4.86 -11.92
C LYS A 80 2.76 -5.65 -12.34
N ALA A 81 3.92 -4.99 -12.47
CA ALA A 81 5.17 -5.63 -12.83
C ALA A 81 5.50 -6.74 -11.83
N ALA A 82 5.35 -6.48 -10.52
CA ALA A 82 5.52 -7.52 -9.52
C ALA A 82 4.17 -8.15 -9.13
N GLY A 83 3.25 -8.30 -10.08
CA GLY A 83 1.90 -8.86 -9.93
C GLY A 83 1.14 -8.48 -8.67
N VAL A 84 1.34 -7.29 -8.13
CA VAL A 84 0.83 -6.85 -6.84
C VAL A 84 -0.62 -6.43 -7.03
N LYS A 85 -1.50 -7.05 -6.22
CA LYS A 85 -2.90 -6.69 -6.23
C LYS A 85 -3.06 -5.39 -5.43
N VAL A 86 -4.15 -4.65 -5.62
CA VAL A 86 -4.36 -3.34 -5.02
C VAL A 86 -5.85 -3.28 -4.70
N TYR A 87 -6.21 -2.87 -3.49
CA TYR A 87 -7.56 -2.59 -3.03
C TYR A 87 -7.75 -1.10 -2.89
N ARG A 88 -9.01 -0.65 -2.92
CA ARG A 88 -9.40 0.64 -2.40
C ARG A 88 -9.55 0.49 -0.89
N PHE A 89 -9.51 1.62 -0.19
CA PHE A 89 -9.98 1.78 1.18
C PHE A 89 -10.86 3.04 1.26
N GLU A 90 -11.75 3.23 2.25
CA GLU A 90 -12.59 4.44 2.32
C GLU A 90 -12.52 5.09 3.71
N GLY A 91 -11.39 5.75 3.96
CA GLY A 91 -11.04 6.32 5.26
C GLY A 91 -10.73 5.23 6.28
N GLY A 92 -10.01 5.58 7.35
CA GLY A 92 -9.57 4.61 8.36
C GLY A 92 -8.13 4.83 8.78
N THR A 93 -7.79 4.25 9.93
CA THR A 93 -6.44 4.09 10.41
C THR A 93 -5.99 2.67 10.04
N VAL A 94 -4.69 2.36 10.09
CA VAL A 94 -4.13 1.14 9.51
C VAL A 94 -4.94 -0.13 9.80
N GLN A 95 -5.53 -0.31 10.98
CA GLN A 95 -6.32 -1.50 11.29
C GLN A 95 -7.59 -1.63 10.44
N GLU A 96 -8.23 -0.54 10.04
CA GLU A 96 -9.44 -0.48 9.24
C GLU A 96 -9.14 -1.00 7.85
N ALA A 97 -8.00 -0.60 7.27
CA ALA A 97 -7.56 -1.14 5.99
C ALA A 97 -7.55 -2.67 5.98
N ILE A 98 -7.35 -3.31 7.13
CA ILE A 98 -7.20 -4.76 7.26
C ILE A 98 -8.55 -5.31 7.60
N ASP A 99 -9.19 -4.81 8.65
CA ASP A 99 -10.46 -5.30 9.17
C ASP A 99 -11.55 -5.14 8.13
N ALA A 100 -11.38 -4.17 7.21
CA ALA A 100 -12.26 -4.04 6.09
C ALA A 100 -11.96 -5.15 5.05
N PHE A 101 -10.70 -5.22 4.59
CA PHE A 101 -10.24 -6.17 3.57
C PHE A 101 -10.41 -7.63 3.98
N SER A 102 -10.06 -7.97 5.21
CA SER A 102 -10.04 -9.32 5.76
C SER A 102 -11.45 -9.89 5.89
N GLU A 103 -12.46 -9.02 5.76
CA GLU A 103 -13.86 -9.40 5.69
C GLU A 103 -14.44 -8.92 4.38
N GLY A 104 -13.63 -8.96 3.33
CA GLY A 104 -13.97 -8.62 1.98
C GLY A 104 -14.66 -7.27 1.75
N ARG A 105 -14.85 -6.42 2.77
CA ARG A 105 -15.58 -5.16 2.72
C ARG A 105 -14.71 -4.03 2.18
N LEU A 106 -13.90 -4.31 1.16
CA LEU A 106 -13.24 -3.29 0.38
C LEU A 106 -13.54 -3.61 -1.08
N GLU A 107 -12.81 -2.97 -1.99
CA GLU A 107 -12.88 -3.24 -3.43
C GLU A 107 -11.48 -3.47 -3.92
N GLU A 108 -11.31 -4.21 -5.01
CA GLU A 108 -10.11 -4.26 -5.78
C GLU A 108 -10.08 -2.99 -6.63
N LEU A 109 -8.95 -2.30 -6.64
CA LEU A 109 -8.73 -1.06 -7.37
C LEU A 109 -7.63 -1.29 -8.41
N THR A 110 -7.94 -2.05 -9.45
CA THR A 110 -6.93 -2.56 -10.38
C THR A 110 -7.10 -1.91 -11.76
N THR A 111 -7.44 -0.62 -11.73
CA THR A 111 -7.65 0.29 -12.85
C THR A 111 -8.17 1.56 -12.20
N PHE A 112 -7.32 2.57 -12.15
CA PHE A 112 -7.61 3.91 -11.69
C PHE A 112 -6.52 4.81 -12.24
N THR A 113 -6.74 6.12 -12.17
CA THR A 113 -5.79 7.15 -12.55
C THR A 113 -6.00 8.34 -11.62
N ARG A 114 -5.14 9.36 -11.69
CA ARG A 114 -5.42 10.67 -11.10
C ARG A 114 -4.79 11.69 -12.00
N GLU A 115 -5.55 12.72 -12.36
CA GLU A 115 -5.11 13.82 -13.18
C GLU A 115 -5.70 15.08 -12.53
N GLY A 116 -4.95 15.65 -11.60
CA GLY A 116 -5.32 16.89 -10.93
C GLY A 116 -4.04 17.64 -10.66
N MET A 1 -0.56 -17.75 2.46
CA MET A 1 0.53 -16.77 2.47
C MET A 1 0.16 -15.57 1.61
N ALA A 2 0.79 -14.43 1.88
CA ALA A 2 0.90 -13.19 1.11
C ALA A 2 1.27 -12.09 2.07
N ARG A 3 2.01 -11.09 1.62
CA ARG A 3 2.17 -9.87 2.36
C ARG A 3 1.33 -8.81 1.69
N VAL A 4 0.54 -8.09 2.47
CA VAL A 4 -0.17 -6.90 2.02
C VAL A 4 0.74 -5.73 2.44
N ALA A 5 0.70 -4.59 1.76
CA ALA A 5 1.28 -3.35 2.29
C ALA A 5 0.12 -2.39 2.51
N ILE A 6 0.22 -1.52 3.51
CA ILE A 6 -0.76 -0.48 3.77
C ILE A 6 0.03 0.83 3.88
N PRO A 7 -0.25 1.82 3.03
CA PRO A 7 0.35 3.14 3.03
C PRO A 7 -0.23 3.90 4.22
N SER A 8 0.47 3.89 5.33
CA SER A 8 0.12 4.65 6.52
C SER A 8 0.79 6.04 6.44
N VAL A 9 0.44 6.92 7.38
CA VAL A 9 1.15 8.16 7.65
C VAL A 9 1.50 8.28 9.14
N GLY A 10 1.87 7.16 9.74
CA GLY A 10 2.49 7.06 11.04
C GLY A 10 2.91 5.60 11.24
N LYS A 11 3.63 5.31 12.32
CA LYS A 11 4.35 4.06 12.50
C LYS A 11 3.65 3.18 13.53
N ASP A 12 2.32 3.19 13.52
CA ASP A 12 1.48 2.49 14.48
C ASP A 12 0.32 1.87 13.70
N LEU A 13 -0.22 0.76 14.20
CA LEU A 13 -1.31 0.02 13.55
C LEU A 13 -2.66 0.76 13.69
N SER A 14 -2.71 1.86 14.43
CA SER A 14 -3.83 2.79 14.37
C SER A 14 -3.31 4.19 14.04
N SER A 15 -2.31 4.31 13.17
CA SER A 15 -2.09 5.59 12.49
C SER A 15 -3.10 5.68 11.34
N MET A 16 -3.19 6.80 10.61
CA MET A 16 -4.08 6.88 9.47
C MET A 16 -3.47 6.18 8.27
N VAL A 17 -4.33 5.55 7.47
CA VAL A 17 -3.99 5.11 6.11
C VAL A 17 -4.06 6.33 5.18
N SER A 18 -3.42 6.22 4.02
CA SER A 18 -3.12 7.29 3.10
C SER A 18 -3.79 7.06 1.76
N ASP A 19 -4.44 8.11 1.24
CA ASP A 19 -5.21 8.10 0.00
C ASP A 19 -4.28 8.22 -1.22
N ARG A 20 -3.11 7.57 -1.17
CA ARG A 20 -1.99 7.84 -2.07
C ARG A 20 -0.85 6.87 -1.74
N PHE A 21 -0.89 5.64 -2.25
CA PHE A 21 0.17 4.67 -2.02
C PHE A 21 1.56 5.22 -2.32
N ALA A 22 1.76 5.71 -3.54
CA ALA A 22 3.07 6.12 -4.02
C ALA A 22 3.58 7.39 -3.32
N ARG A 23 2.87 7.93 -2.32
CA ARG A 23 3.19 9.10 -1.55
C ARG A 23 2.86 8.83 -0.07
N ALA A 24 3.11 7.61 0.41
CA ALA A 24 2.77 7.32 1.79
C ALA A 24 4.01 7.66 2.63
N GLU A 25 3.93 7.47 3.95
CA GLU A 25 5.05 7.77 4.83
C GLU A 25 5.53 6.55 5.62
N TYR A 26 4.70 5.52 5.72
CA TYR A 26 5.03 4.27 6.37
C TYR A 26 4.28 3.22 5.57
N PHE A 27 4.84 2.01 5.48
CA PHE A 27 4.28 0.90 4.73
C PHE A 27 4.27 -0.27 5.68
N ILE A 28 3.12 -0.47 6.30
CA ILE A 28 2.90 -1.51 7.28
C ILE A 28 2.69 -2.73 6.41
N ILE A 29 3.60 -3.68 6.47
CA ILE A 29 3.56 -4.92 5.72
C ILE A 29 3.06 -5.96 6.69
N TYR A 30 1.81 -6.41 6.52
CA TYR A 30 1.23 -7.49 7.30
C TYR A 30 1.43 -8.81 6.56
N ASP A 31 1.87 -9.84 7.29
CA ASP A 31 2.15 -11.17 6.78
C ASP A 31 0.98 -12.11 7.03
N THR A 32 0.34 -12.60 5.96
CA THR A 32 -0.86 -13.44 6.08
C THR A 32 -0.47 -14.92 6.26
N GLU A 33 0.68 -15.16 6.89
CA GLU A 33 1.04 -16.41 7.51
C GLU A 33 1.12 -16.10 8.99
N SER A 34 2.26 -15.64 9.50
CA SER A 34 2.36 -15.72 10.95
C SER A 34 1.90 -14.38 11.59
N GLY A 35 0.89 -13.74 10.99
CA GLY A 35 0.28 -12.49 11.46
C GLY A 35 1.30 -11.40 11.79
N ASN A 36 2.53 -11.53 11.28
CA ASN A 36 3.63 -10.62 11.55
C ASN A 36 3.36 -9.29 10.89
N VAL A 37 4.06 -8.26 11.37
CA VAL A 37 4.03 -6.96 10.76
C VAL A 37 5.46 -6.41 10.70
N GLU A 38 5.70 -5.56 9.71
CA GLU A 38 6.91 -4.79 9.52
C GLU A 38 6.42 -3.39 9.24
N VAL A 39 6.88 -2.41 10.02
CA VAL A 39 6.68 -1.01 9.68
C VAL A 39 7.90 -0.64 8.84
N VAL A 40 7.71 -0.51 7.52
CA VAL A 40 8.67 0.21 6.71
C VAL A 40 8.35 1.69 6.92
N GLU A 41 9.40 2.51 7.00
CA GLU A 41 9.35 3.96 6.87
C GLU A 41 9.72 4.29 5.43
N ASN A 42 9.08 5.28 4.82
CA ASN A 42 9.52 5.83 3.54
C ASN A 42 9.19 7.32 3.51
N THR A 43 10.00 8.14 2.85
CA THR A 43 9.96 9.58 3.08
C THR A 43 9.84 10.33 1.75
N ILE A 44 8.97 9.86 0.84
CA ILE A 44 9.02 10.30 -0.54
C ILE A 44 8.40 11.69 -0.71
N ALA A 45 9.27 12.71 -0.65
CA ALA A 45 8.97 14.11 -0.83
C ALA A 45 9.66 14.60 -2.12
N ASP A 46 9.66 13.77 -3.15
CA ASP A 46 10.49 13.84 -4.34
C ASP A 46 9.80 13.05 -5.47
N ALA A 47 10.42 13.01 -6.66
CA ALA A 47 10.17 12.15 -7.82
C ALA A 47 10.78 12.80 -9.06
N HIS A 48 12.10 12.87 -9.12
CA HIS A 48 12.84 13.55 -10.18
C HIS A 48 13.01 12.62 -11.40
N GLY A 49 11.93 11.96 -11.83
CA GLY A 49 11.90 11.08 -13.02
C GLY A 49 12.44 9.67 -12.77
N THR A 50 12.66 9.27 -11.52
CA THR A 50 13.38 8.07 -11.12
C THR A 50 12.50 6.80 -11.07
N GLY A 51 13.13 5.66 -10.76
CA GLY A 51 12.52 4.34 -10.59
C GLY A 51 11.56 4.29 -9.39
N PRO A 52 10.93 3.13 -9.11
CA PRO A 52 9.78 3.07 -8.21
C PRO A 52 10.16 3.45 -6.78
N LYS A 53 11.38 3.14 -6.35
CA LYS A 53 11.91 3.07 -4.99
C LYS A 53 11.00 2.24 -4.07
N VAL A 54 9.85 2.77 -3.67
CA VAL A 54 8.92 2.14 -2.75
C VAL A 54 8.58 0.75 -3.24
N VAL A 55 8.06 0.65 -4.47
CA VAL A 55 7.61 -0.60 -5.07
C VAL A 55 8.77 -1.57 -5.08
N GLN A 56 9.91 -1.23 -5.68
CA GLN A 56 11.11 -2.06 -5.68
C GLN A 56 11.36 -2.69 -4.30
N SER A 57 11.42 -1.87 -3.25
CA SER A 57 11.70 -2.25 -1.87
C SER A 57 10.64 -3.14 -1.26
N LEU A 58 9.37 -2.71 -1.30
CA LEU A 58 8.26 -3.41 -0.68
C LEU A 58 8.07 -4.77 -1.35
N VAL A 59 8.16 -4.82 -2.67
CA VAL A 59 8.09 -6.02 -3.48
C VAL A 59 9.12 -7.04 -3.01
N SER A 60 10.35 -6.62 -2.68
CA SER A 60 11.35 -7.54 -2.16
C SER A 60 11.03 -8.08 -0.75
N LYS A 61 9.91 -7.70 -0.12
CA LYS A 61 9.34 -8.37 1.06
C LYS A 61 8.05 -9.11 0.68
N GLY A 62 7.99 -9.73 -0.51
CA GLY A 62 6.88 -10.57 -0.97
C GLY A 62 5.50 -9.93 -0.82
N VAL A 63 5.43 -8.61 -0.95
CA VAL A 63 4.20 -7.84 -0.83
C VAL A 63 3.37 -8.12 -2.10
N GLU A 64 2.49 -9.11 -2.05
CA GLU A 64 1.71 -9.60 -3.18
C GLU A 64 0.32 -8.94 -3.20
N TYR A 65 0.21 -7.68 -2.79
CA TYR A 65 -1.06 -7.14 -2.34
C TYR A 65 -0.78 -5.75 -1.75
N LEU A 66 -1.81 -4.91 -1.65
CA LEU A 66 -1.70 -3.54 -1.18
C LEU A 66 -3.10 -3.00 -0.94
N ILE A 67 -3.28 -2.12 0.04
CA ILE A 67 -4.55 -1.45 0.36
C ILE A 67 -4.34 0.04 0.18
N ALA A 68 -4.86 0.67 -0.88
CA ALA A 68 -4.49 2.03 -1.25
C ALA A 68 -5.59 2.70 -2.09
N SER A 69 -6.22 3.72 -1.51
CA SER A 69 -7.36 4.42 -2.09
C SER A 69 -7.13 5.00 -3.49
N ASN A 70 -5.86 5.26 -3.79
CA ASN A 70 -5.30 5.81 -5.00
C ASN A 70 -3.84 5.43 -4.94
N VAL A 71 -3.12 5.79 -5.98
CA VAL A 71 -1.70 6.06 -5.82
C VAL A 71 -1.43 7.52 -6.21
N GLY A 72 -0.26 8.06 -5.86
CA GLY A 72 0.02 9.49 -6.02
C GLY A 72 0.55 9.88 -7.39
N ARG A 73 0.94 8.88 -8.20
CA ARG A 73 1.37 8.83 -9.61
C ARG A 73 2.39 7.70 -9.77
N ASN A 74 2.78 7.45 -11.02
CA ASN A 74 3.88 6.62 -11.53
C ASN A 74 4.31 5.52 -10.56
N ALA A 75 3.50 4.47 -10.46
CA ALA A 75 3.73 3.28 -9.63
C ALA A 75 2.78 2.15 -9.97
N PHE A 76 1.61 2.44 -10.53
CA PHE A 76 0.56 1.43 -10.69
C PHE A 76 1.02 0.27 -11.53
N GLU A 77 1.68 0.52 -12.65
CA GLU A 77 2.14 -0.55 -13.52
C GLU A 77 3.22 -1.35 -12.80
N THR A 78 4.03 -0.69 -11.99
CA THR A 78 5.11 -1.30 -11.23
C THR A 78 4.55 -2.17 -10.11
N LEU A 79 3.26 -2.01 -9.76
CA LEU A 79 2.58 -2.84 -8.79
C LEU A 79 2.22 -4.15 -9.48
N LYS A 80 1.50 -4.05 -10.60
CA LYS A 80 1.12 -5.20 -11.40
C LYS A 80 2.32 -5.99 -11.91
N ALA A 81 3.45 -5.31 -12.15
CA ALA A 81 4.71 -5.95 -12.52
C ALA A 81 5.12 -7.03 -11.52
N ALA A 82 4.86 -6.84 -10.22
CA ALA A 82 5.16 -7.83 -9.19
C ALA A 82 3.86 -8.42 -8.62
N GLY A 83 2.86 -8.61 -9.47
CA GLY A 83 1.54 -9.11 -9.14
C GLY A 83 0.89 -8.49 -7.90
N VAL A 84 1.19 -7.23 -7.59
CA VAL A 84 0.75 -6.60 -6.37
C VAL A 84 -0.68 -6.14 -6.56
N LYS A 85 -1.64 -6.95 -6.09
CA LYS A 85 -3.04 -6.65 -6.30
C LYS A 85 -3.48 -5.58 -5.30
N VAL A 86 -3.78 -4.41 -5.83
CA VAL A 86 -4.05 -3.18 -5.08
C VAL A 86 -5.55 -3.11 -4.84
N TYR A 87 -5.94 -2.85 -3.59
CA TYR A 87 -7.29 -2.57 -3.17
C TYR A 87 -7.47 -1.06 -3.00
N ARG A 88 -8.71 -0.59 -2.98
CA ARG A 88 -9.11 0.72 -2.48
C ARG A 88 -9.14 0.62 -0.96
N PHE A 89 -9.08 1.74 -0.27
CA PHE A 89 -9.41 1.94 1.14
C PHE A 89 -10.19 3.25 1.17
N GLU A 90 -11.10 3.49 2.10
CA GLU A 90 -11.89 4.74 2.04
C GLU A 90 -12.10 5.31 3.43
N GLY A 91 -11.00 5.74 4.05
CA GLY A 91 -11.01 6.42 5.35
C GLY A 91 -11.04 5.40 6.47
N GLY A 92 -10.12 5.52 7.42
CA GLY A 92 -9.77 4.45 8.34
C GLY A 92 -8.30 4.58 8.75
N THR A 93 -7.94 3.95 9.86
CA THR A 93 -6.58 3.78 10.31
C THR A 93 -6.00 2.49 9.74
N VAL A 94 -4.71 2.22 9.96
CA VAL A 94 -4.06 1.02 9.44
C VAL A 94 -4.86 -0.24 9.72
N GLN A 95 -5.47 -0.40 10.90
CA GLN A 95 -6.27 -1.57 11.22
C GLN A 95 -7.52 -1.72 10.34
N GLU A 96 -8.14 -0.61 9.98
CA GLU A 96 -9.38 -0.54 9.22
C GLU A 96 -9.13 -1.02 7.82
N ALA A 97 -8.01 -0.65 7.20
CA ALA A 97 -7.60 -1.22 5.93
C ALA A 97 -7.71 -2.75 5.96
N ILE A 98 -7.34 -3.40 7.06
CA ILE A 98 -7.22 -4.85 7.14
C ILE A 98 -8.58 -5.42 7.48
N ASP A 99 -9.23 -4.87 8.49
CA ASP A 99 -10.55 -5.20 9.01
C ASP A 99 -11.61 -4.92 7.94
N ALA A 100 -11.25 -4.12 6.92
CA ALA A 100 -12.03 -3.92 5.72
C ALA A 100 -11.68 -5.02 4.72
N PHE A 101 -10.43 -5.08 4.25
CA PHE A 101 -10.01 -6.03 3.22
C PHE A 101 -10.34 -7.47 3.57
N SER A 102 -9.93 -7.87 4.77
CA SER A 102 -9.98 -9.27 5.15
C SER A 102 -11.44 -9.70 5.23
N GLU A 103 -12.29 -8.85 5.79
CA GLU A 103 -13.72 -9.08 5.85
C GLU A 103 -14.41 -8.49 4.61
N GLY A 104 -13.73 -8.57 3.46
CA GLY A 104 -14.23 -8.30 2.11
C GLY A 104 -14.85 -6.93 1.86
N ARG A 105 -14.76 -5.98 2.79
CA ARG A 105 -15.39 -4.68 2.63
C ARG A 105 -14.49 -3.70 1.90
N LEU A 106 -13.72 -4.15 0.89
CA LEU A 106 -12.96 -3.24 0.06
C LEU A 106 -13.17 -3.57 -1.41
N GLU A 107 -12.66 -2.71 -2.28
CA GLU A 107 -12.69 -2.86 -3.73
C GLU A 107 -11.28 -3.21 -4.14
N GLU A 108 -11.11 -3.97 -5.22
CA GLU A 108 -9.85 -4.07 -5.91
C GLU A 108 -9.80 -2.86 -6.84
N LEU A 109 -8.72 -2.08 -6.77
CA LEU A 109 -8.59 -0.80 -7.44
C LEU A 109 -7.53 -0.89 -8.52
N THR A 110 -7.79 -1.70 -9.53
CA THR A 110 -6.77 -2.14 -10.45
C THR A 110 -6.97 -1.46 -11.81
N THR A 111 -7.37 -0.17 -11.79
CA THR A 111 -7.79 0.61 -12.97
C THR A 111 -8.51 1.89 -12.50
N PHE A 112 -7.84 2.72 -11.71
CA PHE A 112 -8.36 4.04 -11.31
C PHE A 112 -8.13 5.03 -12.45
N THR A 113 -8.79 6.19 -12.43
CA THR A 113 -8.75 7.18 -13.49
C THR A 113 -8.02 8.43 -12.99
N ARG A 114 -7.62 9.32 -13.90
CA ARG A 114 -7.15 10.64 -13.50
C ARG A 114 -7.39 11.65 -14.61
N GLU A 115 -7.75 12.85 -14.18
CA GLU A 115 -7.90 14.05 -14.98
C GLU A 115 -7.70 15.17 -13.95
N GLY A 116 -6.45 15.61 -13.73
CA GLY A 116 -6.10 16.54 -12.67
C GLY A 116 -4.71 16.26 -12.10
N MET A 1 -2.08 -16.69 3.11
CA MET A 1 -0.67 -16.42 2.79
C MET A 1 -0.61 -15.32 1.73
N ALA A 2 0.16 -14.28 2.00
CA ALA A 2 0.57 -13.15 1.18
C ALA A 2 1.06 -12.04 2.09
N ARG A 3 1.74 -11.06 1.50
CA ARG A 3 2.04 -9.81 2.16
C ARG A 3 1.29 -8.68 1.50
N VAL A 4 0.36 -8.13 2.22
CA VAL A 4 -0.32 -6.90 1.91
C VAL A 4 0.62 -5.77 2.33
N ALA A 5 0.53 -4.60 1.70
CA ALA A 5 1.12 -3.40 2.28
C ALA A 5 -0.01 -2.41 2.49
N ILE A 6 0.11 -1.56 3.50
CA ILE A 6 -0.86 -0.52 3.79
C ILE A 6 -0.06 0.77 3.95
N PRO A 7 -0.30 1.78 3.10
CA PRO A 7 0.32 3.07 3.15
C PRO A 7 -0.18 3.78 4.40
N SER A 8 0.73 4.26 5.24
CA SER A 8 0.49 4.98 6.47
C SER A 8 1.29 6.30 6.35
N VAL A 9 1.13 7.19 7.32
CA VAL A 9 1.88 8.43 7.54
C VAL A 9 2.26 8.47 9.05
N GLY A 10 2.58 7.30 9.63
CA GLY A 10 3.06 7.13 10.99
C GLY A 10 3.25 5.64 11.27
N LYS A 11 3.75 5.29 12.46
CA LYS A 11 4.43 4.03 12.74
C LYS A 11 3.75 3.21 13.82
N ASP A 12 2.42 3.19 13.80
CA ASP A 12 1.61 2.33 14.65
C ASP A 12 0.46 1.79 13.79
N LEU A 13 -0.09 0.64 14.17
CA LEU A 13 -1.21 -0.06 13.53
C LEU A 13 -2.51 0.76 13.65
N SER A 14 -2.53 1.74 14.54
CA SER A 14 -3.60 2.70 14.61
C SER A 14 -3.15 4.11 14.20
N SER A 15 -2.30 4.19 13.18
CA SER A 15 -2.04 5.47 12.51
C SER A 15 -2.90 5.57 11.24
N MET A 16 -3.01 6.72 10.59
CA MET A 16 -3.94 7.01 9.48
C MET A 16 -3.43 6.40 8.16
N VAL A 17 -4.28 5.71 7.40
CA VAL A 17 -3.91 5.20 6.07
C VAL A 17 -3.80 6.39 5.10
N SER A 18 -2.81 6.40 4.22
CA SER A 18 -2.54 7.51 3.32
C SER A 18 -3.36 7.34 2.05
N ASP A 19 -3.95 8.43 1.55
CA ASP A 19 -4.91 8.40 0.44
C ASP A 19 -4.20 8.34 -0.93
N ARG A 20 -3.09 7.60 -1.01
CA ARG A 20 -2.09 7.85 -2.04
C ARG A 20 -0.93 6.87 -1.85
N PHE A 21 -0.90 5.75 -2.59
CA PHE A 21 0.16 4.77 -2.42
C PHE A 21 1.56 5.37 -2.57
N ALA A 22 1.83 6.12 -3.64
CA ALA A 22 3.18 6.58 -3.97
C ALA A 22 3.46 7.97 -3.36
N ARG A 23 2.61 8.40 -2.42
CA ARG A 23 2.79 9.55 -1.55
C ARG A 23 2.48 9.08 -0.13
N ALA A 24 2.91 7.87 0.19
CA ALA A 24 2.65 7.32 1.49
C ALA A 24 4.01 7.08 2.08
N GLU A 25 4.14 7.38 3.35
CA GLU A 25 5.43 7.38 3.98
C GLU A 25 5.72 6.00 4.51
N TYR A 26 5.05 5.68 5.61
CA TYR A 26 5.29 4.44 6.27
C TYR A 26 4.46 3.39 5.57
N PHE A 27 4.85 2.14 5.68
CA PHE A 27 4.09 1.04 5.13
C PHE A 27 4.06 -0.04 6.17
N ILE A 28 2.85 -0.45 6.51
CA ILE A 28 2.64 -1.57 7.40
C ILE A 28 2.49 -2.76 6.46
N ILE A 29 3.44 -3.69 6.48
CA ILE A 29 3.36 -4.94 5.73
C ILE A 29 2.88 -5.97 6.73
N TYR A 30 1.68 -6.48 6.53
CA TYR A 30 1.15 -7.61 7.28
C TYR A 30 1.50 -8.91 6.54
N ASP A 31 1.59 -10.03 7.24
CA ASP A 31 1.97 -11.35 6.73
C ASP A 31 0.90 -12.39 7.05
N THR A 32 0.09 -12.85 6.08
CA THR A 32 -0.99 -13.81 6.37
C THR A 32 -0.48 -15.25 6.44
N GLU A 33 0.72 -15.45 6.98
CA GLU A 33 1.23 -16.73 7.44
C GLU A 33 1.21 -16.77 8.92
N SER A 34 1.99 -15.92 9.56
CA SER A 34 1.97 -15.93 11.01
C SER A 34 1.64 -14.55 11.56
N GLY A 35 0.73 -13.82 10.89
CA GLY A 35 0.12 -12.57 11.36
C GLY A 35 1.14 -11.47 11.66
N ASN A 36 2.38 -11.63 11.19
CA ASN A 36 3.48 -10.75 11.50
C ASN A 36 3.26 -9.41 10.83
N VAL A 37 3.94 -8.39 11.34
CA VAL A 37 3.86 -7.05 10.78
C VAL A 37 5.22 -6.36 10.86
N GLU A 38 5.50 -5.50 9.88
CA GLU A 38 6.70 -4.69 9.77
C GLU A 38 6.25 -3.27 9.52
N VAL A 39 6.91 -2.28 10.12
CA VAL A 39 6.81 -0.87 9.74
C VAL A 39 8.01 -0.59 8.84
N VAL A 40 7.75 -0.41 7.56
CA VAL A 40 8.65 0.27 6.65
C VAL A 40 8.45 1.76 6.90
N GLU A 41 9.54 2.51 6.79
CA GLU A 41 9.65 3.95 6.83
C GLU A 41 10.17 4.28 5.44
N ASN A 42 9.32 4.84 4.59
CA ASN A 42 9.63 5.16 3.21
C ASN A 42 9.46 6.68 3.17
N THR A 43 10.54 7.46 3.05
CA THR A 43 10.43 8.90 3.19
C THR A 43 9.95 9.50 1.85
N ILE A 44 8.67 9.31 1.48
CA ILE A 44 8.14 9.56 0.15
C ILE A 44 7.29 10.82 0.17
N ALA A 45 7.84 11.84 -0.48
CA ALA A 45 7.27 13.16 -0.62
C ALA A 45 6.92 13.41 -2.09
N ASP A 46 6.12 14.44 -2.34
CA ASP A 46 5.80 14.96 -3.67
C ASP A 46 6.94 15.84 -4.17
N ALA A 47 8.05 15.15 -4.44
CA ALA A 47 9.05 15.50 -5.43
C ALA A 47 8.80 14.56 -6.61
N HIS A 48 8.95 15.02 -7.85
CA HIS A 48 9.00 14.09 -8.98
C HIS A 48 10.39 13.40 -8.98
N GLY A 49 10.53 12.28 -9.69
CA GLY A 49 11.77 11.51 -9.76
C GLY A 49 11.70 10.48 -10.89
N THR A 50 12.62 9.51 -10.87
CA THR A 50 12.60 8.30 -11.68
C THR A 50 12.75 7.10 -10.75
N GLY A 51 12.30 5.93 -11.19
CA GLY A 51 12.37 4.66 -10.48
C GLY A 51 11.35 4.60 -9.33
N PRO A 52 11.00 3.41 -8.85
CA PRO A 52 9.94 3.25 -7.86
C PRO A 52 10.39 3.61 -6.46
N LYS A 53 11.56 3.15 -5.99
CA LYS A 53 11.99 3.24 -4.59
C LYS A 53 11.04 2.49 -3.67
N VAL A 54 9.83 3.00 -3.46
CA VAL A 54 8.83 2.45 -2.56
C VAL A 54 8.37 1.08 -3.06
N VAL A 55 8.06 0.97 -4.35
CA VAL A 55 7.67 -0.30 -4.94
C VAL A 55 8.85 -1.25 -4.83
N GLN A 56 10.04 -0.87 -5.34
CA GLN A 56 11.24 -1.69 -5.27
C GLN A 56 11.44 -2.27 -3.85
N SER A 57 11.32 -1.44 -2.81
CA SER A 57 11.43 -1.89 -1.42
C SER A 57 10.36 -2.90 -1.06
N LEU A 58 9.10 -2.49 -1.04
CA LEU A 58 7.97 -3.29 -0.59
C LEU A 58 7.95 -4.64 -1.32
N VAL A 59 8.23 -4.63 -2.62
CA VAL A 59 8.34 -5.80 -3.49
C VAL A 59 9.52 -6.68 -3.09
N SER A 60 10.67 -6.10 -2.76
CA SER A 60 11.79 -6.85 -2.20
C SER A 60 11.46 -7.42 -0.81
N LYS A 61 10.28 -7.11 -0.24
CA LYS A 61 9.80 -7.75 0.98
C LYS A 61 8.48 -8.47 0.68
N GLY A 62 8.38 -9.08 -0.51
CA GLY A 62 7.43 -10.12 -0.86
C GLY A 62 5.96 -9.72 -0.89
N VAL A 63 5.67 -8.43 -1.02
CA VAL A 63 4.32 -7.89 -1.02
C VAL A 63 3.57 -8.35 -2.29
N GLU A 64 2.43 -9.01 -2.13
CA GLU A 64 1.59 -9.60 -3.19
C GLU A 64 0.16 -9.04 -3.08
N TYR A 65 0.02 -7.76 -2.71
CA TYR A 65 -1.23 -7.12 -2.35
C TYR A 65 -0.91 -5.66 -2.00
N LEU A 66 -1.93 -4.85 -1.71
CA LEU A 66 -1.82 -3.48 -1.24
C LEU A 66 -3.23 -2.98 -0.95
N ILE A 67 -3.39 -2.06 -0.01
CA ILE A 67 -4.63 -1.37 0.34
C ILE A 67 -4.38 0.13 0.20
N ALA A 68 -4.87 0.81 -0.83
CA ALA A 68 -4.64 2.25 -1.03
C ALA A 68 -5.79 2.87 -1.81
N SER A 69 -6.28 4.03 -1.38
CA SER A 69 -7.43 4.63 -2.06
C SER A 69 -7.15 5.02 -3.52
N ASN A 70 -5.88 5.31 -3.85
CA ASN A 70 -5.41 5.72 -5.16
C ASN A 70 -3.88 5.66 -5.17
N VAL A 71 -3.24 6.09 -6.26
CA VAL A 71 -1.80 6.14 -6.39
C VAL A 71 -1.34 7.59 -6.53
N GLY A 72 -0.09 7.86 -6.12
CA GLY A 72 0.62 9.13 -6.27
C GLY A 72 1.19 9.30 -7.70
N ARG A 73 0.55 8.71 -8.72
CA ARG A 73 1.12 8.37 -10.04
C ARG A 73 2.44 7.61 -9.91
N ASN A 74 3.14 7.39 -11.04
CA ASN A 74 4.38 6.66 -11.22
C ASN A 74 4.59 5.58 -10.15
N ALA A 75 3.86 4.48 -10.25
CA ALA A 75 3.88 3.35 -9.31
C ALA A 75 2.92 2.23 -9.72
N PHE A 76 1.72 2.55 -10.21
CA PHE A 76 0.67 1.57 -10.50
C PHE A 76 1.14 0.49 -11.45
N GLU A 77 1.99 0.83 -12.42
CA GLU A 77 2.53 -0.12 -13.37
C GLU A 77 3.55 -1.02 -12.68
N THR A 78 4.38 -0.45 -11.81
CA THR A 78 5.39 -1.19 -11.09
C THR A 78 4.75 -2.15 -10.07
N LEU A 79 3.45 -1.96 -9.75
CA LEU A 79 2.71 -2.87 -8.89
C LEU A 79 2.38 -4.11 -9.73
N LYS A 80 1.86 -3.93 -10.93
CA LYS A 80 1.62 -5.02 -11.86
C LYS A 80 2.88 -5.71 -12.35
N ALA A 81 4.03 -5.01 -12.37
CA ALA A 81 5.31 -5.63 -12.68
C ALA A 81 5.56 -6.85 -11.78
N ALA A 82 5.21 -6.76 -10.49
CA ALA A 82 5.34 -7.87 -9.55
C ALA A 82 3.97 -8.48 -9.21
N GLY A 83 3.06 -8.54 -10.18
CA GLY A 83 1.73 -9.13 -10.04
C GLY A 83 0.84 -8.62 -8.90
N VAL A 84 1.14 -7.49 -8.28
CA VAL A 84 0.66 -7.15 -6.94
C VAL A 84 -0.79 -6.64 -7.04
N LYS A 85 -1.69 -7.24 -6.25
CA LYS A 85 -3.12 -6.91 -6.27
C LYS A 85 -3.33 -5.63 -5.46
N VAL A 86 -4.06 -4.64 -5.93
CA VAL A 86 -4.23 -3.36 -5.22
C VAL A 86 -5.70 -3.30 -4.82
N TYR A 87 -5.99 -2.79 -3.64
CA TYR A 87 -7.33 -2.51 -3.14
C TYR A 87 -7.53 -1.02 -3.02
N ARG A 88 -8.79 -0.59 -2.98
CA ARG A 88 -9.23 0.69 -2.49
C ARG A 88 -9.23 0.60 -0.96
N PHE A 89 -9.19 1.74 -0.29
CA PHE A 89 -9.70 1.93 1.06
C PHE A 89 -10.35 3.32 1.07
N GLU A 90 -11.23 3.65 2.02
CA GLU A 90 -11.74 5.01 2.16
C GLU A 90 -12.09 5.35 3.62
N GLY A 91 -11.14 5.98 4.30
CA GLY A 91 -11.28 6.54 5.63
C GLY A 91 -11.01 5.51 6.70
N GLY A 92 -9.89 5.64 7.41
CA GLY A 92 -9.48 4.62 8.36
C GLY A 92 -8.01 4.72 8.76
N THR A 93 -7.70 4.13 9.91
CA THR A 93 -6.33 3.88 10.33
C THR A 93 -5.85 2.55 9.74
N VAL A 94 -4.55 2.24 9.80
CA VAL A 94 -3.98 0.99 9.32
C VAL A 94 -4.89 -0.21 9.63
N GLN A 95 -5.46 -0.37 10.84
CA GLN A 95 -6.35 -1.50 11.11
C GLN A 95 -7.58 -1.57 10.20
N GLU A 96 -8.20 -0.46 9.86
CA GLU A 96 -9.41 -0.35 9.09
C GLU A 96 -9.13 -0.85 7.69
N ALA A 97 -7.99 -0.51 7.10
CA ALA A 97 -7.57 -1.10 5.83
C ALA A 97 -7.67 -2.63 5.86
N ILE A 98 -7.34 -3.26 6.98
CA ILE A 98 -7.26 -4.72 7.13
C ILE A 98 -8.66 -5.20 7.38
N ASP A 99 -9.29 -4.75 8.47
CA ASP A 99 -10.62 -5.16 8.90
C ASP A 99 -11.63 -4.98 7.79
N ALA A 100 -11.41 -3.98 6.93
CA ALA A 100 -12.27 -3.78 5.79
C ALA A 100 -11.98 -4.84 4.73
N PHE A 101 -10.72 -5.04 4.35
CA PHE A 101 -10.30 -6.03 3.35
C PHE A 101 -10.65 -7.46 3.80
N SER A 102 -10.27 -7.83 5.01
CA SER A 102 -10.35 -9.15 5.58
C SER A 102 -11.81 -9.54 5.70
N GLU A 103 -12.67 -8.65 6.20
CA GLU A 103 -14.09 -8.91 6.29
C GLU A 103 -14.78 -8.42 5.02
N GLY A 104 -14.11 -8.55 3.86
CA GLY A 104 -14.65 -8.40 2.52
C GLY A 104 -15.53 -7.18 2.30
N ARG A 105 -15.11 -6.01 2.78
CA ARG A 105 -15.76 -4.72 2.58
C ARG A 105 -14.85 -3.73 1.87
N LEU A 106 -14.01 -4.16 0.93
CA LEU A 106 -13.21 -3.25 0.13
C LEU A 106 -13.48 -3.50 -1.36
N GLU A 107 -12.77 -2.80 -2.23
CA GLU A 107 -12.82 -2.97 -3.68
C GLU A 107 -11.41 -3.34 -4.10
N GLU A 108 -11.24 -4.30 -5.01
CA GLU A 108 -9.97 -4.58 -5.67
C GLU A 108 -9.84 -3.51 -6.75
N LEU A 109 -8.88 -2.59 -6.58
CA LEU A 109 -8.70 -1.41 -7.42
C LEU A 109 -7.66 -1.72 -8.52
N THR A 110 -7.95 -2.68 -9.38
CA THR A 110 -6.96 -3.21 -10.31
C THR A 110 -7.03 -2.55 -11.70
N THR A 111 -7.36 -1.25 -11.80
CA THR A 111 -7.66 -0.59 -13.08
C THR A 111 -8.26 0.78 -12.76
N PHE A 112 -7.44 1.83 -12.71
CA PHE A 112 -7.97 3.16 -12.46
C PHE A 112 -8.49 3.73 -13.78
N THR A 113 -9.40 4.70 -13.66
CA THR A 113 -10.09 5.28 -14.79
C THR A 113 -10.22 6.78 -14.59
N ARG A 114 -9.08 7.47 -14.65
CA ARG A 114 -9.03 8.91 -14.58
C ARG A 114 -7.86 9.35 -15.43
N GLU A 115 -8.18 9.83 -16.62
CA GLU A 115 -7.39 10.87 -17.23
C GLU A 115 -7.84 12.18 -16.58
N GLY A 116 -6.99 12.78 -15.75
CA GLY A 116 -7.15 14.17 -15.40
C GLY A 116 -6.13 14.67 -14.42
N MET A 1 -0.47 -17.95 2.36
CA MET A 1 0.38 -16.80 2.72
C MET A 1 -0.03 -15.62 1.85
N ALA A 2 0.26 -14.39 2.28
CA ALA A 2 0.72 -13.34 1.37
C ALA A 2 1.47 -12.28 2.17
N ARG A 3 2.02 -11.26 1.50
CA ARG A 3 2.29 -9.97 2.17
C ARG A 3 1.41 -8.89 1.55
N VAL A 4 0.73 -8.13 2.40
CA VAL A 4 -0.13 -7.01 2.03
C VAL A 4 0.49 -5.74 2.58
N ALA A 5 0.57 -4.67 1.80
CA ALA A 5 1.21 -3.45 2.28
C ALA A 5 0.10 -2.41 2.44
N ILE A 6 0.19 -1.56 3.46
CA ILE A 6 -0.82 -0.55 3.74
C ILE A 6 -0.10 0.80 3.87
N PRO A 7 -0.44 1.80 3.05
CA PRO A 7 0.14 3.11 3.03
C PRO A 7 -0.35 3.89 4.25
N SER A 8 0.53 4.17 5.19
CA SER A 8 0.25 4.85 6.43
C SER A 8 0.96 6.22 6.42
N VAL A 9 0.65 7.04 7.43
CA VAL A 9 1.35 8.28 7.74
C VAL A 9 1.82 8.26 9.20
N GLY A 10 2.28 7.10 9.67
CA GLY A 10 2.96 6.90 10.95
C GLY A 10 3.26 5.43 11.15
N LYS A 11 3.79 5.07 12.33
CA LYS A 11 4.35 3.77 12.64
C LYS A 11 3.51 3.09 13.72
N ASP A 12 2.19 3.24 13.65
CA ASP A 12 1.23 2.61 14.53
C ASP A 12 0.26 1.85 13.67
N LEU A 13 -0.28 0.75 14.21
CA LEU A 13 -1.41 0.02 13.61
C LEU A 13 -2.71 0.85 13.73
N SER A 14 -2.62 2.06 14.28
CA SER A 14 -3.68 3.05 14.27
C SER A 14 -3.07 4.40 13.88
N SER A 15 -2.13 4.42 12.95
CA SER A 15 -1.85 5.65 12.24
C SER A 15 -2.92 5.79 11.15
N MET A 16 -3.00 6.94 10.48
CA MET A 16 -3.98 7.10 9.39
C MET A 16 -3.44 6.40 8.14
N VAL A 17 -4.33 5.73 7.40
CA VAL A 17 -4.03 5.24 6.06
C VAL A 17 -4.10 6.44 5.11
N SER A 18 -3.28 6.42 4.07
CA SER A 18 -3.05 7.56 3.21
C SER A 18 -3.68 7.26 1.85
N ASP A 19 -4.43 8.21 1.29
CA ASP A 19 -5.21 7.99 0.07
C ASP A 19 -4.32 8.08 -1.18
N ARG A 20 -3.09 7.59 -1.11
CA ARG A 20 -2.02 7.89 -2.06
C ARG A 20 -0.89 6.89 -1.82
N PHE A 21 -0.92 5.71 -2.44
CA PHE A 21 0.15 4.74 -2.28
C PHE A 21 1.54 5.34 -2.47
N ALA A 22 1.78 6.03 -3.60
CA ALA A 22 3.11 6.52 -3.92
C ALA A 22 3.57 7.72 -3.10
N ARG A 23 2.69 8.31 -2.28
CA ARG A 23 3.01 9.33 -1.32
C ARG A 23 2.44 8.88 0.01
N ALA A 24 2.95 7.78 0.55
CA ALA A 24 2.54 7.35 1.87
C ALA A 24 3.82 7.09 2.64
N GLU A 25 4.00 7.79 3.75
CA GLU A 25 5.28 7.93 4.43
C GLU A 25 5.73 6.66 5.15
N TYR A 26 4.82 5.71 5.38
CA TYR A 26 5.10 4.45 6.04
C TYR A 26 4.30 3.37 5.33
N PHE A 27 4.79 2.13 5.40
CA PHE A 27 4.24 1.00 4.69
C PHE A 27 4.24 -0.19 5.64
N ILE A 28 3.05 -0.57 6.09
CA ILE A 28 2.84 -1.59 7.10
C ILE A 28 2.61 -2.87 6.29
N ILE A 29 3.48 -3.86 6.42
CA ILE A 29 3.48 -5.06 5.60
C ILE A 29 3.03 -6.24 6.47
N TYR A 30 1.78 -6.63 6.32
CA TYR A 30 1.12 -7.69 7.07
C TYR A 30 1.35 -9.00 6.31
N ASP A 31 2.06 -9.94 6.94
CA ASP A 31 2.22 -11.32 6.49
C ASP A 31 0.96 -12.09 6.86
N THR A 32 0.05 -12.32 5.91
CA THR A 32 -1.15 -13.11 6.13
C THR A 32 -0.75 -14.60 6.20
N GLU A 33 -0.07 -14.97 7.28
CA GLU A 33 0.44 -16.28 7.60
C GLU A 33 0.62 -16.43 9.07
N SER A 34 1.34 -15.50 9.70
CA SER A 34 1.49 -15.63 11.12
C SER A 34 1.33 -14.29 11.86
N GLY A 35 0.39 -13.46 11.38
CA GLY A 35 0.03 -12.14 11.92
C GLY A 35 1.22 -11.19 12.12
N ASN A 36 2.41 -11.52 11.58
CA ASN A 36 3.59 -10.68 11.70
C ASN A 36 3.39 -9.46 10.81
N VAL A 37 3.84 -8.32 11.27
CA VAL A 37 3.82 -7.06 10.56
C VAL A 37 5.23 -6.50 10.61
N GLU A 38 5.50 -5.58 9.70
CA GLU A 38 6.71 -4.80 9.62
C GLU A 38 6.25 -3.39 9.31
N VAL A 39 6.88 -2.37 9.89
CA VAL A 39 6.74 -1.00 9.44
C VAL A 39 7.99 -0.66 8.64
N VAL A 40 7.80 -0.39 7.35
CA VAL A 40 8.75 0.33 6.51
C VAL A 40 8.45 1.82 6.74
N GLU A 41 9.49 2.61 6.98
CA GLU A 41 9.53 4.04 6.74
C GLU A 41 9.92 4.21 5.27
N ASN A 42 9.28 5.11 4.51
CA ASN A 42 9.80 5.48 3.20
C ASN A 42 9.54 6.95 2.91
N THR A 43 10.58 7.64 2.46
CA THR A 43 10.67 9.09 2.53
C THR A 43 10.38 9.74 1.17
N ILE A 44 9.27 9.38 0.49
CA ILE A 44 8.92 9.86 -0.84
C ILE A 44 8.29 11.27 -0.80
N ALA A 45 8.83 12.13 0.06
CA ALA A 45 8.39 13.50 0.26
C ALA A 45 9.03 14.45 -0.77
N ASP A 46 9.14 14.02 -2.02
CA ASP A 46 9.62 14.78 -3.18
C ASP A 46 9.00 14.13 -4.43
N ALA A 47 9.27 14.64 -5.63
CA ALA A 47 8.66 14.24 -6.90
C ALA A 47 9.73 13.87 -7.92
N HIS A 48 10.32 12.69 -7.76
CA HIS A 48 11.36 12.17 -8.66
C HIS A 48 11.46 10.65 -8.54
N GLY A 49 12.33 10.04 -9.35
CA GLY A 49 12.64 8.62 -9.29
C GLY A 49 12.36 8.03 -10.67
N THR A 50 13.41 7.76 -11.45
CA THR A 50 13.23 7.17 -12.78
C THR A 50 12.84 5.68 -12.69
N GLY A 51 13.06 5.05 -11.54
CA GLY A 51 12.52 3.76 -11.14
C GLY A 51 11.78 3.92 -9.81
N PRO A 52 11.17 2.84 -9.28
CA PRO A 52 10.26 2.91 -8.15
C PRO A 52 10.93 3.34 -6.86
N LYS A 53 12.07 2.77 -6.47
CA LYS A 53 12.58 2.73 -5.09
C LYS A 53 11.58 2.06 -4.12
N VAL A 54 10.40 2.64 -3.92
CA VAL A 54 9.43 2.23 -2.92
C VAL A 54 8.96 0.81 -3.27
N VAL A 55 8.35 0.67 -4.44
CA VAL A 55 7.92 -0.61 -5.01
C VAL A 55 9.08 -1.57 -5.04
N GLN A 56 10.27 -1.18 -5.50
CA GLN A 56 11.47 -2.01 -5.43
C GLN A 56 11.64 -2.65 -4.03
N SER A 57 11.59 -1.85 -2.96
CA SER A 57 11.68 -2.36 -1.59
C SER A 57 10.48 -3.22 -1.20
N LEU A 58 9.26 -2.74 -1.40
CA LEU A 58 8.06 -3.44 -0.93
C LEU A 58 7.94 -4.80 -1.61
N VAL A 59 8.24 -4.87 -2.91
CA VAL A 59 8.37 -6.10 -3.67
C VAL A 59 9.49 -6.99 -3.10
N SER A 60 10.58 -6.43 -2.59
CA SER A 60 11.63 -7.19 -1.93
C SER A 60 11.08 -7.80 -0.64
N LYS A 61 10.15 -7.14 0.06
CA LYS A 61 9.39 -7.69 1.18
C LYS A 61 8.19 -8.46 0.65
N GLY A 62 8.36 -9.17 -0.46
CA GLY A 62 7.43 -10.12 -1.02
C GLY A 62 5.98 -9.64 -1.15
N VAL A 63 5.71 -8.34 -1.20
CA VAL A 63 4.37 -7.78 -1.17
C VAL A 63 3.64 -8.18 -2.46
N GLU A 64 2.53 -8.92 -2.33
CA GLU A 64 1.69 -9.30 -3.47
C GLU A 64 0.24 -8.82 -3.26
N TYR A 65 0.06 -7.66 -2.63
CA TYR A 65 -1.21 -7.13 -2.23
C TYR A 65 -0.90 -5.74 -1.68
N LEU A 66 -1.91 -4.92 -1.61
CA LEU A 66 -1.81 -3.55 -1.15
C LEU A 66 -3.23 -3.10 -0.87
N ILE A 67 -3.41 -2.22 0.11
CA ILE A 67 -4.68 -1.59 0.41
C ILE A 67 -4.46 -0.10 0.22
N ALA A 68 -4.82 0.44 -0.94
CA ALA A 68 -4.50 1.80 -1.31
C ALA A 68 -5.55 2.33 -2.28
N SER A 69 -6.44 3.17 -1.77
CA SER A 69 -7.48 3.88 -2.52
C SER A 69 -7.03 4.53 -3.82
N ASN A 70 -5.76 4.93 -3.91
CA ASN A 70 -5.26 5.60 -5.07
C ASN A 70 -3.75 5.51 -5.00
N VAL A 71 -3.06 6.22 -5.89
CA VAL A 71 -1.63 6.29 -5.94
C VAL A 71 -1.29 7.78 -5.97
N GLY A 72 -0.10 8.14 -5.52
CA GLY A 72 0.30 9.54 -5.52
C GLY A 72 0.65 9.93 -6.96
N ARG A 73 1.35 9.07 -7.70
CA ARG A 73 1.77 9.24 -9.10
C ARG A 73 2.37 7.89 -9.57
N ASN A 74 3.35 7.89 -10.48
CA ASN A 74 3.97 6.70 -11.07
C ASN A 74 4.45 5.73 -9.99
N ALA A 75 3.70 4.64 -9.82
CA ALA A 75 4.02 3.45 -9.02
C ALA A 75 3.06 2.32 -9.38
N PHE A 76 1.82 2.66 -9.78
CA PHE A 76 0.77 1.73 -10.20
C PHE A 76 1.25 0.74 -11.26
N GLU A 77 2.06 1.22 -12.21
CA GLU A 77 2.61 0.39 -13.27
C GLU A 77 3.57 -0.65 -12.66
N THR A 78 4.32 -0.28 -11.64
CA THR A 78 5.28 -1.14 -10.98
C THR A 78 4.57 -2.08 -9.98
N LEU A 79 3.30 -1.82 -9.64
CA LEU A 79 2.49 -2.74 -8.85
C LEU A 79 2.13 -3.94 -9.70
N LYS A 80 1.49 -3.70 -10.82
CA LYS A 80 1.14 -4.76 -11.76
C LYS A 80 2.34 -5.45 -12.37
N ALA A 81 3.47 -4.77 -12.52
CA ALA A 81 4.72 -5.39 -12.91
C ALA A 81 5.03 -6.62 -12.05
N ALA A 82 4.72 -6.60 -10.75
CA ALA A 82 4.92 -7.75 -9.87
C ALA A 82 3.59 -8.43 -9.49
N GLY A 83 2.61 -8.48 -10.40
CA GLY A 83 1.29 -9.09 -10.18
C GLY A 83 0.60 -8.75 -8.86
N VAL A 84 0.78 -7.53 -8.32
CA VAL A 84 0.43 -7.20 -6.95
C VAL A 84 -1.01 -6.66 -6.89
N LYS A 85 -1.86 -7.23 -6.02
CA LYS A 85 -3.28 -6.89 -5.95
C LYS A 85 -3.49 -5.59 -5.18
N VAL A 86 -3.93 -4.51 -5.81
CA VAL A 86 -4.14 -3.22 -5.15
C VAL A 86 -5.63 -3.17 -4.83
N TYR A 87 -5.98 -3.02 -3.56
CA TYR A 87 -7.36 -2.80 -3.13
C TYR A 87 -7.62 -1.32 -2.99
N ARG A 88 -8.89 -0.92 -3.04
CA ARG A 88 -9.31 0.41 -2.60
C ARG A 88 -9.42 0.38 -1.08
N PHE A 89 -9.21 1.52 -0.44
CA PHE A 89 -9.71 1.83 0.90
C PHE A 89 -10.43 3.20 0.79
N GLU A 90 -11.14 3.70 1.81
CA GLU A 90 -11.81 5.01 1.76
C GLU A 90 -12.03 5.62 3.15
N GLY A 91 -10.98 5.71 3.97
CA GLY A 91 -10.91 6.61 5.12
C GLY A 91 -10.94 5.85 6.45
N GLY A 92 -9.78 5.70 7.08
CA GLY A 92 -9.53 4.73 8.13
C GLY A 92 -8.09 4.83 8.61
N THR A 93 -7.78 4.21 9.73
CA THR A 93 -6.43 3.97 10.20
C THR A 93 -5.90 2.65 9.64
N VAL A 94 -4.62 2.35 9.90
CA VAL A 94 -3.98 1.12 9.45
C VAL A 94 -4.86 -0.10 9.71
N GLN A 95 -5.52 -0.22 10.87
CA GLN A 95 -6.36 -1.39 11.13
C GLN A 95 -7.60 -1.47 10.26
N GLU A 96 -8.21 -0.35 9.90
CA GLU A 96 -9.46 -0.27 9.20
C GLU A 96 -9.26 -0.87 7.83
N ALA A 97 -8.16 -0.53 7.16
CA ALA A 97 -7.76 -1.17 5.92
C ALA A 97 -7.84 -2.69 6.03
N ILE A 98 -7.34 -3.28 7.12
CA ILE A 98 -7.19 -4.72 7.30
C ILE A 98 -8.53 -5.30 7.66
N ASP A 99 -9.17 -4.74 8.68
CA ASP A 99 -10.44 -5.14 9.24
C ASP A 99 -11.50 -5.10 8.15
N ALA A 100 -11.34 -4.14 7.23
CA ALA A 100 -12.18 -4.01 6.06
C ALA A 100 -11.84 -5.14 5.08
N PHE A 101 -10.59 -5.18 4.60
CA PHE A 101 -10.11 -6.11 3.58
C PHE A 101 -10.36 -7.57 3.95
N SER A 102 -10.14 -7.88 5.22
CA SER A 102 -10.15 -9.23 5.77
C SER A 102 -11.59 -9.72 5.75
N GLU A 103 -12.54 -8.93 6.27
CA GLU A 103 -13.95 -9.27 6.23
C GLU A 103 -14.56 -8.78 4.91
N GLY A 104 -13.78 -8.88 3.82
CA GLY A 104 -14.18 -8.63 2.46
C GLY A 104 -14.85 -7.28 2.18
N ARG A 105 -14.82 -6.29 3.08
CA ARG A 105 -15.51 -5.02 2.84
C ARG A 105 -14.65 -4.03 2.04
N LEU A 106 -13.85 -4.48 1.08
CA LEU A 106 -13.06 -3.60 0.23
C LEU A 106 -13.20 -4.05 -1.23
N GLU A 107 -12.51 -3.36 -2.15
CA GLU A 107 -12.68 -3.47 -3.59
C GLU A 107 -11.32 -3.70 -4.23
N GLU A 108 -11.25 -4.35 -5.40
CA GLU A 108 -10.04 -4.72 -6.09
C GLU A 108 -9.74 -3.63 -7.10
N LEU A 109 -8.96 -2.64 -6.68
CA LEU A 109 -8.63 -1.47 -7.45
C LEU A 109 -7.43 -1.74 -8.37
N THR A 110 -7.45 -2.85 -9.13
CA THR A 110 -6.33 -3.26 -9.96
C THR A 110 -6.40 -2.56 -11.33
N THR A 111 -6.84 -1.30 -11.34
CA THR A 111 -7.36 -0.57 -12.49
C THR A 111 -7.96 0.71 -11.90
N PHE A 112 -7.29 1.83 -12.10
CA PHE A 112 -7.67 3.20 -11.81
C PHE A 112 -6.62 4.08 -12.47
N THR A 113 -6.89 5.38 -12.56
CA THR A 113 -5.97 6.36 -13.12
C THR A 113 -6.03 7.66 -12.33
N ARG A 114 -5.04 8.55 -12.51
CA ARG A 114 -4.98 9.88 -11.90
C ARG A 114 -3.93 10.74 -12.56
N GLU A 115 -4.29 12.00 -12.73
CA GLU A 115 -3.37 13.07 -13.06
C GLU A 115 -3.94 14.36 -12.48
N GLY A 116 -3.33 14.81 -11.40
CA GLY A 116 -3.30 16.22 -11.01
C GLY A 116 -1.99 16.82 -11.48
N MET A 1 -2.02 -16.81 1.25
CA MET A 1 -0.71 -16.67 1.92
C MET A 1 0.10 -15.66 1.11
N ALA A 2 0.21 -14.41 1.60
CA ALA A 2 0.84 -13.30 0.94
C ALA A 2 1.14 -12.23 1.98
N ARG A 3 2.08 -11.32 1.69
CA ARG A 3 2.09 -10.03 2.35
C ARG A 3 1.07 -9.12 1.69
N VAL A 4 0.48 -8.20 2.47
CA VAL A 4 -0.30 -7.04 2.04
C VAL A 4 0.52 -5.81 2.48
N ALA A 5 0.40 -4.68 1.77
CA ALA A 5 1.08 -3.44 2.13
C ALA A 5 -0.02 -2.40 2.34
N ILE A 6 0.15 -1.49 3.30
CA ILE A 6 -0.86 -0.46 3.59
C ILE A 6 -0.11 0.87 3.74
N PRO A 7 -0.45 1.88 2.93
CA PRO A 7 0.10 3.21 2.99
C PRO A 7 -0.39 3.89 4.26
N SER A 8 0.49 4.12 5.23
CA SER A 8 0.20 4.75 6.52
C SER A 8 0.89 6.12 6.55
N VAL A 9 0.57 6.94 7.54
CA VAL A 9 1.34 8.14 7.88
C VAL A 9 1.71 8.15 9.37
N GLY A 10 2.02 6.99 9.93
CA GLY A 10 2.62 6.82 11.25
C GLY A 10 3.10 5.38 11.43
N LYS A 11 3.72 5.08 12.56
CA LYS A 11 4.49 3.84 12.77
C LYS A 11 3.86 2.96 13.84
N ASP A 12 2.53 2.92 13.84
CA ASP A 12 1.69 2.09 14.69
C ASP A 12 0.53 1.56 13.85
N LEU A 13 -0.08 0.47 14.31
CA LEU A 13 -1.21 -0.23 13.67
C LEU A 13 -2.51 0.57 13.85
N SER A 14 -2.47 1.66 14.59
CA SER A 14 -3.55 2.63 14.62
C SER A 14 -3.06 4.01 14.22
N SER A 15 -2.13 4.08 13.26
CA SER A 15 -1.86 5.36 12.61
C SER A 15 -2.89 5.58 11.51
N MET A 16 -2.93 6.74 10.87
CA MET A 16 -3.87 6.96 9.77
C MET A 16 -3.34 6.31 8.49
N VAL A 17 -4.24 5.74 7.68
CA VAL A 17 -3.92 5.33 6.30
C VAL A 17 -3.77 6.60 5.44
N SER A 18 -3.19 6.45 4.25
CA SER A 18 -2.88 7.53 3.33
C SER A 18 -3.61 7.30 2.01
N ASP A 19 -4.35 8.31 1.54
CA ASP A 19 -5.22 8.20 0.36
C ASP A 19 -4.39 8.32 -0.95
N ARG A 20 -3.18 7.75 -0.95
CA ARG A 20 -2.12 7.96 -1.93
C ARG A 20 -1.10 6.87 -1.60
N PHE A 21 -0.94 5.84 -2.43
CA PHE A 21 0.10 4.84 -2.21
C PHE A 21 1.47 5.47 -2.33
N ALA A 22 1.76 6.07 -3.48
CA ALA A 22 3.12 6.52 -3.75
C ALA A 22 3.58 7.65 -2.81
N ARG A 23 2.66 8.28 -2.08
CA ARG A 23 2.91 9.26 -1.05
C ARG A 23 2.26 8.75 0.21
N ALA A 24 2.90 7.79 0.87
CA ALA A 24 2.53 7.40 2.21
C ALA A 24 3.81 7.24 2.99
N GLU A 25 4.01 8.06 4.01
CA GLU A 25 5.24 8.13 4.78
C GLU A 25 5.68 6.81 5.42
N TYR A 26 4.79 5.82 5.55
CA TYR A 26 5.07 4.51 6.12
C TYR A 26 4.28 3.49 5.33
N PHE A 27 4.73 2.24 5.36
CA PHE A 27 4.10 1.11 4.70
C PHE A 27 4.07 -0.03 5.69
N ILE A 28 2.88 -0.33 6.20
CA ILE A 28 2.66 -1.45 7.08
C ILE A 28 2.59 -2.67 6.18
N ILE A 29 3.39 -3.70 6.44
CA ILE A 29 3.44 -4.91 5.63
C ILE A 29 3.05 -6.05 6.54
N TYR A 30 1.80 -6.48 6.43
CA TYR A 30 1.24 -7.57 7.20
C TYR A 30 1.47 -8.87 6.42
N ASP A 31 1.93 -9.89 7.11
CA ASP A 31 2.04 -11.26 6.61
C ASP A 31 0.69 -11.93 6.82
N THR A 32 0.02 -12.43 5.77
CA THR A 32 -1.19 -13.26 5.94
C THR A 32 -0.76 -14.72 6.18
N GLU A 33 0.10 -14.89 7.17
CA GLU A 33 0.58 -16.17 7.64
C GLU A 33 0.66 -16.01 9.13
N SER A 34 1.74 -15.43 9.64
CA SER A 34 2.02 -15.63 11.04
C SER A 34 1.66 -14.38 11.84
N GLY A 35 0.58 -13.68 11.49
CA GLY A 35 0.13 -12.41 12.07
C GLY A 35 1.18 -11.28 12.13
N ASN A 36 2.37 -11.50 11.57
CA ASN A 36 3.52 -10.62 11.72
C ASN A 36 3.35 -9.37 10.88
N VAL A 37 4.06 -8.30 11.25
CA VAL A 37 4.01 -7.02 10.55
C VAL A 37 5.42 -6.41 10.48
N GLU A 38 5.59 -5.45 9.59
CA GLU A 38 6.74 -4.56 9.49
C GLU A 38 6.14 -3.16 9.38
N VAL A 39 6.72 -2.16 10.06
CA VAL A 39 6.57 -0.78 9.64
C VAL A 39 7.80 -0.51 8.76
N VAL A 40 7.58 -0.35 7.46
CA VAL A 40 8.51 0.37 6.63
C VAL A 40 8.21 1.84 6.91
N GLU A 41 9.26 2.62 7.09
CA GLU A 41 9.26 4.07 7.06
C GLU A 41 9.79 4.41 5.69
N ASN A 42 9.11 5.26 4.91
CA ASN A 42 9.60 5.59 3.58
C ASN A 42 9.40 7.06 3.27
N THR A 43 10.45 7.68 2.76
CA THR A 43 10.67 9.11 2.85
C THR A 43 10.51 9.71 1.45
N ILE A 44 9.36 9.43 0.83
CA ILE A 44 8.96 9.93 -0.47
C ILE A 44 8.43 11.36 -0.33
N ALA A 45 9.35 12.31 -0.42
CA ALA A 45 9.12 13.75 -0.41
C ALA A 45 10.02 14.36 -1.46
N ASP A 46 9.84 13.96 -2.72
CA ASP A 46 10.81 14.20 -3.80
C ASP A 46 10.18 14.01 -5.19
N ALA A 47 10.91 14.40 -6.23
CA ALA A 47 10.62 14.15 -7.64
C ALA A 47 11.93 13.98 -8.43
N HIS A 48 12.91 13.33 -7.81
CA HIS A 48 14.11 12.83 -8.48
C HIS A 48 13.76 11.63 -9.36
N GLY A 49 14.75 11.07 -10.07
CA GLY A 49 14.57 10.00 -11.03
C GLY A 49 14.38 8.65 -10.36
N THR A 50 15.34 7.73 -10.57
CA THR A 50 15.18 6.30 -10.30
C THR A 50 13.89 5.78 -11.00
N GLY A 51 13.49 4.55 -10.74
CA GLY A 51 12.20 3.99 -11.18
C GLY A 51 11.25 4.05 -9.98
N PRO A 52 10.72 2.91 -9.51
CA PRO A 52 9.74 2.92 -8.44
C PRO A 52 10.32 3.30 -7.10
N LYS A 53 11.49 2.77 -6.73
CA LYS A 53 12.05 2.90 -5.38
C LYS A 53 11.11 2.25 -4.34
N VAL A 54 9.97 2.85 -4.02
CA VAL A 54 9.03 2.34 -3.03
C VAL A 54 8.60 0.92 -3.37
N VAL A 55 8.08 0.72 -4.57
CA VAL A 55 7.67 -0.58 -5.10
C VAL A 55 8.89 -1.49 -5.06
N GLN A 56 10.04 -1.06 -5.58
CA GLN A 56 11.30 -1.80 -5.59
C GLN A 56 11.78 -2.28 -4.20
N SER A 57 11.21 -1.77 -3.11
CA SER A 57 11.57 -2.09 -1.75
C SER A 57 10.49 -2.96 -1.12
N LEU A 58 9.23 -2.56 -1.25
CA LEU A 58 8.07 -3.33 -0.82
C LEU A 58 8.05 -4.70 -1.51
N VAL A 59 8.30 -4.73 -2.81
CA VAL A 59 8.40 -5.94 -3.62
C VAL A 59 9.62 -6.75 -3.17
N SER A 60 10.75 -6.11 -2.88
CA SER A 60 11.88 -6.76 -2.23
C SER A 60 11.58 -7.17 -0.77
N LYS A 61 10.37 -6.96 -0.28
CA LYS A 61 9.81 -7.46 0.98
C LYS A 61 8.52 -8.23 0.67
N GLY A 62 8.53 -8.99 -0.43
CA GLY A 62 7.56 -10.02 -0.77
C GLY A 62 6.11 -9.59 -0.87
N VAL A 63 5.84 -8.30 -1.01
CA VAL A 63 4.50 -7.74 -1.10
C VAL A 63 3.74 -8.37 -2.27
N GLU A 64 2.60 -9.03 -1.99
CA GLU A 64 1.79 -9.67 -3.03
C GLU A 64 0.35 -9.16 -3.01
N TYR A 65 0.16 -7.87 -2.72
CA TYR A 65 -1.11 -7.23 -2.42
C TYR A 65 -0.81 -5.81 -1.93
N LEU A 66 -1.82 -4.97 -1.77
CA LEU A 66 -1.70 -3.61 -1.27
C LEU A 66 -3.11 -3.07 -1.08
N ILE A 67 -3.32 -2.23 -0.08
CA ILE A 67 -4.59 -1.58 0.21
C ILE A 67 -4.37 -0.09 0.00
N ALA A 68 -4.83 0.50 -1.11
CA ALA A 68 -4.50 1.86 -1.48
C ALA A 68 -5.55 2.46 -2.40
N SER A 69 -6.42 3.30 -1.85
CA SER A 69 -7.43 4.04 -2.59
C SER A 69 -6.90 4.97 -3.67
N ASN A 70 -5.60 5.20 -3.88
CA ASN A 70 -5.17 5.88 -5.09
C ASN A 70 -3.65 5.78 -5.20
N VAL A 71 -3.06 6.36 -6.24
CA VAL A 71 -1.62 6.42 -6.39
C VAL A 71 -1.19 7.80 -6.85
N GLY A 72 -0.02 8.23 -6.38
CA GLY A 72 0.59 9.53 -6.63
C GLY A 72 1.90 9.37 -7.40
N ARG A 73 1.96 8.46 -8.38
CA ARG A 73 3.05 8.22 -9.34
C ARG A 73 2.52 7.22 -10.36
N ASN A 74 3.29 6.93 -11.41
CA ASN A 74 3.11 5.75 -12.26
C ASN A 74 3.53 4.45 -11.54
N ALA A 75 3.41 4.41 -10.21
CA ALA A 75 3.80 3.29 -9.38
C ALA A 75 2.79 2.15 -9.45
N PHE A 76 1.52 2.42 -9.73
CA PHE A 76 0.46 1.40 -9.84
C PHE A 76 0.77 0.43 -10.97
N GLU A 77 1.35 0.90 -12.05
CA GLU A 77 1.77 0.08 -13.17
C GLU A 77 2.96 -0.79 -12.78
N THR A 78 3.79 -0.32 -11.85
CA THR A 78 4.88 -1.14 -11.31
C THR A 78 4.36 -2.16 -10.30
N LEU A 79 3.16 -1.93 -9.72
CA LEU A 79 2.58 -2.83 -8.72
C LEU A 79 2.12 -4.10 -9.43
N LYS A 80 1.29 -3.96 -10.46
CA LYS A 80 0.90 -5.06 -11.32
C LYS A 80 2.09 -5.75 -11.98
N ALA A 81 3.18 -5.04 -12.26
CA ALA A 81 4.41 -5.63 -12.76
C ALA A 81 5.14 -6.53 -11.74
N ALA A 82 4.65 -6.64 -10.50
CA ALA A 82 5.02 -7.68 -9.54
C ALA A 82 3.76 -8.38 -9.00
N GLY A 83 2.73 -8.58 -9.83
CA GLY A 83 1.48 -9.25 -9.45
C GLY A 83 0.81 -8.77 -8.15
N VAL A 84 0.97 -7.49 -7.82
CA VAL A 84 0.49 -6.93 -6.57
C VAL A 84 -0.96 -6.54 -6.75
N LYS A 85 -1.87 -7.20 -6.03
CA LYS A 85 -3.28 -6.86 -6.13
C LYS A 85 -3.55 -5.62 -5.29
N VAL A 86 -3.77 -4.48 -5.94
CA VAL A 86 -3.97 -3.20 -5.29
C VAL A 86 -5.47 -3.04 -5.07
N TYR A 87 -5.88 -3.01 -3.81
CA TYR A 87 -7.22 -2.70 -3.37
C TYR A 87 -7.44 -1.20 -3.25
N ARG A 88 -8.69 -0.76 -3.19
CA ARG A 88 -9.07 0.55 -2.68
C ARG A 88 -9.33 0.44 -1.18
N PHE A 89 -9.23 1.57 -0.48
CA PHE A 89 -9.70 1.83 0.87
C PHE A 89 -10.68 3.01 0.85
N GLU A 90 -11.37 3.33 1.94
CA GLU A 90 -12.11 4.58 2.09
C GLU A 90 -12.30 4.91 3.56
N GLY A 91 -11.41 5.76 4.07
CA GLY A 91 -11.34 6.15 5.46
C GLY A 91 -10.75 5.03 6.30
N GLY A 92 -9.90 5.40 7.26
CA GLY A 92 -9.41 4.44 8.23
C GLY A 92 -8.03 4.72 8.78
N THR A 93 -7.77 4.14 9.95
CA THR A 93 -6.43 3.93 10.47
C THR A 93 -5.89 2.62 9.90
N VAL A 94 -4.60 2.31 10.07
CA VAL A 94 -3.97 1.11 9.54
C VAL A 94 -4.85 -0.13 9.73
N GLN A 95 -5.42 -0.37 10.90
CA GLN A 95 -6.26 -1.55 11.12
C GLN A 95 -7.49 -1.63 10.21
N GLU A 96 -8.11 -0.51 9.84
CA GLU A 96 -9.32 -0.46 9.04
C GLU A 96 -9.05 -1.02 7.67
N ALA A 97 -7.94 -0.63 7.03
CA ALA A 97 -7.55 -1.21 5.76
C ALA A 97 -7.61 -2.74 5.79
N ILE A 98 -7.26 -3.35 6.92
CA ILE A 98 -7.12 -4.79 7.11
C ILE A 98 -8.47 -5.36 7.45
N ASP A 99 -9.12 -4.84 8.49
CA ASP A 99 -10.42 -5.28 8.98
C ASP A 99 -11.42 -5.18 7.84
N ALA A 100 -11.30 -4.14 7.03
CA ALA A 100 -12.18 -3.93 5.89
C ALA A 100 -11.89 -4.99 4.83
N PHE A 101 -10.63 -5.13 4.40
CA PHE A 101 -10.22 -6.08 3.37
C PHE A 101 -10.54 -7.52 3.77
N SER A 102 -10.24 -7.86 5.02
CA SER A 102 -10.36 -9.19 5.57
C SER A 102 -11.84 -9.57 5.69
N GLU A 103 -12.68 -8.64 6.14
CA GLU A 103 -14.12 -8.82 6.17
C GLU A 103 -14.73 -8.28 4.87
N GLY A 104 -14.00 -8.50 3.77
CA GLY A 104 -14.35 -8.33 2.36
C GLY A 104 -14.82 -6.96 1.90
N ARG A 105 -14.93 -5.97 2.78
CA ARG A 105 -15.54 -4.67 2.51
C ARG A 105 -14.58 -3.71 1.84
N LEU A 106 -13.73 -4.20 0.93
CA LEU A 106 -12.93 -3.34 0.07
C LEU A 106 -13.15 -3.77 -1.38
N GLU A 107 -12.36 -3.23 -2.31
CA GLU A 107 -12.55 -3.34 -3.75
C GLU A 107 -11.20 -3.54 -4.40
N GLU A 108 -11.13 -4.32 -5.47
CA GLU A 108 -9.94 -4.53 -6.26
C GLU A 108 -9.82 -3.31 -7.18
N LEU A 109 -8.84 -2.44 -6.92
CA LEU A 109 -8.62 -1.19 -7.63
C LEU A 109 -7.72 -1.44 -8.85
N THR A 110 -7.96 -2.50 -9.62
CA THR A 110 -6.94 -3.00 -10.55
C THR A 110 -7.06 -2.33 -11.92
N THR A 111 -7.39 -1.04 -11.99
CA THR A 111 -7.53 -0.29 -13.25
C THR A 111 -7.76 1.23 -13.00
N PHE A 112 -7.09 1.81 -12.01
CA PHE A 112 -7.39 3.19 -11.59
C PHE A 112 -6.10 3.95 -11.34
N THR A 113 -5.97 5.07 -12.04
CA THR A 113 -4.80 5.95 -11.98
C THR A 113 -5.22 7.39 -12.32
N ARG A 114 -6.42 7.79 -11.87
CA ARG A 114 -6.92 9.14 -12.09
C ARG A 114 -6.93 9.83 -10.74
N GLU A 115 -5.95 10.68 -10.55
CA GLU A 115 -5.69 11.48 -9.38
C GLU A 115 -6.23 12.89 -9.66
N GLY A 116 -7.52 13.12 -9.45
CA GLY A 116 -8.16 14.42 -9.56
C GLY A 116 -9.11 14.55 -10.73
N MET A 1 0.04 -17.63 1.50
CA MET A 1 0.76 -16.54 2.18
C MET A 1 0.69 -15.31 1.30
N ALA A 2 0.18 -14.18 1.80
CA ALA A 2 0.13 -12.95 1.03
C ALA A 2 0.47 -11.72 1.86
N ARG A 3 1.61 -11.11 1.55
CA ARG A 3 2.08 -9.91 2.21
C ARG A 3 1.35 -8.74 1.59
N VAL A 4 0.43 -8.16 2.33
CA VAL A 4 -0.27 -6.95 1.95
C VAL A 4 0.63 -5.78 2.40
N ALA A 5 0.57 -4.60 1.77
CA ALA A 5 1.21 -3.43 2.35
C ALA A 5 0.13 -2.35 2.47
N ILE A 6 0.19 -1.51 3.50
CA ILE A 6 -0.81 -0.48 3.76
C ILE A 6 -0.04 0.84 3.92
N PRO A 7 -0.38 1.87 3.12
CA PRO A 7 0.21 3.19 3.14
C PRO A 7 -0.28 3.93 4.39
N SER A 8 0.56 4.04 5.41
CA SER A 8 0.27 4.72 6.66
C SER A 8 0.94 6.11 6.64
N VAL A 9 0.63 6.90 7.67
CA VAL A 9 1.29 8.17 8.00
C VAL A 9 1.68 8.16 9.50
N GLY A 10 2.13 7.00 10.00
CA GLY A 10 2.71 6.82 11.32
C GLY A 10 3.13 5.37 11.49
N LYS A 11 3.72 5.06 12.65
CA LYS A 11 4.31 3.76 12.99
C LYS A 11 3.44 3.06 14.04
N ASP A 12 2.11 3.15 13.92
CA ASP A 12 1.16 2.44 14.75
C ASP A 12 0.19 1.72 13.83
N LEU A 13 -0.40 0.65 14.34
CA LEU A 13 -1.49 -0.07 13.71
C LEU A 13 -2.79 0.74 13.80
N SER A 14 -2.82 1.75 14.66
CA SER A 14 -3.84 2.78 14.68
C SER A 14 -3.22 4.10 14.23
N SER A 15 -2.32 4.09 13.25
CA SER A 15 -1.98 5.31 12.53
C SER A 15 -2.98 5.49 11.38
N MET A 16 -3.05 6.64 10.74
CA MET A 16 -4.01 6.87 9.66
C MET A 16 -3.52 6.21 8.36
N VAL A 17 -4.45 5.71 7.53
CA VAL A 17 -4.14 5.24 6.18
C VAL A 17 -4.25 6.43 5.22
N SER A 18 -3.24 6.55 4.40
CA SER A 18 -2.95 7.65 3.51
C SER A 18 -3.58 7.37 2.16
N ASP A 19 -4.25 8.37 1.56
CA ASP A 19 -5.04 8.14 0.34
C ASP A 19 -4.15 8.14 -0.93
N ARG A 20 -2.95 7.55 -0.85
CA ARG A 20 -1.88 7.83 -1.79
C ARG A 20 -0.82 6.74 -1.63
N PHE A 21 -0.80 5.67 -2.43
CA PHE A 21 0.25 4.68 -2.29
C PHE A 21 1.64 5.20 -2.63
N ALA A 22 1.75 6.13 -3.56
CA ALA A 22 3.06 6.58 -4.02
C ALA A 22 3.51 7.78 -3.19
N ARG A 23 2.68 8.30 -2.28
CA ARG A 23 3.12 9.19 -1.27
C ARG A 23 2.51 8.80 0.06
N ALA A 24 3.09 7.77 0.70
CA ALA A 24 2.72 7.40 2.04
C ALA A 24 4.00 7.21 2.82
N GLU A 25 4.10 7.87 3.97
CA GLU A 25 5.35 8.03 4.72
C GLU A 25 5.79 6.74 5.40
N TYR A 26 4.89 5.76 5.55
CA TYR A 26 5.15 4.50 6.20
C TYR A 26 4.36 3.43 5.46
N PHE A 27 4.82 2.19 5.54
CA PHE A 27 4.29 1.04 4.83
C PHE A 27 4.26 -0.12 5.80
N ILE A 28 3.06 -0.47 6.22
CA ILE A 28 2.79 -1.49 7.21
C ILE A 28 2.59 -2.76 6.39
N ILE A 29 3.36 -3.82 6.65
CA ILE A 29 3.38 -5.02 5.81
C ILE A 29 2.92 -6.20 6.64
N TYR A 30 1.64 -6.53 6.51
CA TYR A 30 0.97 -7.59 7.25
C TYR A 30 1.20 -8.90 6.50
N ASP A 31 1.87 -9.85 7.14
CA ASP A 31 2.15 -11.19 6.61
C ASP A 31 1.00 -12.14 6.95
N THR A 32 0.33 -12.74 5.97
CA THR A 32 -0.77 -13.65 6.28
C THR A 32 -0.26 -15.09 6.44
N GLU A 33 0.65 -15.29 7.41
CA GLU A 33 1.00 -16.60 7.93
C GLU A 33 1.13 -16.61 9.43
N SER A 34 1.76 -15.61 10.03
CA SER A 34 1.77 -15.59 11.47
C SER A 34 1.51 -14.20 12.06
N GLY A 35 0.62 -13.44 11.43
CA GLY A 35 0.10 -12.15 11.92
C GLY A 35 1.19 -11.13 12.28
N ASN A 36 2.43 -11.38 11.86
CA ASN A 36 3.58 -10.53 12.07
C ASN A 36 3.58 -9.45 11.01
N VAL A 37 3.82 -8.24 11.46
CA VAL A 37 3.81 -7.04 10.66
C VAL A 37 5.24 -6.49 10.59
N GLU A 38 5.46 -5.51 9.74
CA GLU A 38 6.65 -4.70 9.65
C GLU A 38 6.17 -3.27 9.42
N VAL A 39 6.85 -2.28 9.97
CA VAL A 39 6.71 -0.89 9.57
C VAL A 39 7.97 -0.54 8.79
N VAL A 40 7.81 -0.37 7.49
CA VAL A 40 8.76 0.36 6.65
C VAL A 40 8.45 1.84 6.89
N GLU A 41 9.47 2.61 7.19
CA GLU A 41 9.56 4.07 7.05
C GLU A 41 10.00 4.34 5.61
N ASN A 42 9.37 5.27 4.87
CA ASN A 42 9.77 5.61 3.50
C ASN A 42 9.56 7.08 3.21
N THR A 43 10.63 7.77 2.82
CA THR A 43 10.76 9.22 2.99
C THR A 43 10.53 9.97 1.66
N ILE A 44 9.48 9.63 0.90
CA ILE A 44 9.35 10.05 -0.49
C ILE A 44 8.87 11.50 -0.58
N ALA A 45 9.68 12.37 -1.18
CA ALA A 45 9.34 13.75 -1.51
C ALA A 45 10.15 14.17 -2.75
N ASP A 46 9.65 13.85 -3.94
CA ASP A 46 10.25 14.25 -5.23
C ASP A 46 9.15 14.20 -6.31
N ALA A 47 9.37 14.82 -7.46
CA ALA A 47 8.55 14.65 -8.64
C ALA A 47 9.39 14.81 -9.92
N HIS A 48 10.62 14.30 -9.95
CA HIS A 48 11.34 14.05 -11.20
C HIS A 48 10.71 12.84 -11.90
N GLY A 49 10.96 11.62 -11.40
CA GLY A 49 10.59 10.35 -12.02
C GLY A 49 11.82 9.47 -12.13
N THR A 50 12.10 8.59 -11.16
CA THR A 50 13.32 7.78 -11.18
C THR A 50 13.00 6.36 -10.71
N GLY A 51 12.14 5.68 -11.46
CA GLY A 51 11.64 4.36 -11.12
C GLY A 51 10.75 4.41 -9.88
N PRO A 52 10.30 3.25 -9.38
CA PRO A 52 9.31 3.21 -8.32
C PRO A 52 9.85 3.67 -6.99
N LYS A 53 11.14 3.47 -6.70
CA LYS A 53 11.80 3.65 -5.40
C LYS A 53 11.15 2.77 -4.33
N VAL A 54 10.02 3.19 -3.80
CA VAL A 54 9.27 2.57 -2.72
C VAL A 54 8.88 1.15 -3.10
N VAL A 55 8.16 1.00 -4.22
CA VAL A 55 7.68 -0.26 -4.76
C VAL A 55 8.84 -1.19 -4.98
N GLN A 56 9.98 -0.75 -5.52
CA GLN A 56 11.13 -1.64 -5.66
C GLN A 56 11.46 -2.34 -4.34
N SER A 57 11.48 -1.58 -3.23
CA SER A 57 11.73 -2.10 -1.89
C SER A 57 10.58 -2.99 -1.42
N LEU A 58 9.33 -2.53 -1.49
CA LEU A 58 8.16 -3.27 -0.99
C LEU A 58 8.05 -4.62 -1.71
N VAL A 59 8.23 -4.63 -3.03
CA VAL A 59 8.33 -5.81 -3.89
C VAL A 59 9.46 -6.73 -3.43
N SER A 60 10.58 -6.20 -2.92
CA SER A 60 11.64 -7.01 -2.38
C SER A 60 11.18 -7.71 -1.10
N LYS A 61 10.36 -7.07 -0.25
CA LYS A 61 9.72 -7.69 0.91
C LYS A 61 8.46 -8.45 0.47
N GLY A 62 8.52 -9.11 -0.69
CA GLY A 62 7.54 -10.03 -1.23
C GLY A 62 6.09 -9.59 -1.15
N VAL A 63 5.81 -8.28 -1.13
CA VAL A 63 4.46 -7.74 -1.06
C VAL A 63 3.70 -8.18 -2.33
N GLU A 64 2.60 -8.91 -2.16
CA GLU A 64 1.73 -9.42 -3.23
C GLU A 64 0.32 -8.89 -3.06
N TYR A 65 0.17 -7.65 -2.61
CA TYR A 65 -1.10 -7.07 -2.23
C TYR A 65 -0.84 -5.65 -1.78
N LEU A 66 -1.93 -4.92 -1.62
CA LEU A 66 -1.91 -3.55 -1.18
C LEU A 66 -3.33 -3.13 -0.85
N ILE A 67 -3.48 -2.18 0.07
CA ILE A 67 -4.72 -1.52 0.42
C ILE A 67 -4.48 -0.03 0.29
N ALA A 68 -4.95 0.60 -0.78
CA ALA A 68 -4.63 1.98 -1.10
C ALA A 68 -5.68 2.56 -2.05
N SER A 69 -6.48 3.50 -1.57
CA SER A 69 -7.47 4.26 -2.32
C SER A 69 -6.99 4.82 -3.67
N ASN A 70 -5.70 5.15 -3.79
CA ASN A 70 -5.18 5.78 -5.00
C ASN A 70 -3.65 5.71 -4.98
N VAL A 71 -2.97 6.39 -5.89
CA VAL A 71 -1.53 6.32 -6.04
C VAL A 71 -1.07 7.73 -6.41
N GLY A 72 -0.01 8.22 -5.75
CA GLY A 72 0.40 9.61 -5.85
C GLY A 72 0.78 9.99 -7.28
N ARG A 73 1.51 9.09 -7.96
CA ARG A 73 2.01 9.22 -9.32
C ARG A 73 2.47 7.81 -9.71
N ASN A 74 2.46 7.46 -11.01
CA ASN A 74 3.07 6.25 -11.58
C ASN A 74 2.72 5.04 -10.69
N ALA A 75 3.63 4.07 -10.52
CA ALA A 75 3.69 3.03 -9.49
C ALA A 75 2.66 1.91 -9.66
N PHE A 76 1.48 2.22 -10.15
CA PHE A 76 0.43 1.26 -10.49
C PHE A 76 0.97 0.25 -11.49
N GLU A 77 1.76 0.68 -12.47
CA GLU A 77 2.41 -0.21 -13.43
C GLU A 77 3.40 -1.12 -12.71
N THR A 78 4.15 -0.60 -11.74
CA THR A 78 5.12 -1.39 -10.98
C THR A 78 4.41 -2.43 -10.11
N LEU A 79 3.17 -2.15 -9.71
CA LEU A 79 2.39 -3.05 -8.86
C LEU A 79 2.04 -4.28 -9.68
N LYS A 80 1.31 -4.12 -10.77
CA LYS A 80 0.96 -5.20 -11.67
C LYS A 80 2.16 -5.87 -12.34
N ALA A 81 3.27 -5.17 -12.52
CA ALA A 81 4.52 -5.79 -12.96
C ALA A 81 4.90 -6.95 -12.03
N ALA A 82 4.72 -6.81 -10.70
CA ALA A 82 4.93 -7.93 -9.77
C ALA A 82 3.59 -8.58 -9.36
N GLY A 83 2.63 -8.66 -10.27
CA GLY A 83 1.29 -9.20 -10.06
C GLY A 83 0.50 -8.70 -8.84
N VAL A 84 0.88 -7.56 -8.26
CA VAL A 84 0.51 -7.21 -6.90
C VAL A 84 -0.92 -6.68 -6.90
N LYS A 85 -1.83 -7.33 -6.16
CA LYS A 85 -3.27 -7.05 -6.18
C LYS A 85 -3.58 -5.82 -5.32
N VAL A 86 -4.07 -4.73 -5.90
CA VAL A 86 -4.27 -3.46 -5.20
C VAL A 86 -5.74 -3.41 -4.83
N TYR A 87 -6.05 -3.13 -3.57
CA TYR A 87 -7.38 -2.76 -3.14
C TYR A 87 -7.48 -1.25 -2.97
N ARG A 88 -8.70 -0.72 -3.02
CA ARG A 88 -9.08 0.59 -2.53
C ARG A 88 -9.23 0.49 -1.01
N PHE A 89 -9.25 1.61 -0.31
CA PHE A 89 -9.82 1.79 1.02
C PHE A 89 -10.52 3.16 0.97
N GLU A 90 -11.33 3.58 1.97
CA GLU A 90 -11.83 4.96 1.95
C GLU A 90 -12.17 5.48 3.36
N GLY A 91 -11.14 5.66 4.18
CA GLY A 91 -11.16 6.53 5.36
C GLY A 91 -11.14 5.73 6.65
N GLY A 92 -9.96 5.54 7.23
CA GLY A 92 -9.69 4.57 8.28
C GLY A 92 -8.24 4.68 8.73
N THR A 93 -7.90 4.02 9.83
CA THR A 93 -6.53 3.80 10.26
C THR A 93 -5.97 2.52 9.62
N VAL A 94 -4.69 2.24 9.87
CA VAL A 94 -4.01 1.04 9.43
C VAL A 94 -4.88 -0.18 9.71
N GLN A 95 -5.51 -0.29 10.88
CA GLN A 95 -6.34 -1.44 11.20
C GLN A 95 -7.60 -1.56 10.37
N GLU A 96 -8.20 -0.45 9.95
CA GLU A 96 -9.44 -0.41 9.24
C GLU A 96 -9.23 -0.90 7.85
N ALA A 97 -8.13 -0.51 7.21
CA ALA A 97 -7.70 -1.10 5.96
C ALA A 97 -7.79 -2.64 6.02
N ILE A 98 -7.39 -3.25 7.13
CA ILE A 98 -7.30 -4.70 7.28
C ILE A 98 -8.68 -5.23 7.60
N ASP A 99 -9.37 -4.68 8.60
CA ASP A 99 -10.70 -5.12 9.02
C ASP A 99 -11.71 -4.93 7.91
N ALA A 100 -11.38 -4.05 6.95
CA ALA A 100 -12.16 -3.88 5.76
C ALA A 100 -11.78 -5.00 4.79
N PHE A 101 -10.51 -5.05 4.37
CA PHE A 101 -10.01 -5.99 3.36
C PHE A 101 -10.27 -7.44 3.74
N SER A 102 -10.02 -7.78 5.00
CA SER A 102 -10.08 -9.14 5.53
C SER A 102 -11.51 -9.64 5.40
N GLU A 103 -12.47 -8.87 5.90
CA GLU A 103 -13.89 -9.22 5.83
C GLU A 103 -14.46 -8.72 4.49
N GLY A 104 -13.66 -8.79 3.43
CA GLY A 104 -14.03 -8.54 2.06
C GLY A 104 -14.66 -7.17 1.75
N ARG A 105 -14.66 -6.18 2.64
CA ARG A 105 -15.38 -4.93 2.42
C ARG A 105 -14.56 -3.92 1.60
N LEU A 106 -13.74 -4.32 0.63
CA LEU A 106 -12.93 -3.38 -0.14
C LEU A 106 -13.00 -3.74 -1.64
N GLU A 107 -12.53 -2.82 -2.49
CA GLU A 107 -12.72 -2.84 -3.94
C GLU A 107 -11.37 -3.15 -4.58
N GLU A 108 -11.31 -3.97 -5.64
CA GLU A 108 -10.08 -4.38 -6.28
C GLU A 108 -9.69 -3.30 -7.30
N LEU A 109 -8.83 -2.38 -6.90
CA LEU A 109 -8.50 -1.16 -7.62
C LEU A 109 -7.47 -1.43 -8.75
N THR A 110 -7.58 -2.54 -9.45
CA THR A 110 -6.49 -2.97 -10.33
C THR A 110 -6.74 -2.41 -11.75
N THR A 111 -7.24 -1.19 -11.84
CA THR A 111 -7.93 -0.68 -13.03
C THR A 111 -8.29 0.81 -12.80
N PHE A 112 -7.38 1.58 -12.20
CA PHE A 112 -7.61 2.97 -11.80
C PHE A 112 -6.38 3.78 -12.18
N THR A 113 -6.58 5.01 -12.62
CA THR A 113 -5.53 5.91 -13.11
C THR A 113 -6.01 7.36 -12.95
N ARG A 114 -5.66 8.05 -11.85
CA ARG A 114 -6.05 9.45 -11.69
C ARG A 114 -5.08 10.13 -10.74
N GLU A 115 -4.31 11.10 -11.22
CA GLU A 115 -3.41 11.87 -10.36
C GLU A 115 -4.22 12.94 -9.61
N GLY A 116 -4.72 12.60 -8.43
CA GLY A 116 -5.59 13.45 -7.61
C GLY A 116 -6.35 12.61 -6.61
N MET A 1 -0.39 -16.60 2.56
CA MET A 1 0.82 -16.31 1.77
C MET A 1 0.89 -14.86 1.28
N ALA A 2 -0.16 -14.03 1.42
CA ALA A 2 -0.13 -12.69 0.84
C ALA A 2 0.47 -11.66 1.78
N ARG A 3 1.38 -10.81 1.28
CA ARG A 3 1.86 -9.64 2.03
C ARG A 3 1.24 -8.39 1.47
N VAL A 4 0.37 -7.78 2.27
CA VAL A 4 -0.37 -6.57 1.94
C VAL A 4 0.41 -5.42 2.57
N ALA A 5 0.70 -4.38 1.78
CA ALA A 5 1.37 -3.21 2.35
C ALA A 5 0.26 -2.18 2.52
N ILE A 6 0.18 -1.51 3.67
CA ILE A 6 -0.83 -0.49 3.91
C ILE A 6 -0.10 0.86 4.06
N PRO A 7 -0.43 1.85 3.20
CA PRO A 7 0.19 3.15 3.13
C PRO A 7 -0.27 4.00 4.32
N SER A 8 0.49 3.98 5.39
CA SER A 8 0.35 4.74 6.63
C SER A 8 1.05 6.11 6.51
N VAL A 9 0.85 6.99 7.49
CA VAL A 9 1.66 8.18 7.74
C VAL A 9 2.19 8.16 9.19
N GLY A 10 2.55 6.98 9.73
CA GLY A 10 3.23 6.83 11.02
C GLY A 10 3.55 5.37 11.35
N LYS A 11 4.07 5.10 12.55
CA LYS A 11 4.76 3.85 12.90
C LYS A 11 3.94 3.01 13.90
N ASP A 12 2.63 2.95 13.72
CA ASP A 12 1.72 2.21 14.60
C ASP A 12 0.61 1.59 13.73
N LEU A 13 -0.05 0.54 14.21
CA LEU A 13 -1.13 -0.14 13.49
C LEU A 13 -2.45 0.64 13.60
N SER A 14 -2.55 1.60 14.51
CA SER A 14 -3.66 2.55 14.47
C SER A 14 -3.20 3.90 13.95
N SER A 15 -2.31 3.93 12.97
CA SER A 15 -1.93 5.19 12.37
C SER A 15 -2.95 5.57 11.30
N MET A 16 -2.93 6.76 10.73
CA MET A 16 -3.85 7.09 9.65
C MET A 16 -3.34 6.46 8.34
N VAL A 17 -4.23 5.82 7.59
CA VAL A 17 -3.95 5.37 6.22
C VAL A 17 -4.06 6.60 5.31
N SER A 18 -3.05 6.76 4.46
CA SER A 18 -2.84 7.84 3.53
C SER A 18 -3.71 7.61 2.29
N ASP A 19 -4.10 8.68 1.60
CA ASP A 19 -5.08 8.56 0.52
C ASP A 19 -4.43 8.27 -0.84
N ARG A 20 -3.36 7.46 -0.85
CA ARG A 20 -2.35 7.57 -1.91
C ARG A 20 -1.23 6.59 -1.65
N PHE A 21 -1.11 5.49 -2.41
CA PHE A 21 -0.01 4.57 -2.24
C PHE A 21 1.35 5.26 -2.42
N ALA A 22 1.60 5.83 -3.60
CA ALA A 22 2.95 6.27 -3.97
C ALA A 22 3.33 7.63 -3.35
N ARG A 23 2.46 8.26 -2.56
CA ARG A 23 2.77 9.32 -1.64
C ARG A 23 2.20 8.85 -0.30
N ALA A 24 2.71 7.76 0.25
CA ALA A 24 2.48 7.44 1.63
C ALA A 24 3.86 7.30 2.26
N GLU A 25 3.96 7.22 3.59
CA GLU A 25 5.24 7.40 4.25
C GLU A 25 5.68 6.15 5.00
N TYR A 26 4.74 5.38 5.50
CA TYR A 26 5.02 4.18 6.19
C TYR A 26 4.19 3.12 5.47
N PHE A 27 4.73 1.93 5.41
CA PHE A 27 4.28 0.81 4.64
C PHE A 27 4.30 -0.38 5.57
N ILE A 28 3.17 -0.55 6.24
CA ILE A 28 2.89 -1.54 7.25
C ILE A 28 2.60 -2.80 6.45
N ILE A 29 3.54 -3.75 6.47
CA ILE A 29 3.44 -4.98 5.70
C ILE A 29 2.84 -6.00 6.63
N TYR A 30 1.59 -6.38 6.40
CA TYR A 30 0.94 -7.47 7.10
C TYR A 30 1.18 -8.74 6.31
N ASP A 31 1.60 -9.81 6.98
CA ASP A 31 1.88 -11.12 6.45
C ASP A 31 0.73 -12.10 6.72
N THR A 32 -0.03 -12.51 5.69
CA THR A 32 -1.10 -13.51 5.90
C THR A 32 -0.51 -14.93 5.90
N GLU A 33 0.49 -15.15 6.74
CA GLU A 33 1.00 -16.47 7.11
C GLU A 33 1.37 -16.55 8.57
N SER A 34 1.61 -15.43 9.26
CA SER A 34 1.57 -15.52 10.71
C SER A 34 1.15 -14.23 11.39
N GLY A 35 0.23 -13.47 10.76
CA GLY A 35 -0.33 -12.25 11.32
C GLY A 35 0.73 -11.22 11.74
N ASN A 36 1.99 -11.45 11.37
CA ASN A 36 3.11 -10.57 11.59
C ASN A 36 2.83 -9.28 10.84
N VAL A 37 3.42 -8.21 11.36
CA VAL A 37 3.39 -6.93 10.72
C VAL A 37 4.80 -6.34 10.79
N GLU A 38 5.10 -5.37 9.94
CA GLU A 38 6.39 -4.72 9.91
C GLU A 38 6.21 -3.29 9.45
N VAL A 39 6.89 -2.32 10.09
CA VAL A 39 6.86 -0.92 9.69
C VAL A 39 8.16 -0.56 8.92
N VAL A 40 8.03 -0.23 7.63
CA VAL A 40 9.04 0.51 6.86
C VAL A 40 8.93 2.01 7.22
N GLU A 41 9.99 2.79 7.00
CA GLU A 41 9.93 4.24 6.96
C GLU A 41 10.42 4.61 5.57
N ASN A 42 9.60 5.32 4.81
CA ASN A 42 9.84 5.66 3.43
C ASN A 42 9.51 7.13 3.32
N THR A 43 10.52 7.96 3.10
CA THR A 43 10.31 9.39 3.08
C THR A 43 9.82 9.76 1.67
N ILE A 44 8.56 9.47 1.36
CA ILE A 44 8.01 9.56 0.00
C ILE A 44 7.26 10.86 -0.16
N ALA A 45 7.81 11.71 -1.01
CA ALA A 45 7.28 13.00 -1.35
C ALA A 45 6.93 13.03 -2.84
N ASP A 46 6.71 14.25 -3.32
CA ASP A 46 6.39 14.61 -4.68
C ASP A 46 7.68 14.56 -5.47
N ALA A 47 7.79 13.54 -6.32
CA ALA A 47 8.90 13.26 -7.22
C ALA A 47 8.39 13.29 -8.65
N HIS A 48 9.25 13.52 -9.63
CA HIS A 48 8.83 13.58 -11.02
C HIS A 48 8.50 12.17 -11.53
N GLY A 49 9.37 11.18 -11.32
CA GLY A 49 9.22 9.83 -11.86
C GLY A 49 10.58 9.13 -11.87
N THR A 50 10.91 8.46 -12.98
CA THR A 50 12.07 7.59 -13.15
C THR A 50 11.99 6.39 -12.21
N GLY A 51 11.55 5.23 -12.73
CA GLY A 51 11.46 3.99 -11.97
C GLY A 51 10.38 4.05 -10.89
N PRO A 52 10.27 3.03 -10.03
CA PRO A 52 9.54 3.09 -8.78
C PRO A 52 10.38 3.87 -7.74
N LYS A 53 9.98 3.81 -6.48
CA LYS A 53 10.71 4.36 -5.33
C LYS A 53 10.34 3.53 -4.11
N VAL A 54 9.04 3.39 -3.89
CA VAL A 54 8.44 2.62 -2.81
C VAL A 54 8.24 1.16 -3.23
N VAL A 55 7.85 0.93 -4.48
CA VAL A 55 7.61 -0.39 -5.06
C VAL A 55 8.90 -1.21 -5.03
N GLN A 56 10.02 -0.70 -5.55
CA GLN A 56 11.31 -1.39 -5.55
C GLN A 56 11.58 -2.05 -4.18
N SER A 57 11.41 -1.26 -3.12
CA SER A 57 11.47 -1.68 -1.74
C SER A 57 10.45 -2.75 -1.42
N LEU A 58 9.16 -2.46 -1.50
CA LEU A 58 8.13 -3.33 -0.97
C LEU A 58 8.13 -4.70 -1.62
N VAL A 59 8.36 -4.71 -2.93
CA VAL A 59 8.51 -5.87 -3.77
C VAL A 59 9.66 -6.77 -3.27
N SER A 60 10.72 -6.20 -2.70
CA SER A 60 11.79 -6.95 -2.07
C SER A 60 11.25 -7.80 -0.91
N LYS A 61 10.19 -7.35 -0.21
CA LYS A 61 9.57 -8.08 0.91
C LYS A 61 8.31 -8.80 0.45
N GLY A 62 8.32 -9.35 -0.76
CA GLY A 62 7.26 -10.21 -1.26
C GLY A 62 5.86 -9.61 -1.18
N VAL A 63 5.72 -8.29 -1.19
CA VAL A 63 4.43 -7.63 -1.09
C VAL A 63 3.74 -7.81 -2.44
N GLU A 64 2.87 -8.81 -2.58
CA GLU A 64 2.08 -8.97 -3.80
C GLU A 64 0.64 -8.56 -3.52
N TYR A 65 0.45 -7.52 -2.71
CA TYR A 65 -0.85 -7.11 -2.22
C TYR A 65 -0.72 -5.70 -1.64
N LEU A 66 -1.81 -4.94 -1.58
CA LEU A 66 -1.79 -3.54 -1.21
C LEU A 66 -3.22 -3.15 -0.89
N ILE A 67 -3.39 -2.23 0.06
CA ILE A 67 -4.66 -1.59 0.40
C ILE A 67 -4.41 -0.10 0.19
N ALA A 68 -4.92 0.50 -0.88
CA ALA A 68 -4.69 1.91 -1.16
C ALA A 68 -5.85 2.53 -1.93
N SER A 69 -6.30 3.71 -1.53
CA SER A 69 -7.46 4.36 -2.14
C SER A 69 -7.20 4.81 -3.58
N ASN A 70 -5.93 5.03 -3.94
CA ASN A 70 -5.46 5.78 -5.11
C ASN A 70 -3.92 5.71 -5.11
N VAL A 71 -3.22 6.38 -6.05
CA VAL A 71 -1.76 6.37 -6.09
C VAL A 71 -1.17 7.75 -6.39
N GLY A 72 -0.06 8.05 -5.70
CA GLY A 72 0.72 9.28 -5.74
C GLY A 72 1.26 9.70 -7.11
N ARG A 73 1.23 8.83 -8.12
CA ARG A 73 1.44 9.00 -9.56
C ARG A 73 2.15 7.74 -10.06
N ASN A 74 3.46 7.81 -10.31
CA ASN A 74 4.25 6.68 -10.76
C ASN A 74 4.28 5.62 -9.66
N ALA A 75 4.12 4.35 -10.06
CA ALA A 75 4.14 3.12 -9.29
C ALA A 75 3.32 2.04 -10.00
N PHE A 76 2.23 2.42 -10.66
CA PHE A 76 1.17 1.50 -11.07
C PHE A 76 1.70 0.39 -11.97
N GLU A 77 2.58 0.75 -12.90
CA GLU A 77 3.20 -0.17 -13.86
C GLU A 77 4.03 -1.21 -13.11
N THR A 78 4.71 -0.77 -12.06
CA THR A 78 5.56 -1.61 -11.22
C THR A 78 4.70 -2.50 -10.31
N LEU A 79 3.46 -2.10 -9.99
CA LEU A 79 2.60 -2.91 -9.14
C LEU A 79 2.17 -4.15 -9.90
N LYS A 80 1.66 -3.99 -11.11
CA LYS A 80 1.30 -5.10 -11.96
C LYS A 80 2.49 -5.91 -12.44
N ALA A 81 3.66 -5.28 -12.60
CA ALA A 81 4.89 -6.03 -12.82
C ALA A 81 5.05 -7.06 -11.71
N ALA A 82 5.11 -6.65 -10.44
CA ALA A 82 5.38 -7.61 -9.36
C ALA A 82 4.08 -8.28 -8.87
N GLY A 83 3.14 -8.57 -9.76
CA GLY A 83 1.88 -9.26 -9.52
C GLY A 83 1.08 -8.75 -8.31
N VAL A 84 1.24 -7.48 -7.94
CA VAL A 84 0.77 -6.94 -6.68
C VAL A 84 -0.71 -6.67 -6.80
N LYS A 85 -1.52 -7.28 -5.92
CA LYS A 85 -2.95 -7.00 -5.89
C LYS A 85 -3.08 -5.66 -5.16
N VAL A 86 -4.14 -4.91 -5.43
CA VAL A 86 -4.34 -3.56 -4.93
C VAL A 86 -5.83 -3.48 -4.68
N TYR A 87 -6.22 -3.28 -3.43
CA TYR A 87 -7.58 -2.94 -3.05
C TYR A 87 -7.70 -1.44 -2.91
N ARG A 88 -8.91 -0.90 -3.02
CA ARG A 88 -9.27 0.44 -2.58
C ARG A 88 -9.47 0.39 -1.07
N PHE A 89 -9.27 1.50 -0.35
CA PHE A 89 -9.75 1.72 1.01
C PHE A 89 -10.39 3.11 1.06
N GLU A 90 -11.13 3.44 2.13
CA GLU A 90 -11.84 4.71 2.26
C GLU A 90 -11.79 5.26 3.70
N GLY A 91 -10.64 5.83 4.06
CA GLY A 91 -10.49 6.77 5.18
C GLY A 91 -10.62 6.13 6.56
N GLY A 92 -9.52 5.64 7.11
CA GLY A 92 -9.39 4.70 8.22
C GLY A 92 -7.99 4.76 8.81
N THR A 93 -7.77 4.22 10.01
CA THR A 93 -6.44 3.93 10.51
C THR A 93 -5.90 2.62 9.91
N VAL A 94 -4.61 2.26 10.07
CA VAL A 94 -4.12 1.04 9.43
C VAL A 94 -5.02 -0.17 9.72
N GLN A 95 -5.52 -0.35 10.94
CA GLN A 95 -6.45 -1.44 11.22
C GLN A 95 -7.66 -1.50 10.30
N GLU A 96 -8.24 -0.37 9.94
CA GLU A 96 -9.46 -0.26 9.16
C GLU A 96 -9.22 -0.81 7.78
N ALA A 97 -8.11 -0.43 7.13
CA ALA A 97 -7.69 -1.02 5.88
C ALA A 97 -7.72 -2.57 5.92
N ILE A 98 -7.41 -3.18 7.08
CA ILE A 98 -7.32 -4.62 7.23
C ILE A 98 -8.69 -5.16 7.53
N ASP A 99 -9.32 -4.69 8.61
CA ASP A 99 -10.63 -5.06 9.12
C ASP A 99 -11.68 -4.91 8.03
N ALA A 100 -11.45 -3.97 7.12
CA ALA A 100 -12.30 -3.79 5.96
C ALA A 100 -12.03 -4.94 4.99
N PHE A 101 -10.80 -5.08 4.51
CA PHE A 101 -10.39 -6.11 3.54
C PHE A 101 -10.70 -7.54 4.01
N SER A 102 -10.33 -7.87 5.24
CA SER A 102 -10.35 -9.21 5.78
C SER A 102 -11.79 -9.64 6.03
N GLU A 103 -12.68 -8.70 6.35
CA GLU A 103 -14.11 -8.98 6.41
C GLU A 103 -14.78 -8.36 5.16
N GLY A 104 -14.05 -8.42 4.05
CA GLY A 104 -14.41 -8.23 2.65
C GLY A 104 -14.89 -6.85 2.17
N ARG A 105 -15.06 -5.84 3.01
CA ARG A 105 -15.74 -4.57 2.68
C ARG A 105 -14.86 -3.59 1.92
N LEU A 106 -14.03 -4.06 0.98
CA LEU A 106 -13.21 -3.20 0.14
C LEU A 106 -13.54 -3.51 -1.33
N GLU A 107 -12.73 -3.04 -2.28
CA GLU A 107 -12.89 -3.25 -3.72
C GLU A 107 -11.52 -3.57 -4.32
N GLU A 108 -11.46 -4.38 -5.37
CA GLU A 108 -10.25 -4.72 -6.11
C GLU A 108 -9.97 -3.58 -7.07
N LEU A 109 -9.02 -2.73 -6.69
CA LEU A 109 -8.61 -1.55 -7.41
C LEU A 109 -7.36 -1.90 -8.19
N THR A 110 -7.42 -2.76 -9.21
CA THR A 110 -6.20 -3.20 -9.90
C THR A 110 -6.10 -2.52 -11.28
N THR A 111 -6.53 -1.26 -11.35
CA THR A 111 -7.12 -0.72 -12.57
C THR A 111 -7.26 0.81 -12.48
N PHE A 112 -6.27 1.48 -11.89
CA PHE A 112 -6.31 2.88 -11.51
C PHE A 112 -5.10 3.55 -12.14
N THR A 113 -5.06 4.87 -12.13
CA THR A 113 -4.02 5.56 -12.88
C THR A 113 -3.67 6.85 -12.14
N ARG A 114 -2.91 7.67 -12.83
CA ARG A 114 -2.81 9.09 -12.63
C ARG A 114 -3.13 9.72 -13.97
N GLU A 115 -3.60 10.95 -13.94
CA GLU A 115 -3.78 11.75 -15.13
C GLU A 115 -2.77 12.87 -15.01
N GLY A 116 -1.56 12.62 -15.48
CA GLY A 116 -0.39 13.49 -15.39
C GLY A 116 0.84 12.72 -15.80
N MET A 1 -0.76 -17.66 2.93
CA MET A 1 0.38 -16.81 2.52
C MET A 1 -0.09 -15.62 1.71
N ALA A 2 0.58 -14.48 1.92
CA ALA A 2 0.62 -13.24 1.14
C ALA A 2 1.09 -12.12 2.04
N ARG A 3 1.79 -11.12 1.50
CA ARG A 3 2.01 -9.85 2.18
C ARG A 3 1.22 -8.77 1.48
N VAL A 4 0.41 -8.05 2.24
CA VAL A 4 -0.37 -6.89 1.83
C VAL A 4 0.45 -5.68 2.32
N ALA A 5 0.41 -4.52 1.65
CA ALA A 5 1.03 -3.32 2.20
C ALA A 5 -0.04 -2.24 2.37
N ILE A 6 0.09 -1.40 3.38
CA ILE A 6 -0.87 -0.35 3.70
C ILE A 6 -0.07 0.96 3.86
N PRO A 7 -0.36 2.00 3.06
CA PRO A 7 0.28 3.29 3.02
C PRO A 7 -0.18 4.06 4.27
N SER A 8 0.67 4.11 5.29
CA SER A 8 0.37 4.70 6.58
C SER A 8 0.99 6.11 6.65
N VAL A 9 0.55 6.91 7.62
CA VAL A 9 1.23 8.16 7.99
C VAL A 9 1.65 8.17 9.47
N GLY A 10 2.09 7.02 10.00
CA GLY A 10 2.66 6.89 11.33
C GLY A 10 3.25 5.49 11.52
N LYS A 11 3.79 5.22 12.71
CA LYS A 11 4.52 3.99 13.02
C LYS A 11 3.68 3.12 13.95
N ASP A 12 2.35 3.06 13.72
CA ASP A 12 1.40 2.35 14.59
C ASP A 12 0.33 1.70 13.75
N LEU A 13 -0.20 0.57 14.21
CA LEU A 13 -1.33 -0.17 13.66
C LEU A 13 -2.68 0.56 13.85
N SER A 14 -2.66 1.76 14.43
CA SER A 14 -3.82 2.64 14.41
C SER A 14 -3.35 4.03 13.95
N SER A 15 -2.42 4.08 13.00
CA SER A 15 -2.14 5.35 12.35
C SER A 15 -3.17 5.62 11.25
N MET A 16 -3.31 6.83 10.72
CA MET A 16 -4.26 7.12 9.66
C MET A 16 -3.70 6.64 8.31
N VAL A 17 -4.51 5.92 7.51
CA VAL A 17 -4.13 5.42 6.18
C VAL A 17 -4.15 6.60 5.19
N SER A 18 -3.21 6.57 4.25
CA SER A 18 -2.84 7.63 3.34
C SER A 18 -3.60 7.46 2.03
N ASP A 19 -4.22 8.54 1.53
CA ASP A 19 -5.07 8.49 0.34
C ASP A 19 -4.24 8.51 -0.96
N ARG A 20 -3.10 7.80 -0.97
CA ARG A 20 -2.02 7.98 -1.94
C ARG A 20 -0.96 6.92 -1.68
N PHE A 21 -0.94 5.79 -2.40
CA PHE A 21 0.07 4.77 -2.19
C PHE A 21 1.49 5.29 -2.44
N ALA A 22 1.74 5.93 -3.58
CA ALA A 22 3.09 6.37 -3.94
C ALA A 22 3.53 7.64 -3.21
N ARG A 23 2.70 8.18 -2.30
CA ARG A 23 3.07 9.18 -1.32
C ARG A 23 2.46 8.72 0.01
N ALA A 24 2.99 7.65 0.57
CA ALA A 24 2.77 7.41 1.99
C ALA A 24 4.04 7.88 2.71
N GLU A 25 4.07 7.72 4.00
CA GLU A 25 5.24 8.07 4.80
C GLU A 25 5.82 6.83 5.47
N TYR A 26 5.00 5.79 5.59
CA TYR A 26 5.28 4.51 6.19
C TYR A 26 4.49 3.50 5.39
N PHE A 27 4.91 2.24 5.40
CA PHE A 27 4.21 1.16 4.74
C PHE A 27 4.13 0.01 5.73
N ILE A 28 2.92 -0.26 6.21
CA ILE A 28 2.68 -1.35 7.13
C ILE A 28 2.46 -2.58 6.27
N ILE A 29 3.15 -3.67 6.58
CA ILE A 29 3.17 -4.85 5.73
C ILE A 29 2.74 -6.01 6.60
N TYR A 30 1.51 -6.46 6.40
CA TYR A 30 0.88 -7.55 7.16
C TYR A 30 1.15 -8.88 6.44
N ASP A 31 1.86 -9.78 7.11
CA ASP A 31 2.32 -11.09 6.66
C ASP A 31 1.28 -12.19 6.91
N THR A 32 0.48 -12.61 5.91
CA THR A 32 -0.52 -13.67 6.14
C THR A 32 0.20 -15.05 6.12
N GLU A 33 1.17 -15.21 7.02
CA GLU A 33 1.96 -16.41 7.25
C GLU A 33 2.38 -16.55 8.71
N SER A 34 2.40 -15.49 9.51
CA SER A 34 2.34 -15.69 10.95
C SER A 34 1.77 -14.48 11.71
N GLY A 35 0.79 -13.75 11.15
CA GLY A 35 0.21 -12.56 11.77
C GLY A 35 1.22 -11.43 12.04
N ASN A 36 2.47 -11.58 11.58
CA ASN A 36 3.50 -10.56 11.74
C ASN A 36 3.16 -9.36 10.90
N VAL A 37 3.73 -8.22 11.26
CA VAL A 37 3.70 -6.99 10.53
C VAL A 37 5.14 -6.47 10.40
N GLU A 38 5.34 -5.41 9.63
CA GLU A 38 6.56 -4.63 9.52
C GLU A 38 6.08 -3.19 9.32
N VAL A 39 6.75 -2.21 9.95
CA VAL A 39 6.65 -0.81 9.61
C VAL A 39 7.87 -0.49 8.75
N VAL A 40 7.67 -0.37 7.44
CA VAL A 40 8.63 0.28 6.57
C VAL A 40 8.44 1.78 6.76
N GLU A 41 9.52 2.54 6.69
CA GLU A 41 9.55 3.99 6.63
C GLU A 41 9.89 4.34 5.17
N ASN A 42 9.33 5.42 4.62
CA ASN A 42 9.65 5.81 3.24
C ASN A 42 9.42 7.29 3.04
N THR A 43 10.41 7.98 2.49
CA THR A 43 10.54 9.43 2.65
C THR A 43 10.39 10.13 1.28
N ILE A 44 9.42 9.74 0.46
CA ILE A 44 9.39 10.06 -0.97
C ILE A 44 8.89 11.49 -1.27
N ALA A 45 9.42 12.50 -0.56
CA ALA A 45 9.53 13.86 -1.07
C ALA A 45 10.74 13.91 -2.00
N ASP A 46 10.51 13.82 -3.31
CA ASP A 46 11.43 14.19 -4.40
C ASP A 46 10.58 14.34 -5.67
N ALA A 47 11.16 14.59 -6.85
CA ALA A 47 10.46 14.47 -8.13
C ALA A 47 11.36 13.81 -9.20
N HIS A 48 11.66 12.52 -9.01
CA HIS A 48 12.33 11.67 -9.99
C HIS A 48 11.54 10.37 -10.10
N GLY A 49 10.74 10.26 -11.16
CA GLY A 49 10.08 9.02 -11.57
C GLY A 49 11.06 8.07 -12.26
N THR A 50 12.25 7.88 -11.70
CA THR A 50 13.33 7.07 -12.26
C THR A 50 13.59 5.93 -11.29
N GLY A 51 12.63 5.02 -11.19
CA GLY A 51 12.66 3.84 -10.34
C GLY A 51 11.67 4.01 -9.19
N PRO A 52 10.98 2.94 -8.79
CA PRO A 52 9.85 3.01 -7.87
C PRO A 52 10.28 3.46 -6.47
N LYS A 53 11.49 3.09 -6.02
CA LYS A 53 12.00 3.22 -4.65
C LYS A 53 11.14 2.42 -3.66
N VAL A 54 9.93 2.89 -3.37
CA VAL A 54 8.97 2.23 -2.50
C VAL A 54 8.70 0.80 -2.98
N VAL A 55 8.12 0.64 -4.16
CA VAL A 55 7.74 -0.64 -4.76
C VAL A 55 8.95 -1.56 -4.79
N GLN A 56 10.14 -1.11 -5.19
CA GLN A 56 11.34 -1.96 -5.14
C GLN A 56 11.55 -2.58 -3.75
N SER A 57 11.36 -1.81 -2.67
CA SER A 57 11.46 -2.29 -1.31
C SER A 57 10.31 -3.25 -1.01
N LEU A 58 9.05 -2.83 -1.18
CA LEU A 58 7.88 -3.63 -0.83
C LEU A 58 7.90 -4.98 -1.55
N VAL A 59 8.22 -4.98 -2.84
CA VAL A 59 8.44 -6.14 -3.69
C VAL A 59 9.55 -7.04 -3.12
N SER A 60 10.58 -6.48 -2.48
CA SER A 60 11.61 -7.27 -1.82
C SER A 60 11.00 -8.02 -0.63
N LYS A 61 10.10 -7.40 0.14
CA LYS A 61 9.35 -8.06 1.22
C LYS A 61 8.14 -8.82 0.66
N GLY A 62 8.29 -9.44 -0.50
CA GLY A 62 7.32 -10.30 -1.16
C GLY A 62 5.87 -9.81 -1.15
N VAL A 63 5.63 -8.50 -1.13
CA VAL A 63 4.30 -7.90 -1.08
C VAL A 63 3.59 -8.24 -2.40
N GLU A 64 2.46 -8.94 -2.32
CA GLU A 64 1.63 -9.30 -3.48
C GLU A 64 0.22 -8.73 -3.35
N TYR A 65 0.07 -7.53 -2.79
CA TYR A 65 -1.20 -6.99 -2.39
C TYR A 65 -0.95 -5.59 -1.86
N LEU A 66 -2.03 -4.85 -1.66
CA LEU A 66 -2.00 -3.48 -1.19
C LEU A 66 -3.41 -3.05 -0.85
N ILE A 67 -3.54 -2.10 0.06
CA ILE A 67 -4.77 -1.41 0.40
C ILE A 67 -4.47 0.09 0.29
N ALA A 68 -4.98 0.75 -0.74
CA ALA A 68 -4.70 2.15 -1.00
C ALA A 68 -5.80 2.74 -1.88
N SER A 69 -6.40 3.83 -1.42
CA SER A 69 -7.54 4.43 -2.13
C SER A 69 -7.21 4.89 -3.55
N ASN A 70 -5.95 5.24 -3.78
CA ASN A 70 -5.45 5.91 -4.97
C ASN A 70 -3.94 5.75 -4.94
N VAL A 71 -3.25 6.29 -5.93
CA VAL A 71 -1.80 6.28 -5.97
C VAL A 71 -1.27 7.70 -6.13
N GLY A 72 0.03 7.82 -5.89
CA GLY A 72 0.79 9.07 -5.91
C GLY A 72 1.20 9.52 -7.32
N ARG A 73 1.04 8.69 -8.36
CA ARG A 73 0.99 8.94 -9.82
C ARG A 73 1.65 7.84 -10.62
N ASN A 74 2.92 7.59 -10.38
CA ASN A 74 3.64 6.39 -10.82
C ASN A 74 3.26 5.20 -9.93
N ALA A 75 4.09 4.16 -9.88
CA ALA A 75 4.04 3.00 -8.99
C ALA A 75 2.98 1.96 -9.41
N PHE A 76 1.83 2.39 -9.93
CA PHE A 76 0.75 1.52 -10.35
C PHE A 76 1.21 0.47 -11.37
N GLU A 77 2.03 0.89 -12.34
CA GLU A 77 2.59 0.02 -13.36
C GLU A 77 3.57 -0.99 -12.73
N THR A 78 4.24 -0.58 -11.67
CA THR A 78 5.18 -1.39 -10.91
C THR A 78 4.43 -2.34 -9.97
N LEU A 79 3.16 -2.08 -9.66
CA LEU A 79 2.34 -2.93 -8.82
C LEU A 79 1.89 -4.15 -9.63
N LYS A 80 1.12 -3.94 -10.69
CA LYS A 80 0.65 -5.01 -11.55
C LYS A 80 1.76 -5.86 -12.14
N ALA A 81 2.91 -5.26 -12.46
CA ALA A 81 4.06 -6.02 -12.93
C ALA A 81 4.45 -7.09 -11.91
N ALA A 82 4.63 -6.73 -10.63
CA ALA A 82 4.97 -7.72 -9.61
C ALA A 82 3.72 -8.44 -9.06
N GLY A 83 2.71 -8.70 -9.92
CA GLY A 83 1.46 -9.35 -9.57
C GLY A 83 0.80 -8.84 -8.28
N VAL A 84 0.94 -7.56 -7.95
CA VAL A 84 0.55 -7.01 -6.65
C VAL A 84 -0.91 -6.55 -6.74
N LYS A 85 -1.84 -7.22 -6.05
CA LYS A 85 -3.27 -6.93 -6.19
C LYS A 85 -3.66 -5.70 -5.37
N VAL A 86 -4.05 -4.59 -5.97
CA VAL A 86 -4.28 -3.33 -5.26
C VAL A 86 -5.75 -3.32 -4.87
N TYR A 87 -6.06 -2.97 -3.63
CA TYR A 87 -7.41 -2.63 -3.19
C TYR A 87 -7.53 -1.14 -2.99
N ARG A 88 -8.76 -0.63 -3.08
CA ARG A 88 -9.15 0.69 -2.60
C ARG A 88 -9.34 0.56 -1.09
N PHE A 89 -9.36 1.69 -0.40
CA PHE A 89 -9.91 1.87 0.93
C PHE A 89 -10.60 3.26 0.90
N GLU A 90 -11.34 3.68 1.92
CA GLU A 90 -11.86 5.04 2.00
C GLU A 90 -12.02 5.53 3.45
N GLY A 91 -10.87 5.85 4.05
CA GLY A 91 -10.79 6.53 5.33
C GLY A 91 -10.77 5.52 6.47
N GLY A 92 -9.77 5.57 7.33
CA GLY A 92 -9.53 4.53 8.31
C GLY A 92 -8.10 4.58 8.84
N THR A 93 -7.85 3.94 9.97
CA THR A 93 -6.48 3.70 10.42
C THR A 93 -5.89 2.47 9.73
N VAL A 94 -4.59 2.16 9.93
CA VAL A 94 -4.02 0.92 9.44
C VAL A 94 -4.98 -0.25 9.69
N GLN A 95 -5.54 -0.40 10.90
CA GLN A 95 -6.41 -1.53 11.17
C GLN A 95 -7.64 -1.60 10.28
N GLU A 96 -8.24 -0.47 9.92
CA GLU A 96 -9.47 -0.40 9.12
C GLU A 96 -9.17 -0.92 7.74
N ALA A 97 -8.04 -0.53 7.14
CA ALA A 97 -7.60 -1.12 5.89
C ALA A 97 -7.68 -2.65 5.92
N ILE A 98 -7.37 -3.28 7.06
CA ILE A 98 -7.31 -4.73 7.22
C ILE A 98 -8.69 -5.24 7.58
N ASP A 99 -9.35 -4.69 8.59
CA ASP A 99 -10.68 -5.04 9.08
C ASP A 99 -11.74 -4.78 8.01
N ALA A 100 -11.37 -4.04 6.96
CA ALA A 100 -12.15 -3.91 5.75
C ALA A 100 -11.75 -5.04 4.80
N PHE A 101 -10.49 -5.10 4.36
CA PHE A 101 -10.01 -6.07 3.37
C PHE A 101 -10.27 -7.52 3.79
N SER A 102 -10.02 -7.84 5.05
CA SER A 102 -10.11 -9.19 5.61
C SER A 102 -11.53 -9.68 5.45
N GLU A 103 -12.50 -8.88 5.89
CA GLU A 103 -13.92 -9.17 5.79
C GLU A 103 -14.45 -8.74 4.43
N GLY A 104 -13.62 -8.94 3.39
CA GLY A 104 -13.91 -8.74 1.99
C GLY A 104 -14.65 -7.44 1.67
N ARG A 105 -14.40 -6.37 2.41
CA ARG A 105 -15.20 -5.15 2.37
C ARG A 105 -14.45 -4.04 1.64
N LEU A 106 -13.70 -4.36 0.60
CA LEU A 106 -12.93 -3.39 -0.15
C LEU A 106 -13.07 -3.70 -1.65
N GLU A 107 -12.56 -2.80 -2.48
CA GLU A 107 -12.76 -2.80 -3.92
C GLU A 107 -11.41 -3.14 -4.56
N GLU A 108 -11.38 -3.97 -5.60
CA GLU A 108 -10.13 -4.37 -6.23
C GLU A 108 -9.70 -3.28 -7.20
N LEU A 109 -8.89 -2.34 -6.71
CA LEU A 109 -8.43 -1.18 -7.44
C LEU A 109 -7.28 -1.57 -8.39
N THR A 110 -7.35 -2.73 -9.02
CA THR A 110 -6.19 -3.28 -9.71
C THR A 110 -6.21 -2.88 -11.20
N THR A 111 -6.68 -1.67 -11.50
CA THR A 111 -7.10 -1.25 -12.85
C THR A 111 -7.77 0.13 -12.72
N PHE A 112 -7.06 1.12 -12.17
CA PHE A 112 -7.57 2.45 -11.86
C PHE A 112 -6.48 3.46 -12.20
N THR A 113 -6.87 4.58 -12.81
CA THR A 113 -6.01 5.72 -13.05
C THR A 113 -6.87 6.97 -12.93
N ARG A 114 -6.63 7.75 -11.88
CA ARG A 114 -7.12 9.12 -11.80
C ARG A 114 -6.08 9.89 -11.01
N GLU A 115 -5.89 11.16 -11.32
CA GLU A 115 -4.78 11.93 -10.76
C GLU A 115 -5.24 13.13 -9.90
N GLY A 116 -6.29 12.97 -9.10
CA GLY A 116 -6.77 14.01 -8.21
C GLY A 116 -7.91 13.51 -7.35
N MET A 1 -3.17 -16.01 0.56
CA MET A 1 -1.99 -16.10 1.45
C MET A 1 -0.83 -15.32 0.83
N ALA A 2 -0.47 -14.20 1.44
CA ALA A 2 0.45 -13.21 0.88
C ALA A 2 0.86 -12.18 1.93
N ARG A 3 1.81 -11.34 1.57
CA ARG A 3 2.01 -10.06 2.24
C ARG A 3 1.15 -9.03 1.56
N VAL A 4 0.69 -8.06 2.32
CA VAL A 4 -0.09 -6.91 1.87
C VAL A 4 0.78 -5.69 2.13
N ALA A 5 0.41 -4.55 1.58
CA ALA A 5 0.94 -3.28 2.01
C ALA A 5 -0.24 -2.39 2.36
N ILE A 6 -0.03 -1.41 3.23
CA ILE A 6 -0.93 -0.32 3.57
C ILE A 6 -0.06 0.96 3.68
N PRO A 7 -0.44 2.07 3.02
CA PRO A 7 0.19 3.37 3.03
C PRO A 7 -0.34 4.14 4.24
N SER A 8 0.45 4.16 5.31
CA SER A 8 0.14 4.84 6.56
C SER A 8 0.80 6.23 6.57
N VAL A 9 0.42 7.03 7.57
CA VAL A 9 1.15 8.22 7.98
C VAL A 9 1.58 8.11 9.45
N GLY A 10 1.98 6.92 9.90
CA GLY A 10 2.71 6.73 11.15
C GLY A 10 3.17 5.29 11.34
N LYS A 11 3.98 5.06 12.38
CA LYS A 11 4.64 3.78 12.63
C LYS A 11 3.80 2.89 13.53
N ASP A 12 2.47 2.87 13.38
CA ASP A 12 1.59 2.16 14.30
C ASP A 12 0.37 1.59 13.58
N LEU A 13 -0.26 0.61 14.22
CA LEU A 13 -1.41 -0.10 13.68
C LEU A 13 -2.70 0.74 13.82
N SER A 14 -2.67 1.81 14.60
CA SER A 14 -3.73 2.80 14.62
C SER A 14 -3.12 4.17 14.25
N SER A 15 -2.17 4.19 13.32
CA SER A 15 -1.86 5.43 12.63
C SER A 15 -2.92 5.59 11.52
N MET A 16 -3.01 6.76 10.88
CA MET A 16 -3.98 6.93 9.80
C MET A 16 -3.46 6.29 8.51
N VAL A 17 -4.36 5.74 7.69
CA VAL A 17 -4.05 5.36 6.30
C VAL A 17 -4.14 6.64 5.45
N SER A 18 -3.50 6.62 4.28
CA SER A 18 -3.22 7.79 3.46
C SER A 18 -3.71 7.58 2.02
N ASP A 19 -4.13 8.63 1.31
CA ASP A 19 -4.86 8.45 0.04
C ASP A 19 -3.94 8.28 -1.17
N ARG A 20 -2.77 7.67 -1.01
CA ARG A 20 -1.76 7.70 -2.06
C ARG A 20 -0.75 6.65 -1.73
N PHE A 21 -0.58 5.70 -2.64
CA PHE A 21 0.54 4.81 -2.55
C PHE A 21 1.86 5.56 -2.58
N ALA A 22 2.23 6.08 -3.75
CA ALA A 22 3.61 6.45 -4.04
C ALA A 22 4.05 7.69 -3.30
N ARG A 23 3.20 8.28 -2.46
CA ARG A 23 3.50 9.38 -1.58
C ARG A 23 2.93 9.09 -0.19
N ALA A 24 3.09 7.87 0.31
CA ALA A 24 2.75 7.65 1.71
C ALA A 24 4.00 7.95 2.54
N GLU A 25 3.99 7.72 3.85
CA GLU A 25 5.16 8.01 4.68
C GLU A 25 5.69 6.78 5.39
N TYR A 26 4.83 5.79 5.64
CA TYR A 26 5.13 4.59 6.36
C TYR A 26 4.36 3.52 5.64
N PHE A 27 4.97 2.35 5.49
CA PHE A 27 4.43 1.26 4.71
C PHE A 27 4.35 0.07 5.66
N ILE A 28 3.15 -0.18 6.16
CA ILE A 28 2.84 -1.29 7.03
C ILE A 28 2.66 -2.48 6.11
N ILE A 29 3.46 -3.52 6.31
CA ILE A 29 3.41 -4.76 5.57
C ILE A 29 2.91 -5.77 6.57
N TYR A 30 1.70 -6.27 6.35
CA TYR A 30 1.09 -7.34 7.13
C TYR A 30 1.28 -8.63 6.35
N ASP A 31 1.91 -9.59 7.01
CA ASP A 31 2.14 -10.95 6.56
C ASP A 31 0.96 -11.82 6.93
N THR A 32 0.20 -12.36 5.97
CA THR A 32 -0.95 -13.21 6.34
C THR A 32 -0.53 -14.61 6.79
N GLU A 33 0.76 -14.90 6.96
CA GLU A 33 1.21 -16.24 7.24
C GLU A 33 1.41 -16.50 8.70
N SER A 34 1.99 -15.52 9.40
CA SER A 34 1.84 -15.53 10.83
C SER A 34 1.38 -14.17 11.31
N GLY A 35 0.51 -13.52 10.54
CA GLY A 35 -0.19 -12.30 10.90
C GLY A 35 0.72 -11.23 11.49
N ASN A 36 1.98 -11.23 11.06
CA ASN A 36 3.04 -10.40 11.60
C ASN A 36 3.09 -9.11 10.79
N VAL A 37 3.70 -8.07 11.33
CA VAL A 37 3.75 -6.77 10.68
C VAL A 37 5.17 -6.25 10.68
N GLU A 38 5.49 -5.37 9.73
CA GLU A 38 6.69 -4.56 9.76
C GLU A 38 6.29 -3.14 9.37
N VAL A 39 7.10 -2.18 9.81
CA VAL A 39 6.95 -0.77 9.47
C VAL A 39 8.15 -0.42 8.61
N VAL A 40 7.93 -0.23 7.33
CA VAL A 40 8.86 0.51 6.49
C VAL A 40 8.58 1.99 6.76
N GLU A 41 9.64 2.79 6.81
CA GLU A 41 9.65 4.24 6.93
C GLU A 41 10.15 4.75 5.58
N ASN A 42 9.32 5.41 4.78
CA ASN A 42 9.61 5.69 3.38
C ASN A 42 9.21 7.12 3.07
N THR A 43 10.18 8.02 2.99
CA THR A 43 9.95 9.44 3.17
C THR A 43 10.09 10.15 1.83
N ILE A 44 9.26 9.77 0.86
CA ILE A 44 9.40 10.21 -0.51
C ILE A 44 8.83 11.62 -0.62
N ALA A 45 9.64 12.54 -1.14
CA ALA A 45 9.36 13.97 -1.09
C ALA A 45 9.71 14.68 -2.40
N ASP A 46 9.46 14.03 -3.54
CA ASP A 46 9.71 14.59 -4.86
C ASP A 46 8.84 13.88 -5.89
N ALA A 47 8.78 14.43 -7.11
CA ALA A 47 8.09 13.84 -8.25
C ALA A 47 9.01 13.92 -9.47
N HIS A 48 10.15 13.23 -9.44
CA HIS A 48 11.04 13.06 -10.60
C HIS A 48 11.91 11.81 -10.46
N GLY A 49 12.61 11.44 -11.53
CA GLY A 49 13.63 10.40 -11.56
C GLY A 49 13.07 8.99 -11.69
N THR A 50 13.83 8.15 -12.37
CA THR A 50 13.55 6.72 -12.56
C THR A 50 13.78 5.97 -11.24
N GLY A 51 13.29 4.74 -11.16
CA GLY A 51 13.45 3.84 -10.03
C GLY A 51 12.20 3.91 -9.15
N PRO A 52 11.51 2.78 -8.87
CA PRO A 52 10.27 2.82 -8.10
C PRO A 52 10.50 3.32 -6.67
N LYS A 53 11.68 3.06 -6.09
CA LYS A 53 12.04 3.26 -4.69
C LYS A 53 11.12 2.46 -3.77
N VAL A 54 9.91 2.97 -3.54
CA VAL A 54 8.88 2.37 -2.71
C VAL A 54 8.63 0.95 -3.18
N VAL A 55 8.16 0.78 -4.42
CA VAL A 55 7.73 -0.49 -4.99
C VAL A 55 8.87 -1.50 -4.87
N GLN A 56 10.09 -1.21 -5.32
CA GLN A 56 11.19 -2.16 -5.20
C GLN A 56 11.35 -2.66 -3.76
N SER A 57 11.32 -1.74 -2.78
CA SER A 57 11.47 -2.10 -1.38
C SER A 57 10.31 -2.91 -0.82
N LEU A 58 9.08 -2.62 -1.20
CA LEU A 58 7.94 -3.34 -0.66
C LEU A 58 7.81 -4.70 -1.33
N VAL A 59 8.07 -4.75 -2.63
CA VAL A 59 8.14 -5.94 -3.45
C VAL A 59 9.20 -6.91 -2.90
N SER A 60 10.28 -6.40 -2.29
CA SER A 60 11.28 -7.19 -1.59
C SER A 60 10.70 -8.00 -0.43
N LYS A 61 9.46 -7.71 0.00
CA LYS A 61 8.78 -8.45 1.06
C LYS A 61 7.57 -9.17 0.50
N GLY A 62 7.67 -9.72 -0.72
CA GLY A 62 6.68 -10.62 -1.30
C GLY A 62 5.25 -10.10 -1.26
N VAL A 63 5.07 -8.78 -1.20
CA VAL A 63 3.77 -8.15 -1.10
C VAL A 63 2.99 -8.50 -2.38
N GLU A 64 1.91 -9.26 -2.26
CA GLU A 64 1.08 -9.71 -3.40
C GLU A 64 -0.32 -9.10 -3.31
N TYR A 65 -0.38 -7.86 -2.88
CA TYR A 65 -1.56 -7.17 -2.43
C TYR A 65 -1.11 -5.75 -2.13
N LEU A 66 -2.06 -4.88 -1.85
CA LEU A 66 -1.84 -3.51 -1.41
C LEU A 66 -3.20 -2.88 -1.15
N ILE A 67 -3.42 -2.24 -0.01
CA ILE A 67 -4.65 -1.53 0.32
C ILE A 67 -4.37 -0.06 0.11
N ALA A 68 -4.88 0.54 -0.97
CA ALA A 68 -4.67 1.95 -1.27
C ALA A 68 -5.89 2.48 -2.03
N SER A 69 -6.58 3.46 -1.44
CA SER A 69 -7.68 4.20 -2.08
C SER A 69 -7.31 4.67 -3.48
N ASN A 70 -6.03 5.00 -3.71
CA ASN A 70 -5.57 5.61 -4.93
C ASN A 70 -4.10 5.23 -5.06
N VAL A 71 -3.40 5.72 -6.06
CA VAL A 71 -1.95 5.66 -6.11
C VAL A 71 -1.45 7.07 -5.79
N GLY A 72 -0.14 7.29 -5.69
CA GLY A 72 0.42 8.63 -5.55
C GLY A 72 1.05 9.03 -6.89
N ARG A 73 0.56 8.45 -7.99
CA ARG A 73 1.13 8.39 -9.33
C ARG A 73 2.38 7.50 -9.34
N ASN A 74 3.14 7.53 -10.44
CA ASN A 74 4.46 6.96 -10.69
C ASN A 74 4.80 5.72 -9.84
N ALA A 75 4.01 4.65 -9.99
CA ALA A 75 4.15 3.41 -9.22
C ALA A 75 3.19 2.30 -9.69
N PHE A 76 1.98 2.64 -10.14
CA PHE A 76 0.93 1.67 -10.48
C PHE A 76 1.41 0.62 -11.47
N GLU A 77 2.23 1.03 -12.42
CA GLU A 77 2.73 0.17 -13.47
C GLU A 77 3.74 -0.82 -12.90
N THR A 78 4.53 -0.41 -11.91
CA THR A 78 5.50 -1.27 -11.25
C THR A 78 4.82 -2.21 -10.23
N LEU A 79 3.56 -1.93 -9.84
CA LEU A 79 2.77 -2.84 -9.01
C LEU A 79 2.40 -4.07 -9.83
N LYS A 80 1.72 -3.87 -10.96
CA LYS A 80 1.40 -4.92 -11.90
C LYS A 80 2.64 -5.61 -12.48
N ALA A 81 3.77 -4.92 -12.59
CA ALA A 81 5.04 -5.55 -12.96
C ALA A 81 5.32 -6.73 -12.03
N ALA A 82 5.29 -6.52 -10.72
CA ALA A 82 5.48 -7.63 -9.78
C ALA A 82 4.15 -8.34 -9.47
N GLY A 83 3.28 -8.46 -10.47
CA GLY A 83 1.93 -9.04 -10.40
C GLY A 83 1.14 -8.74 -9.12
N VAL A 84 1.26 -7.55 -8.54
CA VAL A 84 0.70 -7.26 -7.23
C VAL A 84 -0.75 -6.79 -7.39
N LYS A 85 -1.64 -7.29 -6.52
CA LYS A 85 -3.02 -6.80 -6.46
C LYS A 85 -3.07 -5.48 -5.68
N VAL A 86 -4.15 -4.72 -5.83
CA VAL A 86 -4.37 -3.43 -5.17
C VAL A 86 -5.85 -3.45 -4.79
N TYR A 87 -6.19 -2.96 -3.60
CA TYR A 87 -7.55 -2.77 -3.12
C TYR A 87 -7.79 -1.29 -2.90
N ARG A 88 -9.06 -0.91 -2.97
CA ARG A 88 -9.56 0.39 -2.53
C ARG A 88 -9.63 0.27 -1.01
N PHE A 89 -9.25 1.32 -0.30
CA PHE A 89 -9.69 1.58 1.07
C PHE A 89 -10.40 2.94 1.00
N GLU A 90 -11.22 3.28 1.99
CA GLU A 90 -11.92 4.55 1.98
C GLU A 90 -12.05 5.11 3.40
N GLY A 91 -10.96 5.69 3.88
CA GLY A 91 -10.89 6.31 5.19
C GLY A 91 -10.72 5.24 6.26
N GLY A 92 -9.87 5.52 7.25
CA GLY A 92 -9.55 4.55 8.27
C GLY A 92 -8.13 4.74 8.80
N THR A 93 -7.88 4.10 9.93
CA THR A 93 -6.53 3.88 10.42
C THR A 93 -5.95 2.62 9.79
N VAL A 94 -4.66 2.34 10.00
CA VAL A 94 -4.00 1.15 9.51
C VAL A 94 -4.84 -0.10 9.76
N GLN A 95 -5.49 -0.23 10.93
CA GLN A 95 -6.31 -1.40 11.21
C GLN A 95 -7.54 -1.54 10.31
N GLU A 96 -8.17 -0.45 9.92
CA GLU A 96 -9.40 -0.39 9.15
C GLU A 96 -9.12 -0.92 7.76
N ALA A 97 -7.99 -0.55 7.14
CA ALA A 97 -7.58 -1.14 5.89
C ALA A 97 -7.66 -2.68 5.92
N ILE A 98 -7.29 -3.28 7.05
CA ILE A 98 -7.18 -4.73 7.21
C ILE A 98 -8.54 -5.25 7.59
N ASP A 99 -9.17 -4.72 8.62
CA ASP A 99 -10.46 -5.12 9.17
C ASP A 99 -11.55 -4.97 8.11
N ALA A 100 -11.32 -4.06 7.17
CA ALA A 100 -12.18 -3.93 6.01
C ALA A 100 -11.86 -5.08 5.05
N PHE A 101 -10.62 -5.21 4.56
CA PHE A 101 -10.23 -6.25 3.60
C PHE A 101 -10.54 -7.66 4.08
N SER A 102 -10.13 -7.97 5.30
CA SER A 102 -10.13 -9.30 5.89
C SER A 102 -11.55 -9.82 6.08
N GLU A 103 -12.51 -8.89 6.22
CA GLU A 103 -13.94 -9.17 6.32
C GLU A 103 -14.61 -8.61 5.05
N GLY A 104 -13.92 -8.73 3.92
CA GLY A 104 -14.37 -8.51 2.57
C GLY A 104 -14.99 -7.14 2.27
N ARG A 105 -14.99 -6.16 3.18
CA ARG A 105 -15.59 -4.85 2.97
C ARG A 105 -14.66 -3.94 2.15
N LEU A 106 -13.94 -4.44 1.16
CA LEU A 106 -13.16 -3.62 0.27
C LEU A 106 -13.23 -4.21 -1.15
N GLU A 107 -12.68 -3.48 -2.11
CA GLU A 107 -12.85 -3.67 -3.54
C GLU A 107 -11.45 -3.76 -4.17
N GLU A 108 -11.24 -4.50 -5.25
CA GLU A 108 -9.92 -4.69 -5.85
C GLU A 108 -9.70 -3.56 -6.87
N LEU A 109 -8.98 -2.51 -6.48
CA LEU A 109 -8.69 -1.35 -7.30
C LEU A 109 -7.51 -1.63 -8.24
N THR A 110 -7.60 -2.65 -9.08
CA THR A 110 -6.48 -3.01 -9.95
C THR A 110 -6.57 -2.26 -11.28
N THR A 111 -7.04 -1.02 -11.26
CA THR A 111 -7.25 -0.11 -12.38
C THR A 111 -7.40 1.30 -11.80
N PHE A 112 -6.99 2.31 -12.56
CA PHE A 112 -7.21 3.72 -12.30
C PHE A 112 -7.81 4.37 -13.52
N THR A 113 -8.65 5.37 -13.32
CA THR A 113 -9.36 6.07 -14.37
C THR A 113 -9.58 7.54 -13.96
N ARG A 114 -8.48 8.27 -13.82
CA ARG A 114 -8.50 9.68 -13.48
C ARG A 114 -7.43 10.39 -14.27
N GLU A 115 -7.87 10.97 -15.38
CA GLU A 115 -7.04 11.81 -16.20
C GLU A 115 -7.06 13.24 -15.64
N GLY A 116 -6.34 13.46 -14.54
CA GLY A 116 -6.32 14.73 -13.82
C GLY A 116 -5.14 14.76 -12.87
N MET A 1 -3.98 -15.72 1.67
CA MET A 1 -2.56 -15.64 2.08
C MET A 1 -1.74 -14.90 1.02
N ALA A 2 -1.38 -13.64 1.24
CA ALA A 2 -0.18 -13.02 0.68
C ALA A 2 0.20 -11.81 1.52
N ARG A 3 1.40 -11.29 1.32
CA ARG A 3 1.84 -10.12 2.06
C ARG A 3 1.18 -8.93 1.41
N VAL A 4 0.67 -8.04 2.23
CA VAL A 4 -0.03 -6.84 1.81
C VAL A 4 0.84 -5.68 2.28
N ALA A 5 0.71 -4.49 1.70
CA ALA A 5 1.30 -3.29 2.28
C ALA A 5 0.19 -2.27 2.42
N ILE A 6 0.25 -1.46 3.47
CA ILE A 6 -0.73 -0.43 3.73
C ILE A 6 0.04 0.89 3.93
N PRO A 7 -0.21 1.90 3.08
CA PRO A 7 0.38 3.22 3.15
C PRO A 7 -0.19 3.91 4.39
N SER A 8 0.59 3.99 5.46
CA SER A 8 0.30 4.73 6.67
C SER A 8 0.99 6.10 6.55
N VAL A 9 0.73 6.99 7.51
CA VAL A 9 1.51 8.20 7.76
C VAL A 9 2.01 8.18 9.23
N GLY A 10 2.39 7.00 9.74
CA GLY A 10 3.06 6.88 11.01
C GLY A 10 3.32 5.41 11.37
N LYS A 11 4.02 5.21 12.49
CA LYS A 11 4.65 3.95 12.87
C LYS A 11 3.74 3.16 13.82
N ASP A 12 2.44 3.18 13.59
CA ASP A 12 1.46 2.54 14.46
C ASP A 12 0.44 1.83 13.59
N LEU A 13 -0.14 0.78 14.15
CA LEU A 13 -1.23 -0.01 13.59
C LEU A 13 -2.58 0.71 13.79
N SER A 14 -2.56 1.88 14.42
CA SER A 14 -3.68 2.79 14.44
C SER A 14 -3.19 4.20 14.13
N SER A 15 -2.22 4.34 13.24
CA SER A 15 -2.07 5.61 12.54
C SER A 15 -3.05 5.66 11.36
N MET A 16 -3.17 6.80 10.68
CA MET A 16 -4.10 6.92 9.57
C MET A 16 -3.49 6.25 8.34
N VAL A 17 -4.33 5.53 7.59
CA VAL A 17 -4.01 5.10 6.23
C VAL A 17 -4.01 6.36 5.37
N SER A 18 -3.25 6.31 4.29
CA SER A 18 -2.95 7.46 3.46
C SER A 18 -3.47 7.24 2.05
N ASP A 19 -3.76 8.33 1.33
CA ASP A 19 -4.57 8.23 0.11
C ASP A 19 -3.70 8.32 -1.13
N ARG A 20 -2.49 7.77 -1.08
CA ARG A 20 -1.57 7.91 -2.21
C ARG A 20 -0.50 6.85 -2.07
N PHE A 21 -0.53 5.80 -2.89
CA PHE A 21 0.50 4.79 -2.81
C PHE A 21 1.94 5.34 -2.90
N ALA A 22 2.32 6.08 -3.96
CA ALA A 22 3.71 6.50 -4.10
C ALA A 22 4.07 7.67 -3.17
N ARG A 23 3.08 8.22 -2.46
CA ARG A 23 3.24 9.36 -1.61
C ARG A 23 2.76 9.03 -0.20
N ALA A 24 3.06 7.82 0.25
CA ALA A 24 2.75 7.47 1.61
C ALA A 24 4.01 7.76 2.43
N GLU A 25 3.98 7.54 3.75
CA GLU A 25 5.18 7.74 4.56
C GLU A 25 5.65 6.50 5.30
N TYR A 26 4.80 5.51 5.45
CA TYR A 26 5.13 4.28 6.10
C TYR A 26 4.33 3.20 5.37
N PHE A 27 4.82 1.97 5.44
CA PHE A 27 4.18 0.83 4.83
C PHE A 27 4.15 -0.26 5.86
N ILE A 28 2.96 -0.49 6.38
CA ILE A 28 2.70 -1.55 7.31
C ILE A 28 2.56 -2.79 6.44
N ILE A 29 3.42 -3.78 6.65
CA ILE A 29 3.47 -5.00 5.85
C ILE A 29 3.00 -6.11 6.76
N TYR A 30 1.80 -6.62 6.48
CA TYR A 30 1.15 -7.66 7.25
C TYR A 30 1.40 -8.99 6.51
N ASP A 31 2.24 -9.83 7.09
CA ASP A 31 2.52 -11.19 6.65
C ASP A 31 1.38 -12.13 7.09
N THR A 32 0.48 -12.51 6.19
CA THR A 32 -0.72 -13.31 6.50
C THR A 32 -0.48 -14.75 6.91
N GLU A 33 0.76 -15.10 7.27
CA GLU A 33 1.19 -16.46 7.39
C GLU A 33 1.67 -16.79 8.78
N SER A 34 2.00 -15.76 9.55
CA SER A 34 2.02 -15.88 10.98
C SER A 34 1.75 -14.52 11.63
N GLY A 35 0.83 -13.75 11.04
CA GLY A 35 0.27 -12.49 11.50
C GLY A 35 1.27 -11.43 11.94
N ASN A 36 2.55 -11.57 11.59
CA ASN A 36 3.59 -10.61 11.96
C ASN A 36 3.48 -9.38 11.07
N VAL A 37 3.76 -8.19 11.61
CA VAL A 37 3.65 -6.92 10.91
C VAL A 37 4.96 -6.16 11.05
N GLU A 38 5.39 -5.55 9.95
CA GLU A 38 6.59 -4.73 9.83
C GLU A 38 6.16 -3.30 9.54
N VAL A 39 6.95 -2.32 10.00
CA VAL A 39 6.90 -0.94 9.52
C VAL A 39 8.09 -0.78 8.60
N VAL A 40 7.81 -0.62 7.32
CA VAL A 40 8.70 0.10 6.43
C VAL A 40 8.42 1.57 6.71
N GLU A 41 9.47 2.34 6.96
CA GLU A 41 9.46 3.79 6.85
C GLU A 41 9.75 4.07 5.38
N ASN A 42 9.10 5.08 4.79
CA ASN A 42 9.37 5.52 3.44
C ASN A 42 9.22 7.04 3.44
N THR A 43 10.32 7.78 3.50
CA THR A 43 10.29 9.23 3.65
C THR A 43 9.99 9.97 2.33
N ILE A 44 8.87 9.67 1.64
CA ILE A 44 8.64 10.07 0.25
C ILE A 44 8.03 11.48 0.25
N ALA A 45 8.32 12.26 -0.79
CA ALA A 45 7.85 13.64 -0.97
C ALA A 45 7.06 13.78 -2.27
N ASP A 46 6.23 14.82 -2.38
CA ASP A 46 5.26 15.04 -3.47
C ASP A 46 5.94 15.77 -4.65
N ALA A 47 7.20 15.41 -4.93
CA ALA A 47 8.08 16.10 -5.87
C ALA A 47 8.40 15.17 -7.05
N HIS A 48 9.14 15.68 -8.04
CA HIS A 48 9.71 14.83 -9.10
C HIS A 48 10.74 13.87 -8.49
N GLY A 49 11.18 12.86 -9.23
CA GLY A 49 12.16 11.90 -8.74
C GLY A 49 12.16 10.62 -9.56
N THR A 50 13.20 9.82 -9.36
CA THR A 50 13.51 8.64 -10.15
C THR A 50 12.95 7.36 -9.51
N GLY A 51 12.73 6.36 -10.36
CA GLY A 51 12.44 4.98 -9.98
C GLY A 51 11.15 4.81 -9.20
N PRO A 52 10.83 3.56 -8.82
CA PRO A 52 9.80 3.32 -7.86
C PRO A 52 10.30 3.64 -6.47
N LYS A 53 11.45 3.07 -6.07
CA LYS A 53 12.02 3.10 -4.72
C LYS A 53 11.12 2.38 -3.73
N VAL A 54 9.91 2.90 -3.49
CA VAL A 54 8.91 2.34 -2.59
C VAL A 54 8.58 0.92 -3.06
N VAL A 55 8.01 0.79 -4.25
CA VAL A 55 7.65 -0.48 -4.91
C VAL A 55 8.87 -1.37 -4.95
N GLN A 56 10.04 -0.91 -5.41
CA GLN A 56 11.29 -1.67 -5.38
C GLN A 56 11.53 -2.33 -4.00
N SER A 57 11.20 -1.64 -2.90
CA SER A 57 11.32 -2.17 -1.55
C SER A 57 10.22 -3.17 -1.27
N LEU A 58 8.95 -2.76 -1.36
CA LEU A 58 7.79 -3.54 -0.94
C LEU A 58 7.75 -4.88 -1.68
N VAL A 59 7.99 -4.85 -2.99
CA VAL A 59 8.16 -6.00 -3.86
C VAL A 59 9.25 -6.93 -3.30
N SER A 60 10.38 -6.38 -2.87
CA SER A 60 11.45 -7.11 -2.20
C SER A 60 11.16 -7.44 -0.74
N LYS A 61 9.96 -7.20 -0.22
CA LYS A 61 9.41 -7.91 0.95
C LYS A 61 8.12 -8.62 0.52
N GLY A 62 8.11 -9.18 -0.68
CA GLY A 62 7.11 -10.10 -1.19
C GLY A 62 5.67 -9.60 -1.22
N VAL A 63 5.43 -8.29 -1.13
CA VAL A 63 4.13 -7.65 -1.03
C VAL A 63 3.29 -7.94 -2.29
N GLU A 64 2.53 -9.03 -2.29
CA GLU A 64 1.71 -9.48 -3.42
C GLU A 64 0.28 -8.91 -3.33
N TYR A 65 0.15 -7.68 -2.85
CA TYR A 65 -1.11 -7.07 -2.51
C TYR A 65 -0.80 -5.68 -1.95
N LEU A 66 -1.79 -4.81 -1.82
CA LEU A 66 -1.65 -3.46 -1.30
C LEU A 66 -3.04 -2.94 -1.00
N ILE A 67 -3.21 -2.06 -0.02
CA ILE A 67 -4.47 -1.39 0.30
C ILE A 67 -4.20 0.11 0.15
N ALA A 68 -4.65 0.75 -0.93
CA ALA A 68 -4.38 2.15 -1.20
C ALA A 68 -5.56 2.72 -1.96
N SER A 69 -6.21 3.75 -1.41
CA SER A 69 -7.41 4.34 -2.02
C SER A 69 -7.16 4.76 -3.46
N ASN A 70 -5.94 5.23 -3.74
CA ASN A 70 -5.53 5.69 -5.03
C ASN A 70 -4.01 5.65 -5.02
N VAL A 71 -3.41 5.84 -6.18
CA VAL A 71 -1.97 5.77 -6.33
C VAL A 71 -1.48 7.21 -6.27
N GLY A 72 -0.29 7.41 -5.72
CA GLY A 72 0.36 8.71 -5.64
C GLY A 72 1.06 9.04 -6.97
N ARG A 73 0.50 8.59 -8.10
CA ARG A 73 1.14 8.50 -9.41
C ARG A 73 2.34 7.56 -9.31
N ASN A 74 3.26 7.63 -10.28
CA ASN A 74 4.55 6.95 -10.37
C ASN A 74 4.58 5.64 -9.59
N ALA A 75 3.85 4.62 -10.05
CA ALA A 75 3.77 3.31 -9.40
C ALA A 75 2.91 2.26 -10.09
N PHE A 76 1.86 2.60 -10.85
CA PHE A 76 0.79 1.64 -11.12
C PHE A 76 1.26 0.54 -12.05
N GLU A 77 2.11 0.89 -13.00
CA GLU A 77 2.71 -0.05 -13.92
C GLU A 77 3.71 -0.94 -13.16
N THR A 78 4.35 -0.40 -12.13
CA THR A 78 5.35 -1.08 -11.33
C THR A 78 4.67 -2.01 -10.32
N LEU A 79 3.35 -1.85 -10.11
CA LEU A 79 2.54 -2.67 -9.22
C LEU A 79 2.17 -3.96 -9.92
N LYS A 80 1.42 -3.87 -11.02
CA LYS A 80 1.04 -5.04 -11.80
C LYS A 80 2.25 -5.80 -12.32
N ALA A 81 3.34 -5.11 -12.67
CA ALA A 81 4.59 -5.73 -13.03
C ALA A 81 5.18 -6.60 -11.91
N ALA A 82 4.73 -6.47 -10.65
CA ALA A 82 5.11 -7.34 -9.56
C ALA A 82 3.88 -8.03 -8.95
N GLY A 83 2.92 -8.38 -9.80
CA GLY A 83 1.65 -9.02 -9.49
C GLY A 83 0.90 -8.49 -8.28
N VAL A 84 1.02 -7.19 -7.96
CA VAL A 84 0.50 -6.64 -6.72
C VAL A 84 -0.98 -6.36 -6.84
N LYS A 85 -1.83 -7.11 -6.11
CA LYS A 85 -3.26 -6.86 -6.14
C LYS A 85 -3.59 -5.65 -5.27
N VAL A 86 -3.81 -4.51 -5.88
CA VAL A 86 -4.06 -3.25 -5.21
C VAL A 86 -5.55 -3.22 -4.87
N TYR A 87 -5.89 -3.01 -3.60
CA TYR A 87 -7.22 -2.75 -3.10
C TYR A 87 -7.42 -1.25 -2.95
N ARG A 88 -8.69 -0.85 -2.96
CA ARG A 88 -9.19 0.45 -2.57
C ARG A 88 -9.23 0.43 -1.05
N PHE A 89 -9.14 1.59 -0.42
CA PHE A 89 -9.70 1.89 0.89
C PHE A 89 -10.33 3.30 0.76
N GLU A 90 -11.13 3.75 1.72
CA GLU A 90 -11.89 5.01 1.65
C GLU A 90 -11.96 5.73 3.02
N GLY A 91 -10.87 5.73 3.82
CA GLY A 91 -10.73 6.55 5.02
C GLY A 91 -10.91 5.74 6.32
N GLY A 92 -9.83 5.59 7.10
CA GLY A 92 -9.65 4.59 8.15
C GLY A 92 -8.24 4.70 8.73
N THR A 93 -7.98 4.08 9.88
CA THR A 93 -6.62 3.88 10.38
C THR A 93 -6.07 2.58 9.82
N VAL A 94 -4.77 2.31 10.00
CA VAL A 94 -4.10 1.13 9.47
C VAL A 94 -4.97 -0.11 9.69
N GLN A 95 -5.52 -0.31 10.89
CA GLN A 95 -6.33 -1.48 11.16
C GLN A 95 -7.61 -1.59 10.34
N GLU A 96 -8.25 -0.49 9.92
CA GLU A 96 -9.45 -0.50 9.11
C GLU A 96 -9.12 -0.96 7.71
N ALA A 97 -8.00 -0.55 7.13
CA ALA A 97 -7.57 -1.06 5.84
C ALA A 97 -7.55 -2.60 5.81
N ILE A 98 -7.34 -3.24 6.96
CA ILE A 98 -7.22 -4.70 7.11
C ILE A 98 -8.58 -5.21 7.44
N ASP A 99 -9.20 -4.71 8.50
CA ASP A 99 -10.50 -5.16 8.98
C ASP A 99 -11.48 -5.11 7.84
N ALA A 100 -11.40 -4.04 7.05
CA ALA A 100 -12.35 -3.84 5.96
C ALA A 100 -12.12 -4.91 4.88
N PHE A 101 -10.87 -5.09 4.43
CA PHE A 101 -10.44 -6.16 3.52
C PHE A 101 -10.84 -7.55 4.05
N SER A 102 -10.65 -7.75 5.35
CA SER A 102 -10.78 -9.03 6.03
C SER A 102 -12.24 -9.48 6.04
N GLU A 103 -13.17 -8.52 6.16
CA GLU A 103 -14.60 -8.76 6.09
C GLU A 103 -15.11 -8.30 4.73
N GLY A 104 -14.30 -8.49 3.69
CA GLY A 104 -14.61 -8.29 2.29
C GLY A 104 -15.30 -6.97 1.95
N ARG A 105 -15.20 -5.94 2.79
CA ARG A 105 -15.74 -4.60 2.54
C ARG A 105 -14.67 -3.72 1.91
N LEU A 106 -13.83 -4.24 1.02
CA LEU A 106 -13.00 -3.41 0.18
C LEU A 106 -12.96 -4.01 -1.22
N GLU A 107 -12.41 -3.23 -2.14
CA GLU A 107 -12.57 -3.44 -3.55
C GLU A 107 -11.22 -3.62 -4.18
N GLU A 108 -11.15 -4.50 -5.17
CA GLU A 108 -9.92 -4.74 -5.88
C GLU A 108 -9.77 -3.61 -6.89
N LEU A 109 -8.93 -2.65 -6.55
CA LEU A 109 -8.53 -1.55 -7.42
C LEU A 109 -7.45 -2.05 -8.39
N THR A 110 -7.73 -3.16 -9.06
CA THR A 110 -6.92 -3.73 -10.14
C THR A 110 -7.18 -2.97 -11.46
N THR A 111 -7.35 -1.65 -11.37
CA THR A 111 -7.71 -0.75 -12.45
C THR A 111 -7.83 0.66 -11.87
N PHE A 112 -7.13 1.61 -12.48
CA PHE A 112 -7.40 3.03 -12.36
C PHE A 112 -8.07 3.47 -13.65
N THR A 113 -9.21 4.13 -13.54
CA THR A 113 -9.95 4.77 -14.63
C THR A 113 -9.32 6.15 -14.97
N ARG A 114 -8.00 6.18 -15.10
CA ARG A 114 -7.25 7.36 -15.51
C ARG A 114 -6.82 7.13 -16.95
N GLU A 115 -7.60 7.61 -17.91
CA GLU A 115 -7.34 7.45 -19.33
C GLU A 115 -6.33 8.49 -19.86
N GLY A 116 -5.23 8.69 -19.12
CA GLY A 116 -4.16 9.63 -19.46
C GLY A 116 -4.53 11.03 -19.07
#